data_2L6Y
#
_entry.id   2L6Y
#
loop_
_entity.id
_entity.type
_entity.pdbx_description
1 polymer 'Erythroid transcription factor'
2 polymer 'LIM domain only 2, linker, LIM domain-binding protein 1'
3 non-polymer 'ZINC ION'
#
loop_
_entity_poly.entity_id
_entity_poly.type
_entity_poly.pdbx_seq_one_letter_code
_entity_poly.pdbx_strand_id
1 'polypeptide(L)' EARECVNCGATATPLWRRDRTGHYLCNACGLYHKMNGQN A
2 'polypeptide(L)'
;YLRLFGQDGLCASCDKRIRAYEMTMRVKDKVYHLECFKCAACQKHFSVGDRYLLINSDIVCEQDIYEWTKINGGSGGSGG
SGGDVMVVGEPTLMGG
;
B
#
# COMPACT_ATOMS: atom_id res chain seq x y z
N GLU A 1 -4.15 -2.83 9.83
CA GLU A 1 -4.44 -1.39 9.60
C GLU A 1 -3.24 -0.71 8.96
N ALA A 2 -3.39 0.59 8.71
CA ALA A 2 -2.32 1.38 8.13
C ALA A 2 -1.94 2.49 9.11
N ARG A 3 -1.39 3.58 8.61
CA ARG A 3 -1.00 4.70 9.45
C ARG A 3 -2.26 5.40 9.96
N GLU A 4 -2.13 6.18 11.03
CA GLU A 4 -3.28 6.86 11.60
C GLU A 4 -3.15 8.37 11.49
N CYS A 5 -4.31 9.03 11.45
CA CYS A 5 -4.39 10.49 11.37
C CYS A 5 -3.77 11.09 12.63
N VAL A 6 -3.10 12.22 12.47
CA VAL A 6 -2.47 12.88 13.60
C VAL A 6 -3.51 13.60 14.46
N ASN A 7 -4.75 13.60 14.00
CA ASN A 7 -5.83 14.25 14.73
C ASN A 7 -6.91 13.27 15.15
N CYS A 8 -7.33 12.37 14.25
CA CYS A 8 -8.36 11.41 14.60
C CYS A 8 -7.81 9.97 14.56
N GLY A 9 -7.66 9.42 13.38
CA GLY A 9 -7.15 8.07 13.25
C GLY A 9 -8.02 7.20 12.38
N ALA A 10 -8.61 7.80 11.35
CA ALA A 10 -9.49 7.08 10.44
C ALA A 10 -8.70 6.15 9.52
N THR A 11 -8.47 4.92 9.97
CA THR A 11 -7.74 3.93 9.19
C THR A 11 -8.58 3.47 7.99
N ALA A 12 -9.88 3.68 8.07
CA ALA A 12 -10.80 3.30 7.01
C ALA A 12 -10.95 4.39 5.96
N THR A 13 -10.11 5.41 6.05
CA THR A 13 -10.14 6.52 5.11
C THR A 13 -9.84 6.03 3.68
N PRO A 14 -10.52 6.60 2.68
CA PRO A 14 -10.33 6.23 1.27
C PRO A 14 -8.94 6.58 0.75
N LEU A 15 -8.36 7.64 1.31
CA LEU A 15 -7.04 8.09 0.90
C LEU A 15 -6.38 8.84 2.05
N TRP A 16 -5.05 8.78 2.10
CA TRP A 16 -4.29 9.45 3.15
C TRP A 16 -3.63 10.71 2.61
N ARG A 17 -3.79 11.79 3.33
CA ARG A 17 -3.19 13.05 2.93
C ARG A 17 -1.83 13.20 3.59
N ARG A 18 -0.79 13.01 2.79
CA ARG A 18 0.57 13.11 3.27
C ARG A 18 1.31 14.25 2.58
N ASP A 19 1.88 15.14 3.38
CA ASP A 19 2.62 16.27 2.85
C ASP A 19 4.11 15.91 2.78
N ARG A 20 4.97 16.92 2.64
CA ARG A 20 6.40 16.68 2.56
C ARG A 20 7.01 16.34 3.92
N THR A 21 6.44 16.87 4.99
CA THR A 21 6.97 16.59 6.33
C THR A 21 6.52 15.22 6.82
N GLY A 22 5.36 14.77 6.34
CA GLY A 22 4.87 13.47 6.72
C GLY A 22 3.73 13.56 7.70
N HIS A 23 2.98 14.65 7.64
CA HIS A 23 1.84 14.85 8.52
C HIS A 23 0.64 14.07 7.99
N TYR A 24 0.50 12.84 8.47
CA TYR A 24 -0.61 11.99 8.04
C TYR A 24 -1.95 12.51 8.53
N LEU A 25 -2.81 12.83 7.58
CA LEU A 25 -4.13 13.32 7.87
C LEU A 25 -5.16 12.60 7.01
N CYS A 26 -6.29 12.26 7.61
CA CYS A 26 -7.36 11.56 6.90
C CYS A 26 -7.82 12.36 5.68
N ASN A 27 -8.56 13.42 5.96
CA ASN A 27 -9.09 14.33 4.96
C ASN A 27 -9.87 15.42 5.67
N ALA A 28 -10.62 15.00 6.67
CA ALA A 28 -11.41 15.92 7.47
C ALA A 28 -10.49 16.84 8.26
N CYS A 29 -9.58 16.24 9.03
CA CYS A 29 -8.62 17.02 9.80
C CYS A 29 -7.52 17.55 8.87
N GLY A 30 -7.44 16.96 7.69
CA GLY A 30 -6.44 17.37 6.71
C GLY A 30 -6.71 18.75 6.16
N LEU A 31 -7.97 19.04 5.89
CA LEU A 31 -8.37 20.33 5.35
C LEU A 31 -8.19 21.44 6.38
N TYR A 32 -8.04 21.05 7.64
CA TYR A 32 -7.84 22.00 8.73
C TYR A 32 -6.52 22.73 8.54
N HIS A 33 -5.54 22.02 8.01
CA HIS A 33 -4.21 22.58 7.76
C HIS A 33 -4.24 23.53 6.56
N LYS A 34 -5.21 23.32 5.68
CA LYS A 34 -5.32 24.14 4.48
C LYS A 34 -6.22 25.35 4.68
N MET A 35 -7.45 25.13 5.12
CA MET A 35 -8.41 26.22 5.31
C MET A 35 -8.01 27.12 6.47
N ASN A 36 -7.94 26.56 7.66
CA ASN A 36 -7.60 27.32 8.86
C ASN A 36 -6.19 27.89 8.76
N GLY A 37 -5.27 27.10 8.23
CA GLY A 37 -3.91 27.54 8.08
C GLY A 37 -3.02 27.02 9.19
N GLN A 38 -3.64 26.31 10.13
CA GLN A 38 -2.93 25.75 11.26
C GLN A 38 -2.21 24.46 10.86
N ASN A 39 -1.39 23.94 11.75
CA ASN A 39 -0.65 22.72 11.45
C ASN A 39 -1.38 21.50 12.00
N TYR B 1 -11.05 -1.22 -31.39
CA TYR B 1 -10.35 -0.16 -32.15
C TYR B 1 -9.00 0.16 -31.50
N LEU B 2 -9.05 0.70 -30.28
CA LEU B 2 -7.84 1.06 -29.57
C LEU B 2 -7.68 0.17 -28.33
N ARG B 3 -6.45 -0.27 -28.08
CA ARG B 3 -6.19 -1.13 -26.94
C ARG B 3 -4.89 -0.70 -26.25
N LEU B 4 -5.03 -0.02 -25.12
CA LEU B 4 -3.87 0.43 -24.37
C LEU B 4 -3.55 -0.53 -23.23
N PHE B 5 -2.41 -1.19 -23.33
CA PHE B 5 -1.98 -2.13 -22.32
C PHE B 5 -0.47 -2.09 -22.17
N GLY B 6 0.01 -1.93 -20.94
CA GLY B 6 1.44 -1.87 -20.71
C GLY B 6 1.84 -2.52 -19.40
N GLN B 7 0.99 -3.40 -18.91
CA GLN B 7 1.26 -4.10 -17.67
C GLN B 7 1.97 -5.42 -17.95
N ASP B 8 2.29 -6.16 -16.89
CA ASP B 8 2.98 -7.45 -17.02
C ASP B 8 2.23 -8.40 -17.95
N GLY B 9 1.00 -8.73 -17.59
CA GLY B 9 0.20 -9.62 -18.40
C GLY B 9 -0.63 -10.58 -17.57
N LEU B 10 0.00 -11.23 -16.60
CA LEU B 10 -0.70 -12.18 -15.75
C LEU B 10 -0.40 -11.89 -14.28
N CYS B 11 -1.30 -12.33 -13.40
CA CYS B 11 -1.15 -12.14 -11.96
C CYS B 11 -0.06 -13.03 -11.40
N ALA B 12 0.15 -12.91 -10.10
CA ALA B 12 1.12 -13.70 -9.39
C ALA B 12 0.47 -14.28 -8.13
N SER B 13 -0.78 -13.90 -7.93
CA SER B 13 -1.55 -14.37 -6.79
C SER B 13 -2.70 -15.25 -7.26
N CYS B 14 -3.32 -14.85 -8.36
CA CYS B 14 -4.42 -15.61 -8.92
C CYS B 14 -4.06 -16.09 -10.33
N ASP B 15 -5.05 -16.45 -11.12
CA ASP B 15 -4.79 -16.94 -12.48
C ASP B 15 -5.44 -16.03 -13.50
N LYS B 16 -5.95 -14.90 -13.03
CA LYS B 16 -6.61 -13.95 -13.91
C LYS B 16 -5.59 -13.08 -14.60
N ARG B 17 -5.78 -12.85 -15.89
CA ARG B 17 -4.87 -12.01 -16.65
C ARG B 17 -5.07 -10.55 -16.26
N ILE B 18 -4.10 -9.73 -16.59
CA ILE B 18 -4.17 -8.32 -16.26
C ILE B 18 -4.82 -7.55 -17.40
N ARG B 19 -5.77 -6.71 -17.06
CA ARG B 19 -6.48 -5.88 -18.03
C ARG B 19 -6.50 -4.46 -17.51
N ALA B 20 -7.31 -3.60 -18.13
CA ALA B 20 -7.43 -2.22 -17.68
C ALA B 20 -8.36 -2.14 -16.48
N TYR B 21 -8.07 -2.96 -15.48
CA TYR B 21 -8.86 -3.05 -14.26
C TYR B 21 -8.01 -3.72 -13.16
N GLU B 22 -6.82 -3.17 -12.94
CA GLU B 22 -5.93 -3.69 -11.91
C GLU B 22 -5.95 -2.77 -10.71
N MET B 23 -5.78 -1.48 -10.97
CA MET B 23 -5.79 -0.44 -9.93
C MET B 23 -4.85 -0.80 -8.78
N THR B 24 -3.68 -1.32 -9.13
CA THR B 24 -2.70 -1.71 -8.15
C THR B 24 -1.55 -0.71 -8.12
N MET B 25 -0.61 -0.89 -7.20
CA MET B 25 0.53 0.01 -7.08
C MET B 25 1.73 -0.60 -7.78
N ARG B 26 2.73 0.24 -8.05
CA ARG B 26 3.94 -0.22 -8.73
C ARG B 26 4.77 -1.11 -7.80
N VAL B 27 4.73 -2.41 -8.06
CA VAL B 27 5.49 -3.36 -7.27
C VAL B 27 6.84 -3.61 -7.92
N LYS B 28 7.51 -4.68 -7.54
CA LYS B 28 8.82 -5.02 -8.10
C LYS B 28 8.71 -5.23 -9.60
N ASP B 29 8.06 -6.32 -10.00
CA ASP B 29 7.88 -6.64 -11.41
C ASP B 29 6.46 -7.12 -11.66
N LYS B 30 6.04 -8.12 -10.89
CA LYS B 30 4.70 -8.67 -11.00
C LYS B 30 3.67 -7.75 -10.37
N VAL B 31 2.77 -7.25 -11.20
CA VAL B 31 1.71 -6.37 -10.73
C VAL B 31 0.45 -7.18 -10.44
N TYR B 32 0.03 -7.17 -9.20
CA TYR B 32 -1.13 -7.93 -8.78
C TYR B 32 -2.43 -7.18 -9.10
N HIS B 33 -3.53 -7.73 -8.61
CA HIS B 33 -4.84 -7.14 -8.81
C HIS B 33 -5.22 -6.36 -7.55
N LEU B 34 -6.27 -5.54 -7.63
CA LEU B 34 -6.71 -4.76 -6.48
C LEU B 34 -7.17 -5.67 -5.34
N GLU B 35 -7.76 -6.80 -5.70
CA GLU B 35 -8.24 -7.75 -4.70
C GLU B 35 -7.13 -8.74 -4.34
N CYS B 36 -6.12 -8.81 -5.19
CA CYS B 36 -5.00 -9.72 -4.96
C CYS B 36 -3.91 -9.04 -4.13
N PHE B 37 -4.08 -7.76 -3.87
CA PHE B 37 -3.12 -7.02 -3.08
C PHE B 37 -3.65 -6.91 -1.64
N LYS B 38 -3.34 -7.91 -0.83
CA LYS B 38 -3.79 -7.94 0.55
C LYS B 38 -2.68 -8.45 1.47
N CYS B 39 -2.74 -8.06 2.74
CA CYS B 39 -1.75 -8.48 3.71
C CYS B 39 -1.89 -9.99 3.98
N ALA B 40 -0.83 -10.59 4.46
CA ALA B 40 -0.82 -12.00 4.75
C ALA B 40 -1.07 -12.25 6.23
N ALA B 41 -1.13 -11.18 7.01
CA ALA B 41 -1.35 -11.31 8.44
C ALA B 41 -2.66 -10.67 8.88
N CYS B 42 -2.83 -9.38 8.62
CA CYS B 42 -4.05 -8.70 9.03
C CYS B 42 -5.06 -8.61 7.88
N GLN B 43 -4.59 -8.82 6.65
CA GLN B 43 -5.45 -8.79 5.46
C GLN B 43 -6.19 -7.45 5.32
N LYS B 44 -5.55 -6.37 5.73
CA LYS B 44 -6.18 -5.05 5.64
C LYS B 44 -5.79 -4.36 4.34
N HIS B 45 -6.34 -3.17 4.12
CA HIS B 45 -6.06 -2.41 2.91
C HIS B 45 -4.74 -1.64 3.06
N PHE B 46 -3.97 -1.60 1.99
CA PHE B 46 -2.68 -0.91 2.00
C PHE B 46 -2.88 0.60 1.85
N SER B 47 -1.80 1.34 2.06
CA SER B 47 -1.83 2.79 1.97
C SER B 47 -0.70 3.29 1.08
N VAL B 48 -0.99 4.26 0.23
CA VAL B 48 0.01 4.82 -0.66
C VAL B 48 0.86 5.86 0.07
N GLY B 49 2.15 5.57 0.18
CA GLY B 49 3.04 6.47 0.88
C GLY B 49 3.74 5.78 2.03
N ASP B 50 3.14 4.70 2.49
CA ASP B 50 3.69 3.92 3.59
C ASP B 50 4.60 2.82 3.03
N ARG B 51 5.16 2.02 3.92
CA ARG B 51 6.06 0.95 3.51
C ARG B 51 5.34 -0.40 3.55
N TYR B 52 5.94 -1.40 2.91
CA TYR B 52 5.38 -2.74 2.87
C TYR B 52 6.47 -3.77 2.61
N LEU B 53 6.15 -5.03 2.83
CA LEU B 53 7.10 -6.11 2.61
C LEU B 53 6.52 -7.15 1.66
N LEU B 54 7.28 -7.47 0.63
CA LEU B 54 6.84 -8.46 -0.35
C LEU B 54 7.41 -9.83 -0.03
N ILE B 55 6.53 -10.79 0.16
CA ILE B 55 6.94 -12.15 0.46
C ILE B 55 6.81 -12.99 -0.81
N ASN B 56 7.45 -14.15 -0.83
CA ASN B 56 7.39 -15.04 -1.98
C ASN B 56 5.96 -15.51 -2.24
N SER B 57 5.18 -15.58 -1.18
CA SER B 57 3.79 -16.01 -1.27
C SER B 57 2.84 -14.83 -1.49
N ASP B 58 2.73 -13.98 -0.47
CA ASP B 58 1.83 -12.82 -0.55
C ASP B 58 2.55 -11.56 -0.10
N ILE B 59 1.80 -10.50 0.18
CA ILE B 59 2.38 -9.25 0.62
C ILE B 59 2.01 -8.97 2.08
N VAL B 60 2.80 -8.14 2.73
CA VAL B 60 2.58 -7.80 4.14
C VAL B 60 2.63 -6.28 4.32
N CYS B 61 1.83 -5.76 5.25
CA CYS B 61 1.78 -4.34 5.53
C CYS B 61 3.00 -3.89 6.32
N GLU B 62 2.86 -2.74 6.97
CA GLU B 62 3.94 -2.20 7.79
C GLU B 62 3.51 -2.15 9.25
N GLN B 63 2.31 -2.66 9.51
CA GLN B 63 1.79 -2.68 10.87
C GLN B 63 2.19 -3.96 11.58
N ASP B 64 2.03 -5.08 10.90
CA ASP B 64 2.37 -6.38 11.48
C ASP B 64 3.64 -6.93 10.85
N ILE B 65 4.32 -6.10 10.05
CA ILE B 65 5.54 -6.49 9.38
C ILE B 65 6.63 -6.97 10.36
N TYR B 66 6.77 -6.28 11.48
CA TYR B 66 7.77 -6.62 12.48
C TYR B 66 7.42 -7.94 13.18
N GLU B 67 6.13 -8.26 13.20
CA GLU B 67 5.68 -9.48 13.82
C GLU B 67 5.84 -10.66 12.87
N TRP B 68 5.37 -10.47 11.64
CA TRP B 68 5.43 -11.49 10.61
C TRP B 68 6.86 -11.93 10.35
N THR B 69 7.80 -11.00 10.39
CA THR B 69 9.20 -11.29 10.16
C THR B 69 9.74 -12.21 11.25
N LYS B 70 9.45 -11.90 12.51
CA LYS B 70 9.92 -12.70 13.63
C LYS B 70 9.20 -14.05 13.66
N ILE B 71 7.96 -14.07 13.18
CA ILE B 71 7.19 -15.29 13.12
C ILE B 71 7.79 -16.27 12.11
N ASN B 72 8.22 -15.73 10.98
CA ASN B 72 8.82 -16.54 9.92
C ASN B 72 10.28 -16.84 10.22
N GLY B 73 11.06 -15.79 10.47
CA GLY B 73 12.48 -15.96 10.75
C GLY B 73 13.33 -14.93 10.05
N GLY B 74 13.06 -13.65 10.34
CA GLY B 74 13.82 -12.58 9.72
C GLY B 74 14.13 -11.48 10.70
N SER B 75 14.58 -11.86 11.89
CA SER B 75 14.92 -10.90 12.93
C SER B 75 16.36 -10.42 12.77
N GLY B 76 16.58 -9.13 12.98
CA GLY B 76 17.91 -8.56 12.86
C GLY B 76 18.39 -7.95 14.15
N GLY B 77 17.86 -8.44 15.26
CA GLY B 77 18.23 -7.92 16.56
C GLY B 77 17.32 -6.78 16.99
N SER B 78 17.27 -6.53 18.28
CA SER B 78 16.45 -5.46 18.82
C SER B 78 17.00 -4.10 18.42
N GLY B 79 16.30 -3.42 17.54
CA GLY B 79 16.75 -2.12 17.07
C GLY B 79 17.86 -2.22 16.05
N GLY B 80 17.97 -3.39 15.43
CA GLY B 80 18.99 -3.60 14.42
C GLY B 80 18.38 -3.76 13.04
N SER B 81 19.23 -3.69 12.02
CA SER B 81 18.76 -3.83 10.65
C SER B 81 18.53 -5.30 10.31
N GLY B 82 17.29 -5.65 10.03
CA GLY B 82 16.97 -7.02 9.70
C GLY B 82 16.96 -7.27 8.20
N GLY B 83 16.29 -6.39 7.47
CA GLY B 83 16.22 -6.54 6.04
C GLY B 83 15.76 -5.29 5.34
N ASP B 84 15.58 -5.38 4.03
CA ASP B 84 15.14 -4.26 3.22
C ASP B 84 13.64 -4.05 3.35
N VAL B 85 13.17 -2.92 2.84
CA VAL B 85 11.76 -2.59 2.87
C VAL B 85 11.44 -1.63 1.73
N MET B 86 10.30 -1.82 1.09
CA MET B 86 9.92 -0.97 -0.03
C MET B 86 8.76 -0.08 0.35
N VAL B 87 8.68 1.08 -0.30
CA VAL B 87 7.60 2.03 -0.05
C VAL B 87 6.52 1.87 -1.12
N VAL B 88 5.27 1.85 -0.69
CA VAL B 88 4.14 1.69 -1.59
C VAL B 88 4.10 2.84 -2.59
N GLY B 89 4.21 2.51 -3.87
CA GLY B 89 4.18 3.50 -4.91
C GLY B 89 2.77 3.93 -5.25
N GLU B 90 2.62 4.72 -6.29
CA GLU B 90 1.31 5.19 -6.72
C GLU B 90 0.60 4.13 -7.55
N PRO B 91 -0.74 4.16 -7.58
CA PRO B 91 -1.54 3.20 -8.35
C PRO B 91 -1.58 3.56 -9.83
N THR B 92 -1.82 2.55 -10.67
CA THR B 92 -1.89 2.75 -12.10
C THR B 92 -3.30 3.14 -12.54
N LEU B 93 -3.39 3.91 -13.61
CA LEU B 93 -4.67 4.34 -14.14
C LEU B 93 -4.90 3.68 -15.50
N MET B 94 -6.16 3.57 -15.91
CA MET B 94 -6.50 2.93 -17.17
C MET B 94 -6.43 3.91 -18.35
N GLY B 95 -5.46 4.81 -18.30
CA GLY B 95 -5.31 5.78 -19.37
C GLY B 95 -5.13 7.19 -18.84
N GLY B 96 -4.02 7.41 -18.16
CA GLY B 96 -3.73 8.72 -17.60
C GLY B 96 -2.81 8.62 -16.40
N GLU A 1 -3.19 0.31 13.97
CA GLU A 1 -3.86 0.20 12.66
C GLU A 1 -2.87 0.43 11.53
N ALA A 2 -3.37 0.57 10.30
CA ALA A 2 -2.52 0.78 9.14
C ALA A 2 -1.78 2.11 9.24
N ARG A 3 -2.52 3.17 9.52
CA ARG A 3 -1.94 4.49 9.65
C ARG A 3 -2.77 5.32 10.63
N GLU A 4 -2.19 6.40 11.12
CA GLU A 4 -2.85 7.27 12.09
C GLU A 4 -2.98 8.69 11.54
N CYS A 5 -3.98 9.42 12.03
CA CYS A 5 -4.20 10.80 11.61
C CYS A 5 -3.43 11.73 12.55
N VAL A 6 -3.40 13.00 12.19
CA VAL A 6 -2.70 13.99 13.00
C VAL A 6 -3.68 14.66 13.96
N ASN A 7 -4.97 14.50 13.71
CA ASN A 7 -5.99 15.10 14.55
C ASN A 7 -6.95 14.07 15.12
N CYS A 8 -7.28 13.02 14.35
CA CYS A 8 -8.19 12.01 14.85
C CYS A 8 -7.53 10.63 14.87
N GLY A 9 -7.76 9.84 13.83
CA GLY A 9 -7.17 8.52 13.77
C GLY A 9 -8.12 7.50 13.18
N ALA A 10 -8.69 7.82 12.02
CA ALA A 10 -9.61 6.92 11.35
C ALA A 10 -8.92 6.22 10.18
N THR A 11 -8.62 4.94 10.38
CA THR A 11 -7.96 4.15 9.34
C THR A 11 -8.96 3.68 8.29
N ALA A 12 -10.25 3.95 8.55
CA ALA A 12 -11.31 3.57 7.62
C ALA A 12 -11.34 4.48 6.40
N THR A 13 -10.54 5.55 6.43
CA THR A 13 -10.48 6.48 5.30
C THR A 13 -10.03 5.74 4.05
N PRO A 14 -10.65 6.03 2.90
CA PRO A 14 -10.33 5.39 1.62
C PRO A 14 -8.87 5.58 1.21
N LEU A 15 -8.34 6.76 1.51
CA LEU A 15 -6.97 7.08 1.16
C LEU A 15 -6.46 8.19 2.08
N TRP A 16 -5.27 8.00 2.61
CA TRP A 16 -4.67 8.98 3.50
C TRP A 16 -4.14 10.16 2.69
N ARG A 17 -4.43 11.37 3.17
CA ARG A 17 -3.98 12.58 2.51
C ARG A 17 -2.55 12.90 2.93
N ARG A 18 -1.59 12.48 2.14
CA ARG A 18 -0.19 12.74 2.43
C ARG A 18 0.32 13.93 1.64
N ASP A 19 0.97 14.86 2.32
CA ASP A 19 1.50 16.05 1.69
C ASP A 19 3.00 15.87 1.44
N ARG A 20 3.67 16.96 1.10
CA ARG A 20 5.10 16.92 0.83
C ARG A 20 5.93 16.66 2.10
N THR A 21 5.50 17.23 3.23
CA THR A 21 6.24 17.04 4.48
C THR A 21 6.05 15.63 5.02
N GLY A 22 4.81 15.16 5.03
CA GLY A 22 4.52 13.84 5.52
C GLY A 22 3.42 13.84 6.57
N HIS A 23 2.57 14.85 6.51
CA HIS A 23 1.46 14.99 7.45
C HIS A 23 0.32 14.07 7.02
N TYR A 24 0.23 12.92 7.68
CA TYR A 24 -0.81 11.95 7.37
C TYR A 24 -2.16 12.43 7.86
N LEU A 25 -3.00 12.85 6.93
CA LEU A 25 -4.32 13.33 7.25
C LEU A 25 -5.37 12.35 6.76
N CYS A 26 -6.41 12.13 7.55
CA CYS A 26 -7.48 11.21 7.18
C CYS A 26 -8.21 11.68 5.92
N ASN A 27 -9.04 12.69 6.12
CA ASN A 27 -9.83 13.31 5.06
C ASN A 27 -10.50 14.55 5.62
N ALA A 28 -11.11 14.39 6.79
CA ALA A 28 -11.80 15.49 7.45
C ALA A 28 -10.79 16.52 7.96
N CYS A 29 -9.88 16.07 8.81
CA CYS A 29 -8.84 16.94 9.35
C CYS A 29 -7.91 17.39 8.23
N GLY A 30 -7.82 16.57 7.19
CA GLY A 30 -6.97 16.87 6.05
C GLY A 30 -7.44 18.09 5.29
N LEU A 31 -8.75 18.24 5.18
CA LEU A 31 -9.32 19.38 4.46
C LEU A 31 -9.12 20.65 5.27
N TYR A 32 -9.05 20.51 6.59
CA TYR A 32 -8.85 21.64 7.48
C TYR A 32 -7.52 22.33 7.20
N HIS A 33 -6.50 21.52 6.92
CA HIS A 33 -5.15 22.02 6.63
C HIS A 33 -5.15 22.93 5.40
N LYS A 34 -6.07 22.69 4.48
CA LYS A 34 -6.16 23.47 3.26
C LYS A 34 -7.24 24.55 3.34
N MET A 35 -8.40 24.19 3.85
CA MET A 35 -9.53 25.10 3.95
C MET A 35 -9.29 26.23 4.96
N ASN A 36 -8.69 25.91 6.09
CA ASN A 36 -8.42 26.92 7.11
C ASN A 36 -7.03 27.49 6.97
N GLY A 37 -6.23 26.88 6.12
CA GLY A 37 -4.86 27.34 5.90
C GLY A 37 -4.00 27.16 7.14
N GLN A 38 -4.35 26.17 7.95
CA GLN A 38 -3.61 25.89 9.16
C GLN A 38 -2.77 24.63 8.99
N ASN A 39 -2.06 24.25 10.04
CA ASN A 39 -1.21 23.06 10.02
C ASN A 39 -2.05 21.79 10.11
N TYR B 1 -1.30 -5.06 -36.73
CA TYR B 1 -0.70 -3.74 -36.42
C TYR B 1 -1.01 -3.33 -34.98
N LEU B 2 -2.26 -3.50 -34.56
CA LEU B 2 -2.66 -3.14 -33.21
C LEU B 2 -2.55 -4.36 -32.29
N ARG B 3 -1.38 -4.54 -31.71
CA ARG B 3 -1.14 -5.66 -30.81
C ARG B 3 -0.13 -5.26 -29.74
N LEU B 4 -0.63 -4.90 -28.57
CA LEU B 4 0.22 -4.49 -27.45
C LEU B 4 -0.51 -4.70 -26.13
N PHE B 5 0.27 -4.86 -25.06
CA PHE B 5 -0.28 -5.05 -23.73
C PHE B 5 0.65 -4.42 -22.70
N GLY B 6 0.28 -3.25 -22.20
CA GLY B 6 1.11 -2.54 -21.23
C GLY B 6 1.18 -3.25 -19.88
N GLN B 7 0.04 -3.72 -19.41
CA GLN B 7 -0.02 -4.43 -18.13
C GLN B 7 0.69 -5.76 -18.23
N ASP B 8 1.00 -6.36 -17.09
CA ASP B 8 1.70 -7.64 -17.07
C ASP B 8 0.90 -8.70 -17.82
N GLY B 9 -0.39 -8.78 -17.53
CA GLY B 9 -1.23 -9.74 -18.21
C GLY B 9 -2.16 -10.46 -17.25
N LEU B 10 -1.59 -11.32 -16.41
CA LEU B 10 -2.37 -12.08 -15.44
C LEU B 10 -2.09 -11.61 -14.02
N CYS B 11 -2.95 -12.02 -13.10
CA CYS B 11 -2.83 -11.65 -11.70
C CYS B 11 -1.84 -12.56 -10.98
N ALA B 12 -1.77 -12.37 -9.68
CA ALA B 12 -0.91 -13.16 -8.82
C ALA B 12 -1.72 -13.70 -7.65
N SER B 13 -2.97 -13.26 -7.56
CA SER B 13 -3.87 -13.68 -6.52
C SER B 13 -5.13 -14.31 -7.13
N CYS B 14 -5.48 -13.89 -8.34
CA CYS B 14 -6.65 -14.44 -9.01
C CYS B 14 -6.24 -14.94 -10.40
N ASP B 15 -7.22 -15.14 -11.27
CA ASP B 15 -6.94 -15.64 -12.62
C ASP B 15 -7.56 -14.74 -13.68
N LYS B 16 -7.86 -13.51 -13.32
CA LYS B 16 -8.46 -12.57 -14.25
C LYS B 16 -7.41 -11.73 -14.94
N ARG B 17 -7.54 -11.59 -16.25
CA ARG B 17 -6.62 -10.79 -17.03
C ARG B 17 -6.72 -9.33 -16.62
N ILE B 18 -5.57 -8.71 -16.39
CA ILE B 18 -5.53 -7.32 -15.97
C ILE B 18 -6.06 -6.40 -17.07
N ARG B 19 -6.95 -5.49 -16.69
CA ARG B 19 -7.53 -4.56 -17.63
C ARG B 19 -7.22 -3.12 -17.22
N ALA B 20 -7.93 -2.16 -17.81
CA ALA B 20 -7.72 -0.75 -17.50
C ALA B 20 -8.08 -0.45 -16.04
N TYR B 21 -8.98 -1.27 -15.49
CA TYR B 21 -9.39 -1.09 -14.11
C TYR B 21 -8.40 -1.78 -13.16
N GLU B 22 -7.13 -1.44 -13.29
CA GLU B 22 -6.10 -2.01 -12.43
C GLU B 22 -5.87 -1.11 -11.23
N MET B 23 -5.33 0.09 -11.49
CA MET B 23 -5.04 1.07 -10.45
C MET B 23 -4.18 0.46 -9.36
N THR B 24 -3.17 -0.27 -9.79
CA THR B 24 -2.27 -0.94 -8.88
C THR B 24 -1.10 -0.03 -8.52
N MET B 25 -0.21 -0.52 -7.67
CA MET B 25 0.95 0.26 -7.25
C MET B 25 2.18 -0.24 -7.98
N ARG B 26 3.34 0.27 -7.63
CA ARG B 26 4.57 -0.15 -8.27
C ARG B 26 5.15 -1.38 -7.59
N VAL B 27 4.86 -2.53 -8.17
CA VAL B 27 5.33 -3.80 -7.64
C VAL B 27 6.59 -4.25 -8.38
N LYS B 28 7.08 -5.44 -8.05
CA LYS B 28 8.28 -5.98 -8.69
C LYS B 28 8.02 -6.33 -10.15
N ASP B 29 7.24 -7.37 -10.37
CA ASP B 29 6.92 -7.81 -11.73
C ASP B 29 5.42 -8.03 -11.87
N LYS B 30 4.88 -8.94 -11.06
CA LYS B 30 3.46 -9.23 -11.07
C LYS B 30 2.67 -8.10 -10.42
N VAL B 31 1.75 -7.53 -11.18
CA VAL B 31 0.94 -6.43 -10.69
C VAL B 31 -0.41 -6.92 -10.19
N TYR B 32 -0.58 -6.90 -8.87
CA TYR B 32 -1.82 -7.33 -8.24
C TYR B 32 -2.95 -6.37 -8.56
N HIS B 33 -4.18 -6.86 -8.50
CA HIS B 33 -5.34 -6.02 -8.77
C HIS B 33 -5.64 -5.15 -7.56
N LEU B 34 -6.41 -4.09 -7.74
CA LEU B 34 -6.75 -3.20 -6.62
C LEU B 34 -7.58 -3.95 -5.59
N GLU B 35 -8.32 -4.95 -6.07
CA GLU B 35 -9.15 -5.78 -5.21
C GLU B 35 -8.37 -7.00 -4.72
N CYS B 36 -7.24 -7.25 -5.37
CA CYS B 36 -6.39 -8.37 -5.02
C CYS B 36 -5.19 -7.91 -4.19
N PHE B 37 -5.14 -6.62 -3.91
CA PHE B 37 -4.07 -6.04 -3.11
C PHE B 37 -4.51 -5.92 -1.66
N LYS B 38 -4.13 -6.90 -0.84
CA LYS B 38 -4.49 -6.92 0.56
C LYS B 38 -3.41 -7.59 1.39
N CYS B 39 -3.33 -7.23 2.66
CA CYS B 39 -2.35 -7.79 3.57
C CYS B 39 -2.69 -9.25 3.86
N ALA B 40 -1.66 -10.03 4.11
CA ALA B 40 -1.83 -11.44 4.40
C ALA B 40 -2.05 -11.69 5.89
N ALA B 41 -1.93 -10.63 6.69
CA ALA B 41 -2.12 -10.76 8.12
C ALA B 41 -3.34 -10.01 8.62
N CYS B 42 -3.40 -8.70 8.39
CA CYS B 42 -4.53 -7.91 8.86
C CYS B 42 -5.58 -7.67 7.78
N GLN B 43 -5.18 -7.85 6.52
CA GLN B 43 -6.09 -7.67 5.37
C GLN B 43 -6.55 -6.22 5.24
N LYS B 44 -5.81 -5.29 5.81
CA LYS B 44 -6.17 -3.88 5.74
C LYS B 44 -5.65 -3.25 4.46
N HIS B 45 -6.30 -2.16 4.04
CA HIS B 45 -5.91 -1.47 2.82
C HIS B 45 -4.65 -0.66 3.05
N PHE B 46 -3.77 -0.64 2.06
CA PHE B 46 -2.51 0.09 2.13
C PHE B 46 -2.75 1.56 1.81
N SER B 47 -1.73 2.37 2.02
CA SER B 47 -1.80 3.79 1.74
C SER B 47 -0.64 4.18 0.81
N VAL B 48 -0.27 5.45 0.79
CA VAL B 48 0.81 5.91 -0.06
C VAL B 48 1.95 6.51 0.75
N GLY B 49 3.15 6.00 0.53
CA GLY B 49 4.31 6.50 1.24
C GLY B 49 4.79 5.56 2.34
N ASP B 50 3.99 4.53 2.61
CA ASP B 50 4.34 3.56 3.63
C ASP B 50 5.20 2.45 3.04
N ARG B 51 5.80 1.64 3.91
CA ARG B 51 6.64 0.54 3.46
C ARG B 51 5.88 -0.77 3.54
N TYR B 52 6.19 -1.72 2.66
CA TYR B 52 5.50 -2.99 2.65
C TYR B 52 6.45 -4.14 2.31
N LEU B 53 6.00 -5.35 2.55
CA LEU B 53 6.78 -6.54 2.26
C LEU B 53 6.00 -7.45 1.31
N LEU B 54 6.70 -8.07 0.38
CA LEU B 54 6.06 -8.96 -0.58
C LEU B 54 6.33 -10.41 -0.22
N ILE B 55 5.27 -11.22 -0.23
CA ILE B 55 5.37 -12.63 0.09
C ILE B 55 5.15 -13.44 -1.18
N ASN B 56 5.41 -14.73 -1.12
CA ASN B 56 5.25 -15.62 -2.27
C ASN B 56 3.81 -15.65 -2.77
N SER B 57 2.86 -15.43 -1.86
CA SER B 57 1.45 -15.44 -2.22
C SER B 57 0.85 -14.03 -2.24
N ASP B 58 0.75 -13.41 -1.07
CA ASP B 58 0.18 -12.07 -0.96
C ASP B 58 1.23 -11.07 -0.46
N ILE B 59 0.77 -9.93 0.00
CA ILE B 59 1.66 -8.89 0.52
C ILE B 59 1.39 -8.65 2.00
N VAL B 60 2.28 -7.91 2.65
CA VAL B 60 2.14 -7.62 4.07
C VAL B 60 2.42 -6.13 4.33
N CYS B 61 1.68 -5.54 5.27
CA CYS B 61 1.84 -4.13 5.60
C CYS B 61 3.08 -3.91 6.47
N GLU B 62 3.18 -2.72 7.06
CA GLU B 62 4.31 -2.40 7.92
C GLU B 62 3.86 -2.40 9.38
N GLN B 63 2.58 -2.68 9.58
CA GLN B 63 2.00 -2.70 10.91
C GLN B 63 2.19 -4.07 11.56
N ASP B 64 2.00 -5.13 10.78
CA ASP B 64 2.14 -6.48 11.29
C ASP B 64 3.32 -7.21 10.64
N ILE B 65 4.11 -6.46 9.87
CA ILE B 65 5.26 -7.01 9.16
C ILE B 65 6.27 -7.66 10.12
N TYR B 66 6.49 -7.04 11.28
CA TYR B 66 7.46 -7.55 12.23
C TYR B 66 6.97 -8.83 12.90
N GLU B 67 5.66 -9.06 12.85
CA GLU B 67 5.08 -10.25 13.44
C GLU B 67 5.05 -11.37 12.42
N TRP B 68 4.67 -11.04 11.19
CA TRP B 68 4.60 -12.01 10.11
C TRP B 68 5.99 -12.59 9.82
N THR B 69 7.02 -11.76 9.90
CA THR B 69 8.39 -12.21 9.64
C THR B 69 8.85 -13.22 10.68
N LYS B 70 8.43 -13.04 11.92
CA LYS B 70 8.81 -13.94 13.01
C LYS B 70 8.04 -15.26 12.91
N ILE B 71 6.84 -15.19 12.35
CA ILE B 71 5.99 -16.36 12.20
C ILE B 71 6.38 -17.17 10.95
N ASN B 72 6.69 -16.46 9.87
CA ASN B 72 7.06 -17.10 8.62
C ASN B 72 8.53 -17.50 8.63
N GLY B 73 9.38 -16.62 9.12
CA GLY B 73 10.80 -16.90 9.17
C GLY B 73 11.61 -15.81 8.50
N GLY B 74 12.54 -15.23 9.24
CA GLY B 74 13.37 -14.18 8.70
C GLY B 74 13.52 -13.02 9.67
N SER B 75 13.94 -13.31 10.88
CA SER B 75 14.13 -12.28 11.89
C SER B 75 15.61 -11.97 12.07
N GLY B 76 15.93 -10.69 12.19
CA GLY B 76 17.31 -10.29 12.37
C GLY B 76 17.63 -9.93 13.81
N GLY B 77 16.79 -10.38 14.72
CA GLY B 77 17.00 -10.11 16.14
C GLY B 77 16.33 -8.83 16.58
N SER B 78 16.40 -8.55 17.87
CA SER B 78 15.80 -7.34 18.42
C SER B 78 16.74 -6.14 18.26
N GLY B 79 16.40 -5.24 17.34
CA GLY B 79 17.22 -4.08 17.11
C GLY B 79 18.08 -4.23 15.88
N GLY B 80 17.92 -5.32 15.16
CA GLY B 80 18.70 -5.54 13.96
C GLY B 80 17.84 -5.89 12.78
N SER B 81 18.15 -5.31 11.63
CA SER B 81 17.39 -5.58 10.42
C SER B 81 17.75 -6.94 9.84
N GLY B 82 16.77 -7.63 9.30
CA GLY B 82 17.02 -8.94 8.73
C GLY B 82 16.98 -8.94 7.22
N GLY B 83 15.82 -8.63 6.66
CA GLY B 83 15.68 -8.61 5.22
C GLY B 83 15.57 -7.20 4.68
N ASP B 84 14.99 -7.07 3.50
CA ASP B 84 14.81 -5.77 2.88
C ASP B 84 13.36 -5.34 2.92
N VAL B 85 13.10 -4.11 2.52
CA VAL B 85 11.76 -3.55 2.51
C VAL B 85 11.67 -2.44 1.47
N MET B 86 10.50 -2.28 0.86
CA MET B 86 10.31 -1.24 -0.15
C MET B 86 9.10 -0.38 0.17
N VAL B 87 9.06 0.80 -0.43
CA VAL B 87 7.97 1.73 -0.24
C VAL B 87 6.98 1.63 -1.39
N VAL B 88 5.70 1.72 -1.09
CA VAL B 88 4.66 1.64 -2.12
C VAL B 88 4.72 2.85 -3.05
N GLY B 89 4.86 2.57 -4.34
CA GLY B 89 4.91 3.64 -5.32
C GLY B 89 3.53 4.13 -5.68
N GLU B 90 3.46 5.29 -6.33
CA GLU B 90 2.18 5.87 -6.72
C GLU B 90 1.43 4.94 -7.67
N PRO B 91 0.09 4.84 -7.50
CA PRO B 91 -0.75 3.98 -8.33
C PRO B 91 -0.73 4.37 -9.80
N THR B 92 -0.81 3.38 -10.67
CA THR B 92 -0.80 3.62 -12.10
C THR B 92 -2.16 4.11 -12.59
N LEU B 93 -2.12 5.14 -13.43
CA LEU B 93 -3.34 5.71 -13.98
C LEU B 93 -3.55 5.17 -15.39
N MET B 94 -4.78 5.26 -15.89
CA MET B 94 -5.10 4.76 -17.22
C MET B 94 -4.45 5.62 -18.30
N GLY B 95 -3.95 6.79 -17.90
CA GLY B 95 -3.31 7.68 -18.84
C GLY B 95 -3.18 9.09 -18.29
N GLY B 96 -2.05 9.38 -17.68
CA GLY B 96 -1.82 10.69 -17.11
C GLY B 96 -0.54 10.72 -16.30
N GLU A 1 -3.86 -2.28 10.72
CA GLU A 1 -4.29 -0.90 10.35
C GLU A 1 -3.36 -0.32 9.30
N ALA A 2 -3.74 0.82 8.73
CA ALA A 2 -2.94 1.45 7.70
C ALA A 2 -2.08 2.57 8.26
N ARG A 3 -2.73 3.56 8.86
CA ARG A 3 -2.03 4.71 9.44
C ARG A 3 -2.90 5.37 10.49
N GLU A 4 -2.37 6.40 11.12
CA GLU A 4 -3.10 7.12 12.16
C GLU A 4 -3.10 8.62 11.88
N CYS A 5 -4.26 9.26 12.04
CA CYS A 5 -4.41 10.69 11.82
C CYS A 5 -3.77 11.44 12.98
N VAL A 6 -3.17 12.58 12.69
CA VAL A 6 -2.54 13.39 13.72
C VAL A 6 -3.57 14.09 14.60
N ASN A 7 -4.84 14.02 14.20
CA ASN A 7 -5.90 14.65 14.97
C ASN A 7 -6.89 13.62 15.51
N CYS A 8 -7.18 12.58 14.73
CA CYS A 8 -8.11 11.55 15.18
C CYS A 8 -7.52 10.15 15.03
N GLY A 9 -7.84 9.47 13.95
CA GLY A 9 -7.35 8.14 13.71
C GLY A 9 -8.29 7.33 12.83
N ALA A 10 -8.86 7.98 11.83
CA ALA A 10 -9.78 7.31 10.92
C ALA A 10 -9.02 6.57 9.83
N THR A 11 -8.67 5.32 10.10
CA THR A 11 -7.95 4.50 9.13
C THR A 11 -8.90 4.02 8.03
N ALA A 12 -10.18 4.30 8.22
CA ALA A 12 -11.21 3.91 7.26
C ALA A 12 -11.29 4.93 6.11
N THR A 13 -10.44 5.94 6.16
CA THR A 13 -10.41 6.96 5.12
C THR A 13 -10.04 6.33 3.78
N PRO A 14 -10.75 6.72 2.70
CA PRO A 14 -10.50 6.18 1.36
C PRO A 14 -9.15 6.60 0.81
N LEU A 15 -8.58 7.67 1.36
CA LEU A 15 -7.28 8.17 0.92
C LEU A 15 -6.63 8.98 2.03
N TRP A 16 -5.39 8.62 2.35
CA TRP A 16 -4.65 9.32 3.39
C TRP A 16 -4.14 10.65 2.87
N ARG A 17 -4.41 11.70 3.63
CA ARG A 17 -3.98 13.04 3.26
C ARG A 17 -2.55 13.25 3.72
N ARG A 18 -1.61 13.18 2.79
CA ARG A 18 -0.21 13.36 3.09
C ARG A 18 0.31 14.62 2.42
N ASP A 19 1.00 15.45 3.18
CA ASP A 19 1.56 16.69 2.66
C ASP A 19 3.03 16.47 2.26
N ARG A 20 3.77 17.55 2.07
CA ARG A 20 5.17 17.45 1.69
C ARG A 20 6.06 17.03 2.86
N THR A 21 5.69 17.40 4.07
CA THR A 21 6.49 17.05 5.24
C THR A 21 6.20 15.61 5.67
N GLY A 22 4.93 15.28 5.87
CA GLY A 22 4.57 13.94 6.28
C GLY A 22 3.51 13.93 7.37
N HIS A 23 2.62 14.90 7.33
CA HIS A 23 1.55 14.99 8.30
C HIS A 23 0.37 14.15 7.84
N TYR A 24 0.26 12.95 8.36
CA TYR A 24 -0.81 12.05 7.98
C TYR A 24 -2.15 12.51 8.55
N LEU A 25 -3.05 12.84 7.65
CA LEU A 25 -4.38 13.29 8.02
C LEU A 25 -5.41 12.37 7.39
N CYS A 26 -6.54 12.21 8.06
CA CYS A 26 -7.61 11.35 7.57
C CYS A 26 -8.26 11.91 6.30
N ASN A 27 -9.17 12.83 6.52
CA ASN A 27 -9.93 13.49 5.47
C ASN A 27 -10.71 14.64 6.09
N ALA A 28 -11.08 14.47 7.36
CA ALA A 28 -11.83 15.48 8.09
C ALA A 28 -10.87 16.52 8.66
N CYS A 29 -9.97 16.07 9.53
CA CYS A 29 -9.00 16.96 10.15
C CYS A 29 -7.99 17.46 9.11
N GLY A 30 -7.89 16.75 8.01
CA GLY A 30 -6.97 17.12 6.94
C GLY A 30 -7.26 18.48 6.37
N LEU A 31 -8.54 18.84 6.33
CA LEU A 31 -8.95 20.12 5.78
C LEU A 31 -8.68 21.26 6.75
N TYR A 32 -8.35 20.93 8.00
CA TYR A 32 -8.07 21.97 8.99
C TYR A 32 -6.78 22.71 8.64
N HIS A 33 -5.85 21.98 8.01
CA HIS A 33 -4.57 22.55 7.61
C HIS A 33 -4.73 23.41 6.35
N LYS A 34 -5.88 23.31 5.71
CA LYS A 34 -6.14 24.05 4.49
C LYS A 34 -7.19 25.14 4.70
N MET A 35 -8.31 24.75 5.29
CA MET A 35 -9.42 25.67 5.55
C MET A 35 -9.01 26.77 6.51
N ASN A 36 -8.45 26.39 7.66
CA ASN A 36 -8.03 27.36 8.65
C ASN A 36 -6.59 27.78 8.44
N GLY A 37 -5.89 27.04 7.57
CA GLY A 37 -4.50 27.35 7.29
C GLY A 37 -3.61 27.07 8.48
N GLN A 38 -4.10 26.22 9.38
CA GLN A 38 -3.36 25.86 10.57
C GLN A 38 -2.53 24.61 10.32
N ASN A 39 -2.07 23.97 11.38
CA ASN A 39 -1.26 22.78 11.25
C ASN A 39 -1.80 21.65 12.10
N TYR B 1 -9.60 -17.73 -27.31
CA TYR B 1 -8.56 -17.22 -26.38
C TYR B 1 -8.12 -15.82 -26.80
N LEU B 2 -7.72 -15.01 -25.84
CA LEU B 2 -7.29 -13.65 -26.12
C LEU B 2 -5.83 -13.45 -25.74
N ARG B 3 -5.14 -12.58 -26.48
CA ARG B 3 -3.74 -12.28 -26.21
C ARG B 3 -3.55 -10.78 -26.11
N LEU B 4 -4.30 -10.16 -25.21
CA LEU B 4 -4.22 -8.73 -24.99
C LEU B 4 -3.13 -8.43 -23.97
N PHE B 5 -2.08 -7.75 -24.43
CA PHE B 5 -0.97 -7.42 -23.57
C PHE B 5 -1.14 -6.06 -22.89
N GLY B 6 -0.03 -5.46 -22.49
CA GLY B 6 -0.07 -4.19 -21.81
C GLY B 6 0.53 -4.29 -20.43
N GLN B 7 -0.16 -5.05 -19.58
CA GLN B 7 0.30 -5.28 -18.22
C GLN B 7 0.91 -6.67 -18.13
N ASP B 8 0.82 -7.30 -16.96
CA ASP B 8 1.37 -8.65 -16.79
C ASP B 8 0.55 -9.66 -17.58
N GLY B 9 -0.74 -9.75 -17.26
CA GLY B 9 -1.60 -10.67 -17.95
C GLY B 9 -2.56 -11.37 -17.01
N LEU B 10 -2.01 -12.16 -16.11
CA LEU B 10 -2.82 -12.89 -15.13
C LEU B 10 -2.38 -12.54 -13.72
N CYS B 11 -3.27 -12.75 -12.76
CA CYS B 11 -3.00 -12.45 -11.37
C CYS B 11 -2.01 -13.44 -10.78
N ALA B 12 -1.60 -13.16 -9.56
CA ALA B 12 -0.69 -14.01 -8.83
C ALA B 12 -1.36 -14.46 -7.54
N SER B 13 -2.58 -13.97 -7.34
CA SER B 13 -3.37 -14.33 -6.16
C SER B 13 -4.66 -15.01 -6.57
N CYS B 14 -5.26 -14.59 -7.67
CA CYS B 14 -6.50 -15.19 -8.13
C CYS B 14 -6.29 -15.83 -9.50
N ASP B 15 -7.38 -16.30 -10.10
CA ASP B 15 -7.32 -16.93 -11.41
C ASP B 15 -7.99 -16.06 -12.46
N LYS B 16 -8.07 -14.76 -12.20
CA LYS B 16 -8.70 -13.83 -13.12
C LYS B 16 -7.64 -13.07 -13.91
N ARG B 17 -8.00 -12.68 -15.12
CA ARG B 17 -7.10 -11.94 -15.99
C ARG B 17 -7.04 -10.47 -15.56
N ILE B 18 -5.93 -9.82 -15.89
CA ILE B 18 -5.75 -8.42 -15.56
C ILE B 18 -6.18 -7.54 -16.72
N ARG B 19 -7.12 -6.64 -16.46
CA ARG B 19 -7.64 -5.76 -17.50
C ARG B 19 -7.44 -4.29 -17.11
N ALA B 20 -8.27 -3.42 -17.65
CA ALA B 20 -8.16 -1.99 -17.37
C ALA B 20 -8.57 -1.66 -15.94
N TYR B 21 -9.43 -2.47 -15.35
CA TYR B 21 -9.89 -2.24 -13.99
C TYR B 21 -9.06 -3.03 -13.00
N GLU B 22 -7.77 -2.79 -12.97
CA GLU B 22 -6.89 -3.47 -12.03
C GLU B 22 -6.58 -2.54 -10.87
N MET B 23 -6.20 -1.30 -11.20
CA MET B 23 -5.87 -0.24 -10.24
C MET B 23 -5.06 -0.77 -9.06
N THR B 24 -3.90 -1.34 -9.36
CA THR B 24 -3.04 -1.89 -8.33
C THR B 24 -1.73 -1.10 -8.26
N MET B 25 -1.05 -1.19 -7.12
CA MET B 25 0.21 -0.50 -6.91
C MET B 25 1.31 -1.14 -7.72
N ARG B 26 2.36 -0.38 -8.03
CA ARG B 26 3.47 -0.91 -8.79
C ARG B 26 4.29 -1.87 -7.93
N VAL B 27 4.22 -3.15 -8.25
CA VAL B 27 4.95 -4.16 -7.50
C VAL B 27 6.30 -4.43 -8.14
N LYS B 28 6.88 -5.60 -7.85
CA LYS B 28 8.17 -5.97 -8.39
C LYS B 28 8.05 -6.37 -9.86
N ASP B 29 7.07 -7.21 -10.16
CA ASP B 29 6.85 -7.66 -11.53
C ASP B 29 5.41 -8.06 -11.75
N LYS B 30 4.97 -9.06 -11.00
CA LYS B 30 3.60 -9.54 -11.11
C LYS B 30 2.64 -8.61 -10.37
N VAL B 31 1.73 -8.00 -11.12
CA VAL B 31 0.76 -7.08 -10.55
C VAL B 31 -0.46 -7.85 -10.07
N TYR B 32 -1.12 -7.32 -9.05
CA TYR B 32 -2.30 -7.94 -8.49
C TYR B 32 -3.56 -7.18 -8.88
N HIS B 33 -4.63 -7.38 -8.12
CA HIS B 33 -5.89 -6.71 -8.35
C HIS B 33 -6.20 -5.82 -7.14
N LEU B 34 -7.07 -4.83 -7.32
CA LEU B 34 -7.44 -3.94 -6.22
C LEU B 34 -8.11 -4.70 -5.08
N GLU B 35 -8.62 -5.88 -5.40
CA GLU B 35 -9.29 -6.73 -4.43
C GLU B 35 -8.35 -7.85 -3.96
N CYS B 36 -7.36 -8.17 -4.79
CA CYS B 36 -6.41 -9.22 -4.46
C CYS B 36 -5.25 -8.67 -3.64
N PHE B 37 -5.04 -7.37 -3.72
CA PHE B 37 -3.98 -6.71 -2.96
C PHE B 37 -4.44 -6.50 -1.52
N LYS B 38 -4.04 -7.42 -0.65
CA LYS B 38 -4.43 -7.35 0.76
C LYS B 38 -3.33 -7.89 1.65
N CYS B 39 -3.37 -7.50 2.92
CA CYS B 39 -2.40 -7.97 3.88
C CYS B 39 -2.73 -9.40 4.27
N ALA B 40 -1.70 -10.17 4.58
CA ALA B 40 -1.89 -11.55 4.95
C ALA B 40 -2.10 -11.70 6.46
N ALA B 41 -1.96 -10.61 7.19
CA ALA B 41 -2.13 -10.66 8.63
C ALA B 41 -3.33 -9.84 9.12
N CYS B 42 -3.35 -8.54 8.83
CA CYS B 42 -4.45 -7.69 9.29
C CYS B 42 -5.49 -7.49 8.18
N GLN B 43 -5.11 -7.80 6.95
CA GLN B 43 -6.01 -7.67 5.79
C GLN B 43 -6.55 -6.24 5.62
N LYS B 44 -5.81 -5.25 6.10
CA LYS B 44 -6.24 -3.87 5.98
C LYS B 44 -5.73 -3.25 4.68
N HIS B 45 -6.45 -2.24 4.19
CA HIS B 45 -6.04 -1.56 2.97
C HIS B 45 -4.69 -0.88 3.16
N PHE B 46 -3.79 -1.09 2.22
CA PHE B 46 -2.45 -0.53 2.28
C PHE B 46 -2.44 0.99 2.13
N SER B 47 -1.33 1.59 2.55
CA SER B 47 -1.15 3.03 2.47
C SER B 47 -0.37 3.37 1.21
N VAL B 48 -0.21 4.66 0.93
CA VAL B 48 0.51 5.09 -0.26
C VAL B 48 1.81 5.79 0.13
N GLY B 49 2.92 5.31 -0.40
CA GLY B 49 4.21 5.91 -0.10
C GLY B 49 4.85 5.31 1.14
N ASP B 50 4.33 4.16 1.57
CA ASP B 50 4.86 3.49 2.74
C ASP B 50 5.51 2.16 2.33
N ARG B 51 6.22 1.53 3.26
CA ARG B 51 6.91 0.29 2.98
C ARG B 51 6.03 -0.92 3.21
N TYR B 52 6.36 -2.02 2.55
CA TYR B 52 5.59 -3.27 2.66
C TYR B 52 6.49 -4.48 2.41
N LEU B 53 5.94 -5.67 2.55
CA LEU B 53 6.69 -6.89 2.33
C LEU B 53 5.90 -7.84 1.43
N LEU B 54 6.60 -8.45 0.48
CA LEU B 54 5.97 -9.39 -0.46
C LEU B 54 6.32 -10.81 -0.07
N ILE B 55 5.31 -11.63 0.16
CA ILE B 55 5.54 -13.03 0.54
C ILE B 55 5.38 -13.94 -0.68
N ASN B 56 4.83 -15.14 -0.47
CA ASN B 56 4.65 -16.09 -1.56
C ASN B 56 3.34 -15.84 -2.28
N SER B 57 2.26 -15.72 -1.51
CA SER B 57 0.94 -15.48 -2.08
C SER B 57 0.56 -14.01 -1.99
N ASP B 58 0.14 -13.59 -0.81
CA ASP B 58 -0.26 -12.20 -0.60
C ASP B 58 0.89 -11.35 -0.11
N ILE B 59 0.58 -10.15 0.33
CA ILE B 59 1.58 -9.23 0.82
C ILE B 59 1.33 -8.92 2.29
N VAL B 60 2.26 -8.22 2.92
CA VAL B 60 2.14 -7.85 4.31
C VAL B 60 2.43 -6.37 4.46
N CYS B 61 1.71 -5.71 5.36
CA CYS B 61 1.87 -4.29 5.59
C CYS B 61 3.14 -4.00 6.39
N GLU B 62 3.14 -2.87 7.08
CA GLU B 62 4.26 -2.47 7.89
C GLU B 62 3.82 -2.33 9.34
N GLN B 63 2.54 -2.59 9.59
CA GLN B 63 1.99 -2.49 10.93
C GLN B 63 2.17 -3.79 11.67
N ASP B 64 2.03 -4.90 10.95
CA ASP B 64 2.17 -6.22 11.55
C ASP B 64 3.36 -6.97 10.95
N ILE B 65 4.13 -6.28 10.11
CA ILE B 65 5.29 -6.87 9.45
C ILE B 65 6.33 -7.38 10.47
N TYR B 66 6.43 -6.69 11.61
CA TYR B 66 7.38 -7.05 12.65
C TYR B 66 6.96 -8.35 13.34
N GLU B 67 5.68 -8.68 13.25
CA GLU B 67 5.17 -9.90 13.88
C GLU B 67 5.15 -11.05 12.88
N TRP B 68 4.63 -10.78 11.68
CA TRP B 68 4.54 -11.79 10.63
C TRP B 68 5.90 -12.46 10.37
N THR B 69 6.95 -11.65 10.33
CA THR B 69 8.29 -12.15 10.09
C THR B 69 8.76 -13.09 11.21
N LYS B 70 8.52 -12.69 12.44
CA LYS B 70 8.94 -13.48 13.60
C LYS B 70 8.19 -14.80 13.67
N ILE B 71 6.87 -14.75 13.48
CA ILE B 71 6.04 -15.95 13.53
C ILE B 71 6.40 -16.93 12.41
N ASN B 72 6.79 -16.39 11.26
CA ASN B 72 7.15 -17.23 10.12
C ASN B 72 8.62 -17.63 10.18
N GLY B 73 9.37 -16.95 11.01
CA GLY B 73 10.79 -17.23 11.14
C GLY B 73 11.63 -16.39 10.22
N GLY B 74 12.44 -15.52 10.80
CA GLY B 74 13.30 -14.65 10.01
C GLY B 74 13.73 -13.42 10.77
N SER B 75 13.82 -13.54 12.08
CA SER B 75 14.22 -12.44 12.95
C SER B 75 15.68 -12.05 12.68
N GLY B 76 15.94 -10.76 12.59
CA GLY B 76 17.29 -10.28 12.34
C GLY B 76 17.90 -9.61 13.55
N GLY B 77 17.45 -10.01 14.72
CA GLY B 77 17.95 -9.44 15.95
C GLY B 77 17.08 -8.31 16.45
N SER B 78 17.14 -8.06 17.75
CA SER B 78 16.36 -6.99 18.36
C SER B 78 16.87 -5.64 17.89
N GLY B 79 16.16 -5.04 16.95
CA GLY B 79 16.55 -3.74 16.43
C GLY B 79 17.59 -3.86 15.33
N GLY B 80 17.73 -5.07 14.81
CA GLY B 80 18.69 -5.30 13.75
C GLY B 80 18.01 -5.52 12.42
N SER B 81 18.66 -5.09 11.35
CA SER B 81 18.11 -5.24 10.01
C SER B 81 18.06 -6.72 9.62
N GLY B 82 16.87 -7.19 9.30
CA GLY B 82 16.70 -8.58 8.92
C GLY B 82 17.07 -8.85 7.48
N GLY B 83 16.13 -8.58 6.58
CA GLY B 83 16.39 -8.80 5.18
C GLY B 83 16.30 -7.54 4.36
N ASP B 84 15.28 -7.46 3.52
CA ASP B 84 15.08 -6.30 2.66
C ASP B 84 13.67 -5.76 2.83
N VAL B 85 13.42 -4.60 2.24
CA VAL B 85 12.12 -3.97 2.32
C VAL B 85 11.88 -3.12 1.08
N MET B 86 10.63 -3.00 0.66
CA MET B 86 10.31 -2.22 -0.53
C MET B 86 9.14 -1.28 -0.25
N VAL B 87 9.05 -0.24 -1.06
CA VAL B 87 7.98 0.74 -0.93
C VAL B 87 6.95 0.54 -2.03
N VAL B 88 5.67 0.66 -1.69
CA VAL B 88 4.60 0.48 -2.67
C VAL B 88 4.68 1.58 -3.72
N GLY B 89 4.93 1.17 -4.96
CA GLY B 89 5.01 2.12 -6.05
C GLY B 89 3.65 2.65 -6.44
N GLU B 90 3.63 3.80 -7.10
CA GLU B 90 2.38 4.41 -7.52
C GLU B 90 1.59 3.46 -8.42
N PRO B 91 0.25 3.47 -8.28
CA PRO B 91 -0.64 2.60 -9.06
C PRO B 91 -0.49 2.80 -10.56
N THR B 92 -0.79 1.76 -11.31
CA THR B 92 -0.70 1.82 -12.77
C THR B 92 -2.02 2.28 -13.37
N LEU B 93 -1.94 3.04 -14.44
CA LEU B 93 -3.13 3.52 -15.12
C LEU B 93 -3.31 2.76 -16.42
N MET B 94 -4.55 2.54 -16.80
CA MET B 94 -4.86 1.81 -18.04
C MET B 94 -4.42 2.56 -19.29
N GLY B 95 -4.20 3.86 -19.13
CA GLY B 95 -3.76 4.68 -20.24
C GLY B 95 -3.43 6.10 -19.80
N GLY B 96 -2.17 6.35 -19.56
CA GLY B 96 -1.75 7.68 -19.14
C GLY B 96 -0.68 7.60 -18.06
N GLU A 1 -3.31 -0.18 14.22
CA GLU A 1 -3.96 0.39 13.02
C GLU A 1 -2.97 0.47 11.88
N ALA A 2 -3.47 0.55 10.66
CA ALA A 2 -2.61 0.65 9.49
C ALA A 2 -1.83 1.95 9.52
N ARG A 3 -2.55 3.03 9.80
CA ARG A 3 -1.97 4.35 9.90
C ARG A 3 -2.86 5.21 10.78
N GLU A 4 -2.35 6.33 11.26
CA GLU A 4 -3.14 7.21 12.11
C GLU A 4 -3.10 8.65 11.62
N CYS A 5 -4.11 9.41 12.02
CA CYS A 5 -4.25 10.81 11.65
C CYS A 5 -3.42 11.66 12.61
N VAL A 6 -3.21 12.91 12.25
CA VAL A 6 -2.45 13.81 13.09
C VAL A 6 -3.39 14.62 13.97
N ASN A 7 -4.69 14.36 13.83
CA ASN A 7 -5.69 15.06 14.62
C ASN A 7 -6.69 14.09 15.25
N CYS A 8 -7.11 13.06 14.52
CA CYS A 8 -8.06 12.12 15.08
C CYS A 8 -7.48 10.71 15.16
N GLY A 9 -7.59 9.96 14.07
CA GLY A 9 -7.08 8.62 14.02
C GLY A 9 -7.99 7.69 13.24
N ALA A 10 -8.68 8.22 12.23
CA ALA A 10 -9.58 7.44 11.42
C ALA A 10 -8.82 6.58 10.40
N THR A 11 -8.62 5.31 10.74
CA THR A 11 -7.90 4.40 9.86
C THR A 11 -8.83 3.85 8.77
N ALA A 12 -10.14 4.00 8.98
CA ALA A 12 -11.14 3.51 8.04
C ALA A 12 -11.32 4.45 6.85
N THR A 13 -10.51 5.51 6.80
CA THR A 13 -10.58 6.46 5.69
C THR A 13 -10.25 5.75 4.38
N PRO A 14 -10.97 6.07 3.31
CA PRO A 14 -10.77 5.45 1.99
C PRO A 14 -9.36 5.67 1.45
N LEU A 15 -8.83 6.85 1.69
CA LEU A 15 -7.50 7.19 1.21
C LEU A 15 -6.85 8.19 2.16
N TRP A 16 -5.58 7.99 2.46
CA TRP A 16 -4.86 8.87 3.37
C TRP A 16 -4.39 10.13 2.66
N ARG A 17 -4.65 11.27 3.28
CA ARG A 17 -4.25 12.55 2.74
C ARG A 17 -2.88 12.94 3.28
N ARG A 18 -1.83 12.47 2.62
CA ARG A 18 -0.48 12.77 3.05
C ARG A 18 0.13 13.85 2.16
N ASP A 19 0.69 14.87 2.79
CA ASP A 19 1.32 15.97 2.06
C ASP A 19 2.80 15.65 1.79
N ARG A 20 3.53 16.65 1.29
CA ARG A 20 4.95 16.50 0.99
C ARG A 20 5.78 16.21 2.24
N THR A 21 5.54 16.96 3.31
CA THR A 21 6.32 16.78 4.54
C THR A 21 6.04 15.43 5.18
N GLY A 22 4.77 15.02 5.17
CA GLY A 22 4.43 13.73 5.75
C GLY A 22 3.30 13.83 6.75
N HIS A 23 2.52 14.89 6.67
CA HIS A 23 1.39 15.08 7.57
C HIS A 23 0.27 14.12 7.16
N TYR A 24 0.14 13.04 7.91
CA TYR A 24 -0.88 12.05 7.64
C TYR A 24 -2.24 12.51 8.13
N LEU A 25 -3.09 12.88 7.20
CA LEU A 25 -4.43 13.34 7.52
C LEU A 25 -5.45 12.32 7.04
N CYS A 26 -6.45 12.06 7.87
CA CYS A 26 -7.51 11.11 7.54
C CYS A 26 -8.21 11.51 6.24
N ASN A 27 -9.04 12.54 6.38
CA ASN A 27 -9.81 13.08 5.29
C ASN A 27 -10.54 14.33 5.78
N ALA A 28 -11.07 14.24 6.99
CA ALA A 28 -11.80 15.34 7.60
C ALA A 28 -10.85 16.41 8.14
N CYS A 29 -9.86 15.98 8.92
CA CYS A 29 -8.89 16.93 9.49
C CYS A 29 -7.95 17.43 8.40
N GLY A 30 -8.01 16.79 7.24
CA GLY A 30 -7.17 17.20 6.12
C GLY A 30 -7.54 18.57 5.59
N LEU A 31 -8.81 18.93 5.76
CA LEU A 31 -9.32 20.22 5.31
C LEU A 31 -8.72 21.35 6.15
N TYR A 32 -8.25 21.00 7.34
CA TYR A 32 -7.65 21.96 8.26
C TYR A 32 -6.33 22.48 7.68
N HIS A 33 -5.70 21.64 6.87
CA HIS A 33 -4.42 21.97 6.25
C HIS A 33 -4.60 22.59 4.86
N LYS A 34 -5.82 23.05 4.58
CA LYS A 34 -6.10 23.65 3.27
C LYS A 34 -7.16 24.77 3.37
N MET A 35 -8.32 24.42 3.91
CA MET A 35 -9.42 25.37 4.04
C MET A 35 -9.09 26.46 5.06
N ASN A 36 -8.65 26.04 6.23
CA ASN A 36 -8.31 26.98 7.30
C ASN A 36 -6.91 27.55 7.11
N GLY A 37 -6.13 26.90 6.25
CA GLY A 37 -4.78 27.36 6.00
C GLY A 37 -3.90 27.26 7.23
N GLN A 38 -3.93 26.11 7.88
CA GLN A 38 -3.15 25.88 9.08
C GLN A 38 -2.43 24.54 8.99
N ASN A 39 -1.67 24.19 10.02
CA ASN A 39 -0.94 22.93 10.03
C ASN A 39 -1.75 21.84 10.73
N TYR B 1 -13.52 3.30 -25.61
CA TYR B 1 -13.92 2.06 -24.91
C TYR B 1 -12.87 0.97 -25.08
N LEU B 2 -12.08 1.07 -26.15
CA LEU B 2 -11.03 0.10 -26.41
C LEU B 2 -9.86 0.36 -25.47
N ARG B 3 -9.88 -0.33 -24.34
CA ARG B 3 -8.84 -0.16 -23.33
C ARG B 3 -7.72 -1.16 -23.54
N LEU B 4 -6.76 -0.78 -24.38
CA LEU B 4 -5.62 -1.63 -24.68
C LEU B 4 -4.45 -1.30 -23.75
N PHE B 5 -4.76 -0.86 -22.54
CA PHE B 5 -3.75 -0.50 -21.57
C PHE B 5 -3.60 -1.59 -20.52
N GLY B 6 -2.44 -2.23 -20.51
CA GLY B 6 -2.19 -3.28 -19.56
C GLY B 6 -0.77 -3.22 -19.02
N GLN B 7 -0.63 -3.32 -17.70
CA GLN B 7 0.69 -3.28 -17.08
C GLN B 7 1.41 -4.61 -17.27
N ASP B 8 0.86 -5.67 -16.69
CA ASP B 8 1.46 -7.00 -16.82
C ASP B 8 0.65 -7.85 -17.78
N GLY B 9 -0.55 -8.22 -17.36
CA GLY B 9 -1.41 -9.05 -18.19
C GLY B 9 -2.35 -9.88 -17.34
N LEU B 10 -1.79 -10.62 -16.41
CA LEU B 10 -2.58 -11.46 -15.52
C LEU B 10 -2.27 -11.14 -14.07
N CYS B 11 -3.20 -11.46 -13.18
CA CYS B 11 -3.03 -11.21 -11.76
C CYS B 11 -2.08 -12.22 -11.12
N ALA B 12 -2.05 -12.19 -9.81
CA ALA B 12 -1.23 -13.08 -9.02
C ALA B 12 -2.05 -13.61 -7.87
N SER B 13 -3.06 -12.85 -7.48
CA SER B 13 -3.95 -13.24 -6.40
C SER B 13 -5.18 -13.94 -6.98
N CYS B 14 -5.59 -13.52 -8.17
CA CYS B 14 -6.74 -14.13 -8.80
C CYS B 14 -6.40 -14.52 -10.24
N ASP B 15 -7.37 -15.02 -10.98
CA ASP B 15 -7.14 -15.44 -12.36
C ASP B 15 -7.99 -14.63 -13.33
N LYS B 16 -7.93 -13.31 -13.21
CA LYS B 16 -8.68 -12.43 -14.09
C LYS B 16 -7.72 -11.56 -14.90
N ARG B 17 -8.01 -11.38 -16.18
CA ARG B 17 -7.17 -10.57 -17.06
C ARG B 17 -7.13 -9.12 -16.58
N ILE B 18 -5.93 -8.57 -16.53
CA ILE B 18 -5.73 -7.18 -16.09
C ILE B 18 -6.18 -6.22 -17.17
N ARG B 19 -7.06 -5.30 -16.79
CA ARG B 19 -7.58 -4.29 -17.72
C ARG B 19 -7.18 -2.91 -17.25
N ALA B 20 -7.66 -1.89 -17.94
CA ALA B 20 -7.34 -0.50 -17.59
C ALA B 20 -8.15 -0.03 -16.38
N TYR B 21 -8.39 -0.96 -15.46
CA TYR B 21 -9.14 -0.66 -14.25
C TYR B 21 -8.40 -1.22 -13.04
N GLU B 22 -7.12 -1.52 -13.22
CA GLU B 22 -6.32 -2.06 -12.13
C GLU B 22 -6.07 -0.97 -11.09
N MET B 23 -5.44 0.13 -11.52
CA MET B 23 -5.16 1.27 -10.65
C MET B 23 -4.41 0.81 -9.39
N THR B 24 -3.44 -0.05 -9.59
CA THR B 24 -2.67 -0.59 -8.49
C THR B 24 -1.31 0.08 -8.38
N MET B 25 -0.62 -0.17 -7.28
CA MET B 25 0.70 0.40 -7.05
C MET B 25 1.74 -0.37 -7.87
N ARG B 26 2.81 0.29 -8.27
CA ARG B 26 3.85 -0.36 -9.05
C ARG B 26 4.55 -1.44 -8.24
N VAL B 27 4.23 -2.69 -8.55
CA VAL B 27 4.81 -3.83 -7.85
C VAL B 27 6.10 -4.27 -8.57
N LYS B 28 6.85 -5.18 -7.96
CA LYS B 28 8.10 -5.69 -8.52
C LYS B 28 7.91 -6.20 -9.95
N ASP B 29 6.91 -7.04 -10.14
CA ASP B 29 6.62 -7.61 -11.46
C ASP B 29 5.13 -7.84 -11.61
N LYS B 30 4.63 -8.85 -10.92
CA LYS B 30 3.22 -9.19 -10.96
C LYS B 30 2.39 -8.15 -10.22
N VAL B 31 1.58 -7.41 -10.96
CA VAL B 31 0.74 -6.39 -10.38
C VAL B 31 -0.62 -6.97 -9.98
N TYR B 32 -0.99 -6.77 -8.73
CA TYR B 32 -2.26 -7.27 -8.22
C TYR B 32 -3.37 -6.27 -8.48
N HIS B 33 -4.61 -6.72 -8.36
CA HIS B 33 -5.76 -5.86 -8.57
C HIS B 33 -5.96 -4.94 -7.37
N LEU B 34 -6.79 -3.91 -7.52
CA LEU B 34 -7.05 -2.97 -6.44
C LEU B 34 -7.61 -3.68 -5.20
N GLU B 35 -8.43 -4.70 -5.42
CA GLU B 35 -9.01 -5.44 -4.30
C GLU B 35 -8.17 -6.68 -3.99
N CYS B 36 -7.26 -7.02 -4.90
CA CYS B 36 -6.38 -8.17 -4.73
C CYS B 36 -5.16 -7.77 -3.91
N PHE B 37 -5.05 -6.46 -3.67
CA PHE B 37 -3.96 -5.91 -2.90
C PHE B 37 -4.38 -5.68 -1.46
N LYS B 38 -4.44 -6.75 -0.69
CA LYS B 38 -4.81 -6.65 0.72
C LYS B 38 -3.81 -7.42 1.56
N CYS B 39 -3.51 -6.89 2.75
CA CYS B 39 -2.57 -7.51 3.67
C CYS B 39 -3.00 -8.92 4.02
N ALA B 40 -2.02 -9.80 4.16
CA ALA B 40 -2.28 -11.19 4.50
C ALA B 40 -2.58 -11.36 5.98
N ALA B 41 -2.37 -10.30 6.76
CA ALA B 41 -2.61 -10.39 8.19
C ALA B 41 -3.79 -9.54 8.63
N CYS B 42 -3.70 -8.22 8.47
CA CYS B 42 -4.78 -7.34 8.90
C CYS B 42 -5.81 -7.08 7.80
N GLN B 43 -5.41 -7.35 6.56
CA GLN B 43 -6.28 -7.17 5.39
C GLN B 43 -6.73 -5.72 5.23
N LYS B 44 -5.98 -4.78 5.81
CA LYS B 44 -6.32 -3.37 5.72
C LYS B 44 -5.84 -2.79 4.39
N HIS B 45 -6.36 -1.62 4.05
CA HIS B 45 -5.97 -0.96 2.82
C HIS B 45 -4.62 -0.26 3.03
N PHE B 46 -3.74 -0.39 2.04
CA PHE B 46 -2.42 0.20 2.12
C PHE B 46 -2.46 1.71 1.87
N SER B 47 -1.34 2.35 2.17
CA SER B 47 -1.21 3.78 1.97
C SER B 47 -0.22 4.05 0.84
N VAL B 48 0.08 5.31 0.59
CA VAL B 48 1.01 5.68 -0.47
C VAL B 48 2.28 6.28 0.13
N GLY B 49 3.42 5.77 -0.30
CA GLY B 49 4.69 6.25 0.20
C GLY B 49 5.14 5.51 1.43
N ASP B 50 4.45 4.43 1.73
CA ASP B 50 4.76 3.61 2.90
C ASP B 50 5.55 2.37 2.48
N ARG B 51 6.05 1.62 3.45
CA ARG B 51 6.81 0.42 3.17
C ARG B 51 5.91 -0.81 3.24
N TYR B 52 6.25 -1.84 2.48
CA TYR B 52 5.47 -3.06 2.46
C TYR B 52 6.38 -4.27 2.23
N LEU B 53 5.88 -5.43 2.61
CA LEU B 53 6.61 -6.67 2.43
C LEU B 53 5.89 -7.54 1.41
N LEU B 54 6.62 -8.04 0.43
CA LEU B 54 6.02 -8.86 -0.61
C LEU B 54 6.31 -10.33 -0.37
N ILE B 55 5.24 -11.11 -0.22
CA ILE B 55 5.34 -12.54 -0.02
C ILE B 55 5.00 -13.22 -1.35
N ASN B 56 5.36 -14.49 -1.48
CA ASN B 56 5.09 -15.24 -2.70
C ASN B 56 3.59 -15.31 -2.99
N SER B 57 2.79 -15.44 -1.95
CA SER B 57 1.35 -15.53 -2.07
C SER B 57 0.68 -14.16 -2.04
N ASP B 58 0.76 -13.49 -0.90
CA ASP B 58 0.13 -12.19 -0.73
C ASP B 58 1.15 -11.14 -0.29
N ILE B 59 0.66 -10.01 0.20
CA ILE B 59 1.53 -8.92 0.65
C ILE B 59 1.26 -8.63 2.12
N VAL B 60 2.20 -7.95 2.76
CA VAL B 60 2.08 -7.59 4.17
C VAL B 60 2.40 -6.11 4.38
N CYS B 61 1.73 -5.49 5.33
CA CYS B 61 1.95 -4.08 5.63
C CYS B 61 3.19 -3.90 6.50
N GLU B 62 3.31 -2.74 7.12
CA GLU B 62 4.43 -2.45 7.99
C GLU B 62 3.96 -2.39 9.43
N GLN B 63 2.64 -2.52 9.60
CA GLN B 63 2.03 -2.48 10.91
C GLN B 63 2.12 -3.83 11.60
N ASP B 64 1.90 -4.90 10.84
CA ASP B 64 1.96 -6.24 11.40
C ASP B 64 3.11 -7.06 10.81
N ILE B 65 3.94 -6.40 10.01
CA ILE B 65 5.08 -7.06 9.36
C ILE B 65 6.04 -7.70 10.37
N TYR B 66 6.28 -6.99 11.48
CA TYR B 66 7.19 -7.47 12.52
C TYR B 66 6.66 -8.75 13.15
N GLU B 67 5.36 -8.84 13.31
CA GLU B 67 4.74 -10.01 13.91
C GLU B 67 4.66 -11.15 12.89
N TRP B 68 4.29 -10.80 11.67
CA TRP B 68 4.17 -11.77 10.58
C TRP B 68 5.49 -12.48 10.31
N THR B 69 6.58 -11.73 10.30
CA THR B 69 7.90 -12.30 10.03
C THR B 69 8.34 -13.27 11.13
N LYS B 70 8.09 -12.92 12.38
CA LYS B 70 8.47 -13.76 13.50
C LYS B 70 7.74 -15.10 13.45
N ILE B 71 6.45 -15.04 13.22
CA ILE B 71 5.62 -16.25 13.16
C ILE B 71 6.01 -17.11 11.95
N ASN B 72 6.39 -16.45 10.86
CA ASN B 72 6.77 -17.16 9.64
C ASN B 72 8.16 -17.79 9.77
N GLY B 73 9.00 -17.17 10.58
CA GLY B 73 10.35 -17.68 10.76
C GLY B 73 11.35 -16.95 9.90
N GLY B 74 11.21 -15.63 9.84
CA GLY B 74 12.12 -14.82 9.05
C GLY B 74 12.77 -13.73 9.88
N SER B 75 13.03 -14.04 11.14
CA SER B 75 13.65 -13.11 12.06
C SER B 75 15.11 -12.85 11.68
N GLY B 76 15.64 -11.72 12.12
CA GLY B 76 17.02 -11.38 11.81
C GLY B 76 17.71 -10.66 12.95
N GLY B 77 17.50 -11.15 14.16
CA GLY B 77 18.13 -10.54 15.31
C GLY B 77 17.29 -9.42 15.91
N SER B 78 17.52 -9.13 17.17
CA SER B 78 16.79 -8.09 17.85
C SER B 78 17.44 -6.73 17.61
N GLY B 79 17.01 -6.05 16.55
CA GLY B 79 17.57 -4.76 16.22
C GLY B 79 18.43 -4.80 14.98
N GLY B 80 18.68 -6.00 14.48
CA GLY B 80 19.47 -6.16 13.29
C GLY B 80 18.62 -6.20 12.04
N SER B 81 19.25 -6.32 10.89
CA SER B 81 18.52 -6.38 9.64
C SER B 81 18.07 -7.81 9.36
N GLY B 82 16.82 -7.96 8.95
CA GLY B 82 16.29 -9.28 8.66
C GLY B 82 16.41 -9.63 7.19
N GLY B 83 15.53 -9.08 6.39
CA GLY B 83 15.55 -9.36 4.96
C GLY B 83 15.54 -8.09 4.14
N ASP B 84 14.53 -7.96 3.29
CA ASP B 84 14.40 -6.80 2.43
C ASP B 84 12.98 -6.24 2.49
N VAL B 85 12.87 -4.94 2.31
CA VAL B 85 11.58 -4.27 2.31
C VAL B 85 11.53 -3.25 1.18
N MET B 86 10.34 -2.95 0.68
CA MET B 86 10.20 -2.00 -0.41
C MET B 86 9.14 -0.96 -0.08
N VAL B 87 9.12 0.11 -0.86
CA VAL B 87 8.17 1.19 -0.67
C VAL B 87 7.13 1.14 -1.79
N VAL B 88 5.85 1.27 -1.43
CA VAL B 88 4.78 1.25 -2.41
C VAL B 88 4.86 2.45 -3.34
N GLY B 89 5.06 2.18 -4.62
CA GLY B 89 5.15 3.24 -5.59
C GLY B 89 3.79 3.79 -5.95
N GLU B 90 3.76 4.86 -6.72
CA GLU B 90 2.52 5.50 -7.13
C GLU B 90 1.70 4.56 -8.00
N PRO B 91 0.36 4.61 -7.88
CA PRO B 91 -0.55 3.77 -8.65
C PRO B 91 -0.60 4.17 -10.13
N THR B 92 -0.80 3.19 -10.99
CA THR B 92 -0.88 3.45 -12.42
C THR B 92 -2.26 3.98 -12.80
N LEU B 93 -2.28 5.02 -13.61
CA LEU B 93 -3.53 5.61 -14.05
C LEU B 93 -4.06 4.85 -15.27
N MET B 94 -5.36 4.98 -15.52
CA MET B 94 -6.00 4.28 -16.65
C MET B 94 -5.56 4.86 -18.00
N GLY B 95 -4.74 5.89 -17.97
CA GLY B 95 -4.28 6.50 -19.21
C GLY B 95 -3.78 7.91 -19.01
N GLY B 96 -2.77 8.06 -18.17
CA GLY B 96 -2.21 9.37 -17.90
C GLY B 96 -1.19 9.29 -16.79
N GLU A 1 -3.25 -0.34 13.84
CA GLU A 1 -3.74 0.53 12.74
C GLU A 1 -2.66 0.68 11.68
N ALA A 2 -3.08 0.75 10.42
CA ALA A 2 -2.15 0.90 9.31
C ALA A 2 -1.45 2.25 9.39
N ARG A 3 -2.18 3.23 9.85
CA ARG A 3 -1.66 4.58 10.00
C ARG A 3 -2.58 5.37 10.94
N GLU A 4 -2.09 6.49 11.44
CA GLU A 4 -2.87 7.31 12.35
C GLU A 4 -2.94 8.76 11.90
N CYS A 5 -4.02 9.43 12.28
CA CYS A 5 -4.24 10.83 11.94
C CYS A 5 -3.43 11.72 12.89
N VAL A 6 -3.28 12.98 12.52
CA VAL A 6 -2.55 13.93 13.33
C VAL A 6 -3.47 14.56 14.36
N ASN A 7 -4.77 14.30 14.21
CA ASN A 7 -5.75 14.83 15.14
C ASN A 7 -6.58 13.70 15.74
N CYS A 8 -7.09 12.80 14.91
CA CYS A 8 -7.89 11.71 15.42
C CYS A 8 -7.14 10.38 15.32
N GLY A 9 -7.57 9.52 14.41
CA GLY A 9 -6.93 8.23 14.23
C GLY A 9 -7.87 7.20 13.67
N ALA A 10 -8.47 7.51 12.53
CA ALA A 10 -9.40 6.58 11.88
C ALA A 10 -8.76 5.94 10.66
N THR A 11 -8.30 4.71 10.82
CA THR A 11 -7.67 3.98 9.73
C THR A 11 -8.71 3.47 8.73
N ALA A 12 -9.98 3.62 9.07
CA ALA A 12 -11.07 3.19 8.21
C ALA A 12 -11.30 4.16 7.06
N THR A 13 -10.52 5.23 7.02
CA THR A 13 -10.63 6.24 5.96
C THR A 13 -10.38 5.57 4.60
N PRO A 14 -11.17 5.93 3.57
CA PRO A 14 -11.03 5.37 2.22
C PRO A 14 -9.65 5.62 1.62
N LEU A 15 -9.00 6.69 2.05
CA LEU A 15 -7.68 7.04 1.56
C LEU A 15 -7.04 8.06 2.49
N TRP A 16 -5.75 7.87 2.74
CA TRP A 16 -5.01 8.78 3.62
C TRP A 16 -4.58 10.03 2.88
N ARG A 17 -4.84 11.18 3.48
CA ARG A 17 -4.48 12.45 2.88
C ARG A 17 -3.06 12.82 3.30
N ARG A 18 -2.11 12.61 2.41
CA ARG A 18 -0.71 12.92 2.68
C ARG A 18 -0.29 14.15 1.90
N ASP A 19 0.31 15.12 2.60
CA ASP A 19 0.78 16.34 1.96
C ASP A 19 2.23 16.17 1.52
N ARG A 20 2.91 17.27 1.24
CA ARG A 20 4.29 17.22 0.80
C ARG A 20 5.24 16.91 1.96
N THR A 21 4.94 17.42 3.15
CA THR A 21 5.78 17.17 4.31
C THR A 21 5.62 15.75 4.83
N GLY A 22 4.38 15.31 4.97
CA GLY A 22 4.14 13.96 5.45
C GLY A 22 3.11 13.93 6.56
N HIS A 23 2.25 14.94 6.59
CA HIS A 23 1.21 15.03 7.60
C HIS A 23 0.06 14.10 7.22
N TYR A 24 0.00 12.95 7.88
CA TYR A 24 -1.04 11.98 7.61
C TYR A 24 -2.38 12.45 8.14
N LEU A 25 -3.24 12.88 7.23
CA LEU A 25 -4.56 13.36 7.60
C LEU A 25 -5.61 12.35 7.18
N CYS A 26 -6.62 12.15 8.01
CA CYS A 26 -7.70 11.22 7.72
C CYS A 26 -8.50 11.71 6.51
N ASN A 27 -9.27 12.75 6.76
CA ASN A 27 -10.11 13.40 5.76
C ASN A 27 -10.88 14.53 6.43
N ALA A 28 -11.30 14.28 7.67
CA ALA A 28 -12.05 15.26 8.44
C ALA A 28 -11.12 16.33 8.97
N CYS A 29 -10.11 15.92 9.74
CA CYS A 29 -9.15 16.85 10.29
C CYS A 29 -8.24 17.36 9.18
N GLY A 30 -8.21 16.62 8.07
CA GLY A 30 -7.40 17.01 6.94
C GLY A 30 -7.92 18.27 6.28
N LEU A 31 -9.24 18.45 6.34
CA LEU A 31 -9.87 19.63 5.76
C LEU A 31 -9.51 20.87 6.54
N TYR A 32 -9.14 20.68 7.81
CA TYR A 32 -8.77 21.78 8.69
C TYR A 32 -7.47 22.41 8.18
N HIS A 33 -6.60 21.58 7.62
CA HIS A 33 -5.31 22.01 7.09
C HIS A 33 -5.49 22.84 5.82
N LYS A 34 -6.61 22.63 5.13
CA LYS A 34 -6.87 23.33 3.87
C LYS A 34 -7.86 24.48 4.06
N MET A 35 -9.01 24.17 4.64
CA MET A 35 -10.07 25.17 4.86
C MET A 35 -9.60 26.31 5.76
N ASN A 36 -9.17 25.97 6.95
CA ASN A 36 -8.70 26.98 7.90
C ASN A 36 -7.34 27.52 7.50
N GLY A 37 -6.55 26.66 6.87
CA GLY A 37 -5.22 27.06 6.46
C GLY A 37 -4.22 26.93 7.58
N GLN A 38 -4.56 26.07 8.53
CA GLN A 38 -3.70 25.85 9.69
C GLN A 38 -2.94 24.53 9.52
N ASN A 39 -2.29 24.09 10.58
CA ASN A 39 -1.51 22.86 10.55
C ASN A 39 -2.38 21.66 10.88
N TYR B 1 9.30 -1.50 -33.62
CA TYR B 1 8.11 -1.86 -32.82
C TYR B 1 7.87 -0.83 -31.71
N LEU B 2 6.87 0.01 -31.91
CA LEU B 2 6.55 1.03 -30.92
C LEU B 2 5.08 0.94 -30.53
N ARG B 3 4.83 0.73 -29.24
CA ARG B 3 3.48 0.61 -28.72
C ARG B 3 3.38 1.24 -27.34
N LEU B 4 2.17 1.34 -26.82
CA LEU B 4 1.94 1.93 -25.50
C LEU B 4 1.38 0.90 -24.54
N PHE B 5 2.18 0.52 -23.54
CA PHE B 5 1.76 -0.45 -22.55
C PHE B 5 2.11 0.01 -21.14
N GLY B 6 1.14 0.01 -20.26
CA GLY B 6 1.37 0.44 -18.89
C GLY B 6 1.19 -0.70 -17.91
N GLN B 7 0.25 -1.59 -18.21
CA GLN B 7 -0.03 -2.73 -17.37
C GLN B 7 0.72 -3.95 -17.88
N ASP B 8 0.97 -4.91 -16.98
CA ASP B 8 1.69 -6.13 -17.34
C ASP B 8 0.85 -7.02 -18.24
N GLY B 9 -0.27 -7.50 -17.71
CA GLY B 9 -1.14 -8.35 -18.50
C GLY B 9 -2.20 -9.04 -17.67
N LEU B 10 -1.79 -9.99 -16.86
CA LEU B 10 -2.71 -10.72 -16.00
C LEU B 10 -2.36 -10.54 -14.54
N CYS B 11 -3.31 -10.86 -13.67
CA CYS B 11 -3.13 -10.74 -12.23
C CYS B 11 -2.31 -11.90 -11.68
N ALA B 12 -1.89 -11.75 -10.45
CA ALA B 12 -1.12 -12.78 -9.77
C ALA B 12 -1.96 -13.34 -8.63
N SER B 13 -3.00 -12.61 -8.27
CA SER B 13 -3.90 -13.02 -7.20
C SER B 13 -5.13 -13.68 -7.79
N CYS B 14 -5.71 -13.06 -8.81
CA CYS B 14 -6.87 -13.61 -9.45
C CYS B 14 -6.51 -14.03 -10.87
N ASP B 15 -7.45 -14.65 -11.57
CA ASP B 15 -7.17 -15.10 -12.94
C ASP B 15 -7.86 -14.18 -13.94
N LYS B 16 -7.97 -12.91 -13.58
CA LYS B 16 -8.60 -11.92 -14.45
C LYS B 16 -7.53 -11.13 -15.20
N ARG B 17 -7.92 -10.50 -16.29
CA ARG B 17 -7.00 -9.70 -17.08
C ARG B 17 -6.99 -8.27 -16.57
N ILE B 18 -5.84 -7.63 -16.64
CA ILE B 18 -5.72 -6.26 -16.19
C ILE B 18 -6.11 -5.29 -17.30
N ARG B 19 -7.00 -4.37 -16.99
CA ARG B 19 -7.47 -3.40 -17.96
C ARG B 19 -7.09 -1.98 -17.50
N ALA B 20 -7.91 -1.00 -17.85
CA ALA B 20 -7.66 0.39 -17.47
C ALA B 20 -8.22 0.68 -16.09
N TYR B 21 -8.53 -0.37 -15.35
CA TYR B 21 -9.07 -0.24 -14.01
C TYR B 21 -8.23 -1.03 -13.03
N GLU B 22 -6.98 -0.63 -12.88
CA GLU B 22 -6.08 -1.29 -11.96
C GLU B 22 -5.92 -0.44 -10.71
N MET B 23 -5.50 0.81 -10.92
CA MET B 23 -5.30 1.77 -9.83
C MET B 23 -4.51 1.16 -8.69
N THR B 24 -3.38 0.58 -9.04
CA THR B 24 -2.53 -0.06 -8.05
C THR B 24 -1.17 0.64 -7.99
N MET B 25 -0.36 0.24 -7.01
CA MET B 25 0.96 0.81 -6.84
C MET B 25 1.97 0.06 -7.70
N ARG B 26 3.11 0.68 -7.95
CA ARG B 26 4.15 0.06 -8.76
C ARG B 26 4.79 -1.12 -8.00
N VAL B 27 4.37 -2.33 -8.34
CA VAL B 27 4.90 -3.52 -7.70
C VAL B 27 6.16 -4.00 -8.42
N LYS B 28 6.74 -5.10 -7.94
CA LYS B 28 7.95 -5.68 -8.51
C LYS B 28 7.79 -5.94 -10.01
N ASP B 29 6.85 -6.81 -10.35
CA ASP B 29 6.62 -7.14 -11.75
C ASP B 29 5.12 -7.26 -12.02
N LYS B 30 4.51 -8.23 -11.36
CA LYS B 30 3.07 -8.46 -11.49
C LYS B 30 2.30 -7.37 -10.75
N VAL B 31 1.43 -6.69 -11.47
CA VAL B 31 0.63 -5.63 -10.88
C VAL B 31 -0.72 -6.15 -10.43
N TYR B 32 -0.93 -6.18 -9.12
CA TYR B 32 -2.17 -6.66 -8.54
C TYR B 32 -3.31 -5.67 -8.78
N HIS B 33 -4.53 -6.12 -8.63
CA HIS B 33 -5.70 -5.27 -8.81
C HIS B 33 -5.94 -4.46 -7.54
N LEU B 34 -6.78 -3.44 -7.61
CA LEU B 34 -7.08 -2.62 -6.44
C LEU B 34 -7.81 -3.45 -5.37
N GLU B 35 -8.48 -4.51 -5.82
CA GLU B 35 -9.20 -5.39 -4.92
C GLU B 35 -8.31 -6.57 -4.53
N CYS B 36 -7.33 -6.86 -5.37
CA CYS B 36 -6.42 -7.97 -5.14
C CYS B 36 -5.21 -7.54 -4.30
N PHE B 37 -4.97 -6.23 -4.23
CA PHE B 37 -3.85 -5.70 -3.47
C PHE B 37 -4.32 -5.33 -2.06
N LYS B 38 -4.11 -6.24 -1.12
CA LYS B 38 -4.51 -6.04 0.26
C LYS B 38 -3.61 -6.85 1.18
N CYS B 39 -3.58 -6.49 2.47
CA CYS B 39 -2.75 -7.19 3.44
C CYS B 39 -3.24 -8.62 3.65
N ALA B 40 -2.29 -9.50 3.95
CA ALA B 40 -2.60 -10.89 4.17
C ALA B 40 -2.89 -11.16 5.64
N ALA B 41 -2.64 -10.17 6.49
CA ALA B 41 -2.89 -10.34 7.92
C ALA B 41 -4.07 -9.52 8.42
N CYS B 42 -3.89 -8.21 8.54
CA CYS B 42 -4.95 -7.34 9.03
C CYS B 42 -6.00 -7.05 7.96
N GLN B 43 -5.66 -7.33 6.71
CA GLN B 43 -6.56 -7.13 5.57
C GLN B 43 -6.92 -5.65 5.41
N LYS B 44 -6.02 -4.76 5.79
CA LYS B 44 -6.27 -3.33 5.66
C LYS B 44 -5.69 -2.80 4.35
N HIS B 45 -6.22 -1.68 3.87
CA HIS B 45 -5.71 -1.08 2.65
C HIS B 45 -4.38 -0.40 2.93
N PHE B 46 -3.48 -0.45 1.96
CA PHE B 46 -2.16 0.15 2.12
C PHE B 46 -2.20 1.66 1.93
N SER B 47 -1.03 2.28 2.08
CA SER B 47 -0.90 3.71 1.94
C SER B 47 0.25 4.01 0.98
N VAL B 48 0.16 5.14 0.28
CA VAL B 48 1.20 5.52 -0.67
C VAL B 48 2.39 6.15 0.06
N GLY B 49 3.59 5.72 -0.31
CA GLY B 49 4.80 6.25 0.31
C GLY B 49 5.16 5.49 1.57
N ASP B 50 4.60 4.30 1.73
CA ASP B 50 4.87 3.49 2.90
C ASP B 50 5.52 2.17 2.51
N ARG B 51 6.22 1.56 3.47
CA ARG B 51 6.93 0.31 3.24
C ARG B 51 5.98 -0.88 3.32
N TYR B 52 6.38 -1.99 2.69
CA TYR B 52 5.56 -3.20 2.68
C TYR B 52 6.45 -4.43 2.47
N LEU B 53 5.86 -5.60 2.69
CA LEU B 53 6.58 -6.85 2.50
C LEU B 53 5.81 -7.72 1.52
N LEU B 54 6.49 -8.22 0.51
CA LEU B 54 5.85 -9.05 -0.49
C LEU B 54 5.98 -10.52 -0.14
N ILE B 55 4.87 -11.24 -0.15
CA ILE B 55 4.84 -12.66 0.16
C ILE B 55 4.61 -13.42 -1.14
N ASN B 56 4.74 -14.75 -1.09
CA ASN B 56 4.56 -15.59 -2.26
C ASN B 56 3.15 -15.47 -2.85
N SER B 57 2.18 -15.11 -2.02
CA SER B 57 0.81 -14.96 -2.49
C SER B 57 0.38 -13.50 -2.42
N ASP B 58 0.04 -13.04 -1.22
CA ASP B 58 -0.39 -11.66 -1.01
C ASP B 58 0.76 -10.82 -0.48
N ILE B 59 0.44 -9.67 0.08
CA ILE B 59 1.43 -8.76 0.62
C ILE B 59 1.12 -8.46 2.08
N VAL B 60 2.09 -7.90 2.78
CA VAL B 60 1.93 -7.57 4.19
C VAL B 60 2.29 -6.11 4.45
N CYS B 61 1.53 -5.46 5.34
CA CYS B 61 1.75 -4.06 5.67
C CYS B 61 2.96 -3.90 6.59
N GLU B 62 3.28 -2.66 6.92
CA GLU B 62 4.39 -2.39 7.82
C GLU B 62 3.89 -2.33 9.26
N GLN B 63 2.60 -2.54 9.42
CA GLN B 63 1.98 -2.50 10.73
C GLN B 63 2.06 -3.86 11.42
N ASP B 64 1.66 -4.92 10.73
CA ASP B 64 1.68 -6.26 11.31
C ASP B 64 2.84 -7.10 10.77
N ILE B 65 3.68 -6.49 9.95
CA ILE B 65 4.83 -7.19 9.34
C ILE B 65 5.75 -7.82 10.39
N TYR B 66 6.02 -7.11 11.49
CA TYR B 66 6.90 -7.60 12.54
C TYR B 66 6.34 -8.85 13.21
N GLU B 67 5.02 -9.02 13.13
CA GLU B 67 4.39 -10.19 13.73
C GLU B 67 4.32 -11.32 12.70
N TRP B 68 4.01 -10.95 11.46
CA TRP B 68 3.91 -11.91 10.36
C TRP B 68 5.22 -12.66 10.18
N THR B 69 6.34 -11.95 10.25
CA THR B 69 7.65 -12.55 10.08
C THR B 69 7.92 -13.62 11.15
N LYS B 70 7.57 -13.32 12.38
CA LYS B 70 7.79 -14.24 13.49
C LYS B 70 6.92 -15.49 13.33
N ILE B 71 5.65 -15.28 12.98
CA ILE B 71 4.72 -16.37 12.80
C ILE B 71 5.14 -17.27 11.63
N ASN B 72 5.68 -16.65 10.58
CA ASN B 72 6.12 -17.39 9.40
C ASN B 72 7.50 -18.02 9.60
N GLY B 73 8.38 -17.30 10.27
CA GLY B 73 9.71 -17.81 10.51
C GLY B 73 10.77 -16.99 9.79
N GLY B 74 11.00 -15.78 10.29
CA GLY B 74 11.99 -14.91 9.71
C GLY B 74 12.32 -13.75 10.62
N SER B 75 13.07 -14.03 11.68
CA SER B 75 13.45 -13.02 12.64
C SER B 75 14.96 -12.97 12.82
N GLY B 76 15.58 -11.91 12.28
CA GLY B 76 17.02 -11.77 12.39
C GLY B 76 17.45 -11.11 13.68
N GLY B 77 17.03 -11.67 14.80
CA GLY B 77 17.38 -11.12 16.09
C GLY B 77 16.38 -10.08 16.57
N SER B 78 16.51 -9.67 17.82
CA SER B 78 15.62 -8.69 18.40
C SER B 78 16.09 -7.27 18.07
N GLY B 79 15.90 -6.86 16.82
CA GLY B 79 16.31 -5.53 16.42
C GLY B 79 17.26 -5.54 15.23
N GLY B 80 17.83 -6.70 14.97
CA GLY B 80 18.75 -6.83 13.85
C GLY B 80 18.03 -6.87 12.53
N SER B 81 18.79 -6.75 11.44
CA SER B 81 18.22 -6.78 10.11
C SER B 81 18.04 -8.22 9.64
N GLY B 82 16.79 -8.64 9.50
CA GLY B 82 16.51 -10.00 9.06
C GLY B 82 16.27 -10.09 7.57
N GLY B 83 15.61 -9.09 7.01
CA GLY B 83 15.32 -9.09 5.59
C GLY B 83 15.24 -7.70 5.01
N ASP B 84 15.26 -7.62 3.70
CA ASP B 84 15.19 -6.34 2.99
C ASP B 84 13.75 -5.96 2.73
N VAL B 85 13.35 -4.81 3.25
CA VAL B 85 11.99 -4.32 3.08
C VAL B 85 11.89 -3.41 1.85
N MET B 86 10.74 -3.43 1.19
CA MET B 86 10.54 -2.61 0.01
C MET B 86 9.46 -1.57 0.26
N VAL B 87 9.36 -0.60 -0.64
CA VAL B 87 8.37 0.46 -0.51
C VAL B 87 7.44 0.47 -1.70
N VAL B 88 6.17 0.78 -1.48
CA VAL B 88 5.20 0.80 -2.56
C VAL B 88 5.50 1.98 -3.49
N GLY B 89 5.71 1.67 -4.77
CA GLY B 89 6.01 2.70 -5.73
C GLY B 89 4.77 3.49 -6.10
N GLU B 90 4.95 4.55 -6.87
CA GLU B 90 3.84 5.40 -7.29
C GLU B 90 2.80 4.60 -8.07
N PRO B 91 1.51 4.95 -7.91
CA PRO B 91 0.41 4.27 -8.59
C PRO B 91 0.53 4.32 -10.11
N THR B 92 0.08 3.26 -10.77
CA THR B 92 0.12 3.18 -12.22
C THR B 92 -0.99 4.02 -12.83
N LEU B 93 -0.85 4.33 -14.11
CA LEU B 93 -1.86 5.11 -14.80
C LEU B 93 -2.16 4.49 -16.16
N MET B 94 -3.43 4.42 -16.49
CA MET B 94 -3.88 3.84 -17.76
C MET B 94 -3.36 4.64 -18.96
N GLY B 95 -3.08 5.91 -18.73
CA GLY B 95 -2.58 6.75 -19.80
C GLY B 95 -2.00 8.04 -19.30
N GLY B 96 -0.70 8.05 -19.07
CA GLY B 96 -0.04 9.26 -18.60
C GLY B 96 1.16 8.96 -17.74
N GLU A 1 -3.51 -0.49 13.22
CA GLU A 1 -4.00 0.39 12.13
C GLU A 1 -2.93 0.54 11.06
N ALA A 2 -3.36 0.61 9.80
CA ALA A 2 -2.44 0.77 8.68
C ALA A 2 -1.70 2.10 8.80
N ARG A 3 -2.45 3.15 9.10
CA ARG A 3 -1.89 4.47 9.26
C ARG A 3 -2.65 5.21 10.35
N GLU A 4 -2.04 6.25 10.88
CA GLU A 4 -2.64 7.02 11.96
C GLU A 4 -2.76 8.49 11.58
N CYS A 5 -3.82 9.13 12.06
CA CYS A 5 -4.05 10.54 11.79
C CYS A 5 -3.32 11.38 12.83
N VAL A 6 -3.13 12.65 12.53
CA VAL A 6 -2.46 13.55 13.44
C VAL A 6 -3.47 14.14 14.42
N ASN A 7 -4.75 13.99 14.10
CA ASN A 7 -5.82 14.53 14.94
C ASN A 7 -6.77 13.44 15.42
N CYS A 8 -7.02 12.44 14.58
CA CYS A 8 -7.93 11.37 14.98
C CYS A 8 -7.25 10.00 14.82
N GLY A 9 -7.76 9.19 13.93
CA GLY A 9 -7.21 7.89 13.69
C GLY A 9 -8.15 7.01 12.90
N ALA A 10 -8.81 7.61 11.91
CA ALA A 10 -9.76 6.87 11.08
C ALA A 10 -9.04 6.08 9.99
N THR A 11 -8.64 4.85 10.33
CA THR A 11 -7.94 4.00 9.38
C THR A 11 -8.90 3.45 8.32
N ALA A 12 -10.19 3.68 8.53
CA ALA A 12 -11.21 3.24 7.59
C ALA A 12 -11.30 4.15 6.38
N THR A 13 -10.59 5.29 6.44
CA THR A 13 -10.58 6.24 5.34
C THR A 13 -10.11 5.55 4.05
N PRO A 14 -10.77 5.84 2.92
CA PRO A 14 -10.42 5.25 1.63
C PRO A 14 -8.94 5.43 1.28
N LEU A 15 -8.41 6.62 1.57
CA LEU A 15 -7.03 6.92 1.29
C LEU A 15 -6.53 8.00 2.24
N TRP A 16 -5.30 7.87 2.69
CA TRP A 16 -4.71 8.83 3.60
C TRP A 16 -4.12 10.01 2.84
N ARG A 17 -4.46 11.21 3.29
CA ARG A 17 -3.98 12.42 2.66
C ARG A 17 -2.65 12.83 3.27
N ARG A 18 -1.58 12.73 2.50
CA ARG A 18 -0.26 13.09 2.98
C ARG A 18 0.33 14.21 2.13
N ASP A 19 1.09 15.09 2.76
CA ASP A 19 1.72 16.21 2.06
C ASP A 19 3.15 15.83 1.68
N ARG A 20 4.00 16.84 1.49
CA ARG A 20 5.39 16.62 1.13
C ARG A 20 6.23 16.21 2.34
N THR A 21 5.92 16.78 3.51
CA THR A 21 6.68 16.47 4.72
C THR A 21 6.35 15.08 5.26
N GLY A 22 5.08 14.85 5.56
CA GLY A 22 4.67 13.56 6.10
C GLY A 22 3.43 13.66 6.96
N HIS A 23 2.64 14.71 6.73
CA HIS A 23 1.42 14.94 7.47
C HIS A 23 0.36 13.93 7.05
N TYR A 24 0.20 12.87 7.83
CA TYR A 24 -0.80 11.86 7.52
C TYR A 24 -2.16 12.30 8.05
N LEU A 25 -3.02 12.69 7.14
CA LEU A 25 -4.36 13.15 7.49
C LEU A 25 -5.39 12.20 6.91
N CYS A 26 -6.42 11.91 7.69
CA CYS A 26 -7.49 11.02 7.28
C CYS A 26 -8.21 11.58 6.05
N ASN A 27 -9.01 12.60 6.31
CA ASN A 27 -9.79 13.30 5.31
C ASN A 27 -10.53 14.45 6.00
N ALA A 28 -11.12 14.15 7.15
CA ALA A 28 -11.84 15.14 7.93
C ALA A 28 -10.87 16.17 8.49
N CYS A 29 -9.90 15.70 9.28
CA CYS A 29 -8.91 16.59 9.86
C CYS A 29 -7.94 17.08 8.78
N GLY A 30 -7.95 16.38 7.65
CA GLY A 30 -7.06 16.73 6.56
C GLY A 30 -7.45 18.03 5.88
N LEU A 31 -8.75 18.24 5.72
CA LEU A 31 -9.24 19.45 5.07
C LEU A 31 -9.03 20.68 5.96
N TYR A 32 -8.63 20.44 7.20
CA TYR A 32 -8.36 21.52 8.15
C TYR A 32 -7.14 22.32 7.69
N HIS A 33 -6.18 21.61 7.10
CA HIS A 33 -4.94 22.23 6.62
C HIS A 33 -5.19 23.02 5.35
N LYS A 34 -6.33 22.77 4.71
CA LYS A 34 -6.68 23.45 3.47
C LYS A 34 -7.72 24.54 3.68
N MET A 35 -8.85 24.18 4.29
CA MET A 35 -9.93 25.12 4.53
C MET A 35 -9.50 26.23 5.49
N ASN A 36 -8.95 25.84 6.64
CA ASN A 36 -8.50 26.82 7.62
C ASN A 36 -7.13 27.36 7.25
N GLY A 37 -6.32 26.51 6.64
CA GLY A 37 -4.99 26.91 6.25
C GLY A 37 -4.03 26.87 7.42
N GLN A 38 -4.32 26.01 8.38
CA GLN A 38 -3.50 25.86 9.57
C GLN A 38 -2.79 24.52 9.56
N ASN A 39 -1.85 24.35 10.47
CA ASN A 39 -1.09 23.10 10.56
C ASN A 39 -1.90 22.03 11.28
N TYR B 1 -2.75 -12.85 -33.99
CA TYR B 1 -1.68 -13.86 -34.04
C TYR B 1 -0.56 -13.54 -33.06
N LEU B 2 -0.06 -12.31 -33.12
CA LEU B 2 1.01 -11.88 -32.23
C LEU B 2 0.45 -11.55 -30.85
N ARG B 3 1.29 -11.67 -29.83
CA ARG B 3 0.87 -11.38 -28.47
C ARG B 3 1.70 -10.27 -27.86
N LEU B 4 1.06 -9.16 -27.55
CA LEU B 4 1.72 -8.01 -26.95
C LEU B 4 0.87 -7.49 -25.80
N PHE B 5 1.50 -6.81 -24.85
CA PHE B 5 0.80 -6.28 -23.69
C PHE B 5 1.57 -5.12 -23.08
N GLY B 6 0.85 -4.21 -22.43
CA GLY B 6 1.49 -3.07 -21.79
C GLY B 6 2.03 -3.45 -20.43
N GLN B 7 1.18 -4.05 -19.61
CA GLN B 7 1.57 -4.52 -18.28
C GLN B 7 2.11 -5.94 -18.40
N ASP B 8 2.25 -6.64 -17.27
CA ASP B 8 2.75 -8.02 -17.29
C ASP B 8 1.87 -8.92 -18.17
N GLY B 9 0.61 -9.04 -17.77
CA GLY B 9 -0.33 -9.87 -18.50
C GLY B 9 -1.38 -10.48 -17.61
N LEU B 10 -0.94 -11.11 -16.53
CA LEU B 10 -1.84 -11.75 -15.59
C LEU B 10 -1.62 -11.28 -14.16
N CYS B 11 -2.31 -11.92 -13.23
CA CYS B 11 -2.22 -11.58 -11.82
C CYS B 11 -1.13 -12.39 -11.12
N ALA B 12 -1.24 -12.42 -9.81
CA ALA B 12 -0.34 -13.14 -8.95
C ALA B 12 -1.11 -13.78 -7.80
N SER B 13 -2.37 -13.39 -7.68
CA SER B 13 -3.23 -13.92 -6.63
C SER B 13 -4.42 -14.64 -7.25
N CYS B 14 -4.98 -14.07 -8.31
CA CYS B 14 -6.12 -14.69 -8.99
C CYS B 14 -5.67 -15.26 -10.32
N ASP B 15 -6.61 -15.58 -11.18
CA ASP B 15 -6.29 -16.15 -12.48
C ASP B 15 -6.80 -15.26 -13.60
N LYS B 16 -7.14 -14.03 -13.26
CA LYS B 16 -7.65 -13.08 -14.24
C LYS B 16 -6.50 -12.29 -14.86
N ARG B 17 -6.74 -11.73 -16.02
CA ARG B 17 -5.72 -10.96 -16.71
C ARG B 17 -5.75 -9.50 -16.27
N ILE B 18 -4.79 -8.73 -16.74
CA ILE B 18 -4.71 -7.31 -16.38
C ILE B 18 -5.49 -6.47 -17.39
N ARG B 19 -6.19 -5.47 -16.89
CA ARG B 19 -6.98 -4.58 -17.71
C ARG B 19 -6.69 -3.14 -17.28
N ALA B 20 -7.37 -2.18 -17.90
CA ALA B 20 -7.19 -0.78 -17.54
C ALA B 20 -7.70 -0.53 -16.13
N TYR B 21 -8.57 -1.42 -15.67
CA TYR B 21 -9.12 -1.35 -14.32
C TYR B 21 -8.18 -2.04 -13.34
N GLU B 22 -6.93 -1.59 -13.34
CA GLU B 22 -5.91 -2.15 -12.46
C GLU B 22 -5.85 -1.40 -11.14
N MET B 23 -5.50 -0.10 -11.22
CA MET B 23 -5.38 0.75 -10.04
C MET B 23 -4.42 0.13 -9.03
N THR B 24 -3.29 -0.32 -9.53
CA THR B 24 -2.29 -0.96 -8.70
C THR B 24 -1.02 -0.11 -8.58
N MET B 25 -0.05 -0.64 -7.85
CA MET B 25 1.22 0.04 -7.65
C MET B 25 2.35 -0.80 -8.21
N ARG B 26 3.51 -0.20 -8.43
CA ARG B 26 4.66 -0.92 -8.96
C ARG B 26 5.33 -1.75 -7.88
N VAL B 27 5.02 -3.03 -7.85
CA VAL B 27 5.59 -3.95 -6.88
C VAL B 27 7.00 -4.36 -7.32
N LYS B 28 7.08 -5.38 -8.17
CA LYS B 28 8.36 -5.87 -8.67
C LYS B 28 8.26 -6.14 -10.16
N ASP B 29 7.76 -7.31 -10.52
CA ASP B 29 7.60 -7.69 -11.91
C ASP B 29 6.11 -7.85 -12.20
N LYS B 30 5.46 -8.71 -11.42
CA LYS B 30 4.04 -8.95 -11.55
C LYS B 30 3.26 -7.90 -10.75
N VAL B 31 2.13 -7.48 -11.29
CA VAL B 31 1.32 -6.48 -10.61
C VAL B 31 -0.03 -7.08 -10.19
N TYR B 32 -0.33 -6.93 -8.92
CA TYR B 32 -1.57 -7.46 -8.35
C TYR B 32 -2.75 -6.55 -8.69
N HIS B 33 -3.96 -7.09 -8.59
CA HIS B 33 -5.16 -6.32 -8.87
C HIS B 33 -5.52 -5.49 -7.63
N LEU B 34 -6.37 -4.50 -7.79
CA LEU B 34 -6.77 -3.65 -6.66
C LEU B 34 -7.47 -4.48 -5.58
N GLU B 35 -8.10 -5.56 -6.00
CA GLU B 35 -8.80 -6.45 -5.08
C GLU B 35 -7.91 -7.61 -4.66
N CYS B 36 -6.80 -7.77 -5.38
CA CYS B 36 -5.86 -8.84 -5.11
C CYS B 36 -4.65 -8.32 -4.33
N PHE B 37 -4.68 -7.03 -4.01
CA PHE B 37 -3.59 -6.39 -3.28
C PHE B 37 -4.04 -6.03 -1.86
N LYS B 38 -3.65 -6.85 -0.91
CA LYS B 38 -4.02 -6.63 0.49
C LYS B 38 -3.08 -7.42 1.41
N CYS B 39 -3.06 -7.04 2.69
CA CYS B 39 -2.22 -7.71 3.67
C CYS B 39 -2.70 -9.13 3.89
N ALA B 40 -1.79 -10.00 4.31
CA ALA B 40 -2.12 -11.39 4.57
C ALA B 40 -2.35 -11.62 6.07
N ALA B 41 -2.10 -10.60 6.87
CA ALA B 41 -2.27 -10.73 8.30
C ALA B 41 -3.45 -9.91 8.82
N CYS B 42 -3.54 -8.65 8.44
CA CYS B 42 -4.64 -7.81 8.91
C CYS B 42 -5.62 -7.49 7.77
N GLN B 43 -5.20 -7.77 6.53
CA GLN B 43 -6.01 -7.54 5.34
C GLN B 43 -6.45 -6.08 5.21
N LYS B 44 -5.67 -5.17 5.77
CA LYS B 44 -6.00 -3.75 5.69
C LYS B 44 -5.48 -3.14 4.40
N HIS B 45 -6.11 -2.05 3.97
CA HIS B 45 -5.70 -1.38 2.75
C HIS B 45 -4.42 -0.57 2.98
N PHE B 46 -3.52 -0.64 2.02
CA PHE B 46 -2.25 0.08 2.11
C PHE B 46 -2.45 1.55 1.77
N SER B 47 -1.50 2.38 2.20
CA SER B 47 -1.54 3.80 1.93
C SER B 47 -0.39 4.17 1.00
N VAL B 48 -0.46 5.36 0.42
CA VAL B 48 0.58 5.82 -0.50
C VAL B 48 1.80 6.34 0.25
N GLY B 49 2.98 5.84 -0.12
CA GLY B 49 4.21 6.27 0.50
C GLY B 49 4.60 5.44 1.71
N ASP B 50 3.79 4.44 2.01
CA ASP B 50 4.06 3.57 3.15
C ASP B 50 5.04 2.47 2.76
N ARG B 51 5.45 1.68 3.73
CA ARG B 51 6.40 0.59 3.49
C ARG B 51 5.70 -0.76 3.59
N TYR B 52 6.10 -1.72 2.77
CA TYR B 52 5.50 -3.04 2.76
C TYR B 52 6.50 -4.11 2.34
N LEU B 53 6.10 -5.36 2.44
CA LEU B 53 6.94 -6.50 2.07
C LEU B 53 6.13 -7.47 1.21
N LEU B 54 6.79 -8.07 0.23
CA LEU B 54 6.12 -9.02 -0.66
C LEU B 54 6.59 -10.45 -0.39
N ILE B 55 5.64 -11.35 -0.20
CA ILE B 55 5.94 -12.75 0.06
C ILE B 55 5.73 -13.55 -1.23
N ASN B 56 5.62 -14.86 -1.13
CA ASN B 56 5.42 -15.70 -2.30
C ASN B 56 3.96 -15.67 -2.74
N SER B 57 3.07 -15.41 -1.80
CA SER B 57 1.65 -15.37 -2.09
C SER B 57 1.14 -13.93 -2.12
N ASP B 58 0.88 -13.36 -0.94
CA ASP B 58 0.36 -12.00 -0.85
C ASP B 58 1.44 -11.04 -0.35
N ILE B 59 1.00 -9.89 0.14
CA ILE B 59 1.89 -8.86 0.65
C ILE B 59 1.60 -8.61 2.13
N VAL B 60 2.51 -7.90 2.79
CA VAL B 60 2.35 -7.58 4.20
C VAL B 60 2.53 -6.08 4.43
N CYS B 61 1.81 -5.54 5.40
CA CYS B 61 1.88 -4.12 5.72
C CYS B 61 3.11 -3.82 6.57
N GLU B 62 3.08 -2.67 7.24
CA GLU B 62 4.17 -2.28 8.11
C GLU B 62 3.69 -2.30 9.55
N GLN B 63 2.41 -2.63 9.73
CA GLN B 63 1.80 -2.68 11.04
C GLN B 63 2.07 -4.02 11.70
N ASP B 64 1.89 -5.10 10.94
CA ASP B 64 2.09 -6.44 11.48
C ASP B 64 3.29 -7.13 10.83
N ILE B 65 4.05 -6.39 10.04
CA ILE B 65 5.23 -6.95 9.35
C ILE B 65 6.25 -7.50 10.36
N TYR B 66 6.38 -6.82 11.49
CA TYR B 66 7.32 -7.22 12.53
C TYR B 66 6.90 -8.56 13.15
N GLU B 67 5.61 -8.82 13.13
CA GLU B 67 5.08 -10.05 13.69
C GLU B 67 5.10 -11.16 12.65
N TRP B 68 4.69 -10.82 11.43
CA TRP B 68 4.63 -11.76 10.32
C TRP B 68 6.00 -12.38 10.04
N THR B 69 7.05 -11.57 10.14
CA THR B 69 8.41 -12.05 9.89
C THR B 69 8.83 -13.09 10.93
N LYS B 70 8.54 -12.81 12.19
CA LYS B 70 8.89 -13.74 13.28
C LYS B 70 8.09 -15.04 13.17
N ILE B 71 6.82 -14.89 12.80
CA ILE B 71 5.93 -16.04 12.66
C ILE B 71 6.41 -16.97 11.56
N ASN B 72 6.88 -16.39 10.46
CA ASN B 72 7.37 -17.19 9.35
C ASN B 72 8.79 -17.69 9.61
N GLY B 73 9.59 -16.86 10.25
CA GLY B 73 10.96 -17.23 10.55
C GLY B 73 11.97 -16.43 9.77
N GLY B 74 12.12 -15.16 10.12
CA GLY B 74 13.05 -14.29 9.44
C GLY B 74 13.37 -13.05 10.23
N SER B 75 13.67 -13.23 11.51
CA SER B 75 13.98 -12.11 12.38
C SER B 75 15.48 -11.80 12.31
N GLY B 76 15.81 -10.53 12.10
CA GLY B 76 17.20 -10.13 12.00
C GLY B 76 17.75 -9.54 13.27
N GLY B 77 17.24 -9.99 14.41
CA GLY B 77 17.71 -9.49 15.68
C GLY B 77 16.84 -8.38 16.22
N SER B 78 16.91 -8.16 17.52
CA SER B 78 16.12 -7.12 18.17
C SER B 78 16.66 -5.73 17.84
N GLY B 79 16.13 -5.12 16.78
CA GLY B 79 16.57 -3.81 16.38
C GLY B 79 17.53 -3.85 15.22
N GLY B 80 17.88 -5.06 14.79
CA GLY B 80 18.80 -5.21 13.69
C GLY B 80 18.07 -5.33 12.37
N SER B 81 18.76 -4.96 11.29
CA SER B 81 18.17 -5.02 9.95
C SER B 81 17.87 -6.47 9.55
N GLY B 82 16.60 -6.76 9.33
CA GLY B 82 16.20 -8.09 8.93
C GLY B 82 16.40 -8.34 7.45
N GLY B 83 16.02 -7.36 6.64
CA GLY B 83 16.15 -7.49 5.20
C GLY B 83 15.89 -6.20 4.48
N ASP B 84 15.16 -6.27 3.38
CA ASP B 84 14.84 -5.09 2.58
C ASP B 84 13.35 -4.80 2.63
N VAL B 85 13.01 -3.52 2.66
CA VAL B 85 11.61 -3.10 2.69
C VAL B 85 11.32 -2.24 1.46
N MET B 86 10.12 -2.38 0.92
CA MET B 86 9.73 -1.62 -0.26
C MET B 86 8.66 -0.58 0.07
N VAL B 87 8.68 0.53 -0.66
CA VAL B 87 7.72 1.61 -0.45
C VAL B 87 6.69 1.63 -1.59
N VAL B 88 5.41 1.67 -1.23
CA VAL B 88 4.34 1.69 -2.23
C VAL B 88 4.23 3.07 -2.87
N GLY B 89 4.44 3.14 -4.17
CA GLY B 89 4.34 4.38 -4.89
C GLY B 89 2.91 4.75 -5.22
N GLU B 90 2.74 5.68 -6.15
CA GLU B 90 1.42 6.12 -6.55
C GLU B 90 0.77 5.10 -7.49
N PRO B 91 -0.56 4.93 -7.38
CA PRO B 91 -1.29 3.99 -8.23
C PRO B 91 -1.40 4.46 -9.67
N THR B 92 -1.28 3.54 -10.62
CA THR B 92 -1.35 3.88 -12.03
C THR B 92 -2.79 4.11 -12.47
N LEU B 93 -2.95 4.93 -13.50
CA LEU B 93 -4.27 5.23 -14.03
C LEU B 93 -4.48 4.52 -15.36
N MET B 94 -5.70 4.54 -15.88
CA MET B 94 -6.01 3.89 -17.14
C MET B 94 -5.60 4.77 -18.32
N GLY B 95 -5.09 5.95 -18.02
CA GLY B 95 -4.68 6.87 -19.06
C GLY B 95 -4.59 8.29 -18.57
N GLY B 96 -3.42 8.67 -18.07
CA GLY B 96 -3.22 10.02 -17.57
C GLY B 96 -2.20 10.05 -16.46
N GLU A 1 -2.85 -0.08 14.13
CA GLU A 1 -3.55 0.38 12.90
C GLU A 1 -2.57 0.53 11.76
N ALA A 2 -3.10 0.69 10.55
CA ALA A 2 -2.26 0.86 9.36
C ALA A 2 -1.57 2.21 9.39
N ARG A 3 -2.28 3.22 9.87
CA ARG A 3 -1.76 4.57 9.98
C ARG A 3 -2.69 5.40 10.86
N GLU A 4 -2.23 6.54 11.33
CA GLU A 4 -3.03 7.41 12.18
C GLU A 4 -3.05 8.83 11.65
N CYS A 5 -4.11 9.55 11.99
CA CYS A 5 -4.26 10.94 11.57
C CYS A 5 -3.47 11.83 12.51
N VAL A 6 -3.01 12.97 12.00
CA VAL A 6 -2.25 13.91 12.81
C VAL A 6 -3.18 14.69 13.73
N ASN A 7 -4.47 14.65 13.43
CA ASN A 7 -5.45 15.35 14.23
C ASN A 7 -6.34 14.38 15.00
N CYS A 8 -6.68 13.25 14.38
CA CYS A 8 -7.51 12.27 15.06
C CYS A 8 -6.90 10.87 14.95
N GLY A 9 -7.57 9.98 14.25
CA GLY A 9 -7.08 8.61 14.09
C GLY A 9 -8.08 7.75 13.34
N ALA A 10 -8.72 8.33 12.35
CA ALA A 10 -9.70 7.61 11.55
C ALA A 10 -9.03 6.75 10.48
N THR A 11 -8.59 5.56 10.87
CA THR A 11 -7.93 4.63 9.97
C THR A 11 -8.94 4.08 8.95
N ALA A 12 -10.22 4.20 9.27
CA ALA A 12 -11.30 3.70 8.41
C ALA A 12 -11.49 4.60 7.19
N THR A 13 -10.70 5.66 7.07
CA THR A 13 -10.78 6.57 5.94
C THR A 13 -10.46 5.81 4.65
N PRO A 14 -11.22 6.09 3.57
CA PRO A 14 -11.02 5.45 2.26
C PRO A 14 -9.59 5.56 1.76
N LEU A 15 -9.04 6.76 1.84
CA LEU A 15 -7.67 7.01 1.39
C LEU A 15 -7.04 8.11 2.23
N TRP A 16 -5.84 7.84 2.73
CA TRP A 16 -5.13 8.81 3.55
C TRP A 16 -4.74 10.02 2.73
N ARG A 17 -4.97 11.20 3.30
CA ARG A 17 -4.64 12.46 2.65
C ARG A 17 -3.21 12.86 3.02
N ARG A 18 -2.25 12.39 2.23
CA ARG A 18 -0.85 12.70 2.48
C ARG A 18 -0.36 13.75 1.49
N ASP A 19 0.28 14.78 2.02
CA ASP A 19 0.83 15.85 1.20
C ASP A 19 2.30 15.56 0.89
N ARG A 20 3.02 16.59 0.45
CA ARG A 20 4.44 16.43 0.11
C ARG A 20 5.33 16.36 1.35
N THR A 21 4.89 16.97 2.45
CA THR A 21 5.69 16.95 3.68
C THR A 21 5.50 15.65 4.44
N GLY A 22 4.31 15.08 4.33
CA GLY A 22 4.03 13.82 5.03
C GLY A 22 3.00 14.00 6.12
N HIS A 23 2.19 15.03 6.00
CA HIS A 23 1.15 15.31 6.97
C HIS A 23 -0.02 14.36 6.76
N TYR A 24 -0.03 13.27 7.51
CA TYR A 24 -1.09 12.27 7.38
C TYR A 24 -2.42 12.78 7.91
N LEU A 25 -3.35 13.02 7.00
CA LEU A 25 -4.67 13.48 7.36
C LEU A 25 -5.69 12.43 6.95
N CYS A 26 -6.68 12.21 7.81
CA CYS A 26 -7.71 11.22 7.55
C CYS A 26 -8.52 11.57 6.30
N ASN A 27 -9.44 12.50 6.49
CA ASN A 27 -10.34 12.97 5.45
C ASN A 27 -11.11 14.17 5.98
N ALA A 28 -11.42 14.13 7.27
CA ALA A 28 -12.16 15.21 7.92
C ALA A 28 -11.23 16.34 8.35
N CYS A 29 -10.17 15.98 9.07
CA CYS A 29 -9.22 16.98 9.54
C CYS A 29 -8.39 17.52 8.38
N GLY A 30 -8.35 16.75 7.29
CA GLY A 30 -7.58 17.15 6.12
C GLY A 30 -8.12 18.42 5.48
N LEU A 31 -9.41 18.65 5.64
CA LEU A 31 -10.05 19.83 5.07
C LEU A 31 -9.63 21.10 5.80
N TYR A 32 -9.11 20.93 7.01
CA TYR A 32 -8.67 22.07 7.82
C TYR A 32 -7.48 22.79 7.17
N HIS A 33 -6.59 22.00 6.57
CA HIS A 33 -5.40 22.55 5.93
C HIS A 33 -5.75 23.27 4.63
N LYS A 34 -6.82 22.84 3.98
CA LYS A 34 -7.23 23.43 2.71
C LYS A 34 -8.25 24.54 2.88
N MET A 35 -9.24 24.35 3.73
CA MET A 35 -10.28 25.34 3.93
C MET A 35 -9.82 26.48 4.83
N ASN A 36 -9.36 26.14 6.04
CA ASN A 36 -8.91 27.16 6.98
C ASN A 36 -7.54 27.70 6.59
N GLY A 37 -6.81 26.93 5.78
CA GLY A 37 -5.50 27.34 5.33
C GLY A 37 -4.46 27.29 6.43
N GLN A 38 -4.65 26.38 7.37
CA GLN A 38 -3.73 26.23 8.49
C GLN A 38 -2.97 24.92 8.37
N ASN A 39 -2.11 24.64 9.34
CA ASN A 39 -1.31 23.41 9.33
C ASN A 39 -2.14 22.23 9.81
N TYR B 1 -15.47 0.65 -28.95
CA TYR B 1 -14.95 1.83 -29.68
C TYR B 1 -13.45 1.99 -29.45
N LEU B 2 -13.04 2.14 -28.21
CA LEU B 2 -11.62 2.32 -27.89
C LEU B 2 -10.99 1.01 -27.44
N ARG B 3 -9.72 0.84 -27.78
CA ARG B 3 -8.98 -0.36 -27.42
C ARG B 3 -7.60 0.03 -26.90
N LEU B 4 -7.49 0.22 -25.59
CA LEU B 4 -6.22 0.63 -25.01
C LEU B 4 -5.71 -0.42 -24.02
N PHE B 5 -4.39 -0.43 -23.84
CA PHE B 5 -3.73 -1.36 -22.94
C PHE B 5 -2.40 -0.78 -22.50
N GLY B 6 -2.19 -0.67 -21.19
CA GLY B 6 -0.95 -0.13 -20.68
C GLY B 6 -0.56 -0.76 -19.35
N GLN B 7 -1.26 -1.82 -18.99
CA GLN B 7 -1.02 -2.51 -17.74
C GLN B 7 -0.23 -3.78 -18.00
N ASP B 8 -0.06 -4.61 -16.97
CA ASP B 8 0.68 -5.85 -17.12
C ASP B 8 -0.11 -6.85 -17.96
N GLY B 9 -1.35 -7.09 -17.57
CA GLY B 9 -2.19 -8.01 -18.30
C GLY B 9 -3.20 -8.70 -17.42
N LEU B 10 -2.74 -9.64 -16.61
CA LEU B 10 -3.61 -10.38 -15.71
C LEU B 10 -3.26 -10.11 -14.26
N CYS B 11 -4.16 -10.51 -13.37
CA CYS B 11 -3.96 -10.33 -11.94
C CYS B 11 -3.02 -11.38 -11.37
N ALA B 12 -2.72 -11.23 -10.09
CA ALA B 12 -1.86 -12.16 -9.39
C ALA B 12 -2.63 -12.79 -8.25
N SER B 13 -3.87 -12.36 -8.10
CA SER B 13 -4.74 -12.86 -7.05
C SER B 13 -6.03 -13.43 -7.64
N CYS B 14 -6.63 -12.69 -8.56
CA CYS B 14 -7.86 -13.13 -9.18
C CYS B 14 -7.61 -13.58 -10.61
N ASP B 15 -8.68 -13.82 -11.35
CA ASP B 15 -8.58 -14.28 -12.74
C ASP B 15 -9.06 -13.19 -13.70
N LYS B 16 -9.33 -12.02 -13.16
CA LYS B 16 -9.81 -10.92 -13.99
C LYS B 16 -8.65 -10.18 -14.63
N ARG B 17 -8.86 -9.73 -15.85
CA ARG B 17 -7.83 -9.00 -16.57
C ARG B 17 -7.75 -7.57 -16.06
N ILE B 18 -6.60 -6.95 -16.24
CA ILE B 18 -6.40 -5.59 -15.78
C ILE B 18 -6.78 -4.61 -16.88
N ARG B 19 -7.69 -3.70 -16.54
CA ARG B 19 -8.15 -2.68 -17.48
C ARG B 19 -7.80 -1.31 -16.93
N ALA B 20 -8.49 -0.28 -17.42
CA ALA B 20 -8.24 1.09 -16.96
C ALA B 20 -8.64 1.25 -15.49
N TYR B 21 -9.41 0.29 -15.00
CA TYR B 21 -9.87 0.31 -13.62
C TYR B 21 -8.86 -0.41 -12.73
N GLU B 22 -7.59 -0.04 -12.86
CA GLU B 22 -6.52 -0.63 -12.06
C GLU B 22 -6.39 0.14 -10.75
N MET B 23 -5.95 1.39 -10.86
CA MET B 23 -5.78 2.28 -9.71
C MET B 23 -5.01 1.58 -8.59
N THR B 24 -3.84 1.09 -8.92
CA THR B 24 -3.00 0.39 -7.97
C THR B 24 -1.63 1.08 -7.84
N MET B 25 -0.82 0.58 -6.92
CA MET B 25 0.51 1.15 -6.70
C MET B 25 1.51 0.56 -7.68
N ARG B 26 2.71 1.13 -7.71
CA ARG B 26 3.74 0.66 -8.62
C ARG B 26 4.44 -0.57 -8.06
N VAL B 27 3.85 -1.73 -8.32
CA VAL B 27 4.40 -3.00 -7.87
C VAL B 27 5.56 -3.43 -8.76
N LYS B 28 6.33 -4.40 -8.30
CA LYS B 28 7.49 -4.92 -9.03
C LYS B 28 7.13 -5.31 -10.47
N ASP B 29 6.20 -6.24 -10.59
CA ASP B 29 5.77 -6.70 -11.91
C ASP B 29 4.28 -7.01 -11.91
N LYS B 30 3.89 -7.93 -11.04
CA LYS B 30 2.49 -8.32 -10.90
C LYS B 30 1.70 -7.22 -10.20
N VAL B 31 0.96 -6.44 -10.97
CA VAL B 31 0.17 -5.36 -10.41
C VAL B 31 -1.21 -5.85 -9.99
N TYR B 32 -1.43 -5.86 -8.68
CA TYR B 32 -2.70 -6.31 -8.11
C TYR B 32 -3.80 -5.28 -8.37
N HIS B 33 -5.04 -5.73 -8.38
CA HIS B 33 -6.17 -4.84 -8.59
C HIS B 33 -6.40 -4.01 -7.34
N LEU B 34 -7.22 -2.95 -7.45
CA LEU B 34 -7.51 -2.09 -6.31
C LEU B 34 -8.15 -2.87 -5.16
N GLU B 35 -8.89 -3.93 -5.49
CA GLU B 35 -9.55 -4.74 -4.49
C GLU B 35 -8.77 -6.03 -4.22
N CYS B 36 -7.77 -6.28 -5.04
CA CYS B 36 -6.93 -7.47 -4.89
C CYS B 36 -5.67 -7.12 -4.11
N PHE B 37 -5.45 -5.83 -3.91
CA PHE B 37 -4.31 -5.35 -3.17
C PHE B 37 -4.70 -5.10 -1.72
N LYS B 38 -4.40 -6.07 -0.86
CA LYS B 38 -4.72 -5.98 0.56
C LYS B 38 -3.75 -6.82 1.37
N CYS B 39 -3.66 -6.53 2.66
CA CYS B 39 -2.77 -7.25 3.55
C CYS B 39 -3.23 -8.70 3.72
N ALA B 40 -2.31 -9.56 4.11
CA ALA B 40 -2.60 -10.96 4.32
C ALA B 40 -2.88 -11.27 5.79
N ALA B 41 -2.56 -10.32 6.66
CA ALA B 41 -2.76 -10.51 8.07
C ALA B 41 -3.93 -9.69 8.61
N CYS B 42 -3.90 -8.38 8.41
CA CYS B 42 -4.97 -7.53 8.92
C CYS B 42 -5.97 -7.19 7.82
N GLN B 43 -5.55 -7.35 6.57
CA GLN B 43 -6.40 -7.09 5.40
C GLN B 43 -6.82 -5.62 5.30
N LYS B 44 -6.05 -4.73 5.90
CA LYS B 44 -6.37 -3.31 5.84
C LYS B 44 -5.77 -2.69 4.59
N HIS B 45 -6.25 -1.51 4.21
CA HIS B 45 -5.74 -0.83 3.03
C HIS B 45 -4.39 -0.19 3.34
N PHE B 46 -3.52 -0.17 2.35
CA PHE B 46 -2.18 0.40 2.52
C PHE B 46 -2.18 1.91 2.36
N SER B 47 -0.99 2.47 2.35
CA SER B 47 -0.81 3.91 2.21
C SER B 47 0.37 4.17 1.27
N VAL B 48 0.38 5.33 0.64
CA VAL B 48 1.45 5.69 -0.27
C VAL B 48 2.59 6.38 0.48
N GLY B 49 3.83 6.05 0.13
CA GLY B 49 4.97 6.66 0.78
C GLY B 49 5.48 5.84 1.95
N ASP B 50 4.80 4.73 2.23
CA ASP B 50 5.20 3.85 3.33
C ASP B 50 5.84 2.59 2.78
N ARG B 51 6.14 1.63 3.65
CA ARG B 51 6.79 0.40 3.22
C ARG B 51 5.86 -0.79 3.40
N TYR B 52 6.15 -1.86 2.67
CA TYR B 52 5.36 -3.08 2.73
C TYR B 52 6.22 -4.29 2.39
N LEU B 53 5.66 -5.48 2.56
CA LEU B 53 6.39 -6.70 2.25
C LEU B 53 5.62 -7.50 1.20
N LEU B 54 6.33 -7.94 0.17
CA LEU B 54 5.71 -8.70 -0.89
C LEU B 54 5.81 -10.20 -0.59
N ILE B 55 4.66 -10.84 -0.47
CA ILE B 55 4.59 -12.25 -0.18
C ILE B 55 4.35 -13.04 -1.47
N ASN B 56 4.52 -14.35 -1.42
CA ASN B 56 4.31 -15.20 -2.59
C ASN B 56 2.85 -15.12 -3.04
N SER B 57 1.94 -14.99 -2.08
CA SER B 57 0.52 -14.91 -2.39
C SER B 57 0.08 -13.45 -2.49
N ASP B 58 -0.17 -12.81 -1.35
CA ASP B 58 -0.59 -11.42 -1.33
C ASP B 58 0.54 -10.53 -0.82
N ILE B 59 0.18 -9.48 -0.11
CA ILE B 59 1.16 -8.55 0.44
C ILE B 59 0.89 -8.32 1.91
N VAL B 60 1.86 -7.76 2.62
CA VAL B 60 1.72 -7.50 4.04
C VAL B 60 2.12 -6.06 4.36
N CYS B 61 1.39 -5.44 5.29
CA CYS B 61 1.64 -4.05 5.68
C CYS B 61 2.90 -3.94 6.54
N GLU B 62 3.14 -2.74 7.06
CA GLU B 62 4.29 -2.50 7.93
C GLU B 62 3.86 -2.56 9.38
N GLN B 63 2.56 -2.72 9.59
CA GLN B 63 1.99 -2.77 10.93
C GLN B 63 2.10 -4.17 11.51
N ASP B 64 1.84 -5.19 10.71
CA ASP B 64 1.92 -6.55 11.19
C ASP B 64 3.02 -7.33 10.47
N ILE B 65 3.89 -6.61 9.76
CA ILE B 65 4.99 -7.21 9.02
C ILE B 65 5.93 -7.98 9.94
N TYR B 66 6.11 -7.48 11.16
CA TYR B 66 7.00 -8.11 12.14
C TYR B 66 6.35 -9.36 12.72
N GLU B 67 5.05 -9.49 12.53
CA GLU B 67 4.31 -10.63 13.03
C GLU B 67 4.28 -11.75 12.00
N TRP B 68 3.90 -11.39 10.77
CA TRP B 68 3.81 -12.34 9.67
C TRP B 68 5.16 -13.02 9.42
N THR B 69 6.24 -12.28 9.58
CA THR B 69 7.58 -12.82 9.37
C THR B 69 7.89 -13.95 10.34
N LYS B 70 7.52 -13.76 11.60
CA LYS B 70 7.75 -14.75 12.64
C LYS B 70 6.90 -15.99 12.40
N ILE B 71 5.69 -15.79 11.90
CA ILE B 71 4.77 -16.89 11.62
C ILE B 71 5.19 -17.67 10.39
N ASN B 72 5.49 -16.96 9.32
CA ASN B 72 5.89 -17.60 8.06
C ASN B 72 7.28 -18.19 8.16
N GLY B 73 8.11 -17.61 9.03
CA GLY B 73 9.47 -18.11 9.20
C GLY B 73 10.49 -17.23 8.52
N GLY B 74 11.19 -16.42 9.29
CA GLY B 74 12.19 -15.55 8.73
C GLY B 74 12.56 -14.42 9.68
N SER B 75 12.62 -14.74 10.96
CA SER B 75 12.96 -13.75 11.97
C SER B 75 14.47 -13.53 12.00
N GLY B 76 14.88 -12.28 11.80
CA GLY B 76 16.29 -11.95 11.81
C GLY B 76 16.80 -11.57 13.18
N GLY B 77 16.14 -12.10 14.21
CA GLY B 77 16.53 -11.81 15.58
C GLY B 77 15.81 -10.59 16.12
N SER B 78 15.80 -10.46 17.43
CA SER B 78 15.17 -9.34 18.08
C SER B 78 16.07 -8.10 18.03
N GLY B 79 15.81 -7.24 17.07
CA GLY B 79 16.60 -6.03 16.92
C GLY B 79 17.66 -6.18 15.84
N GLY B 80 17.55 -7.25 15.06
CA GLY B 80 18.51 -7.50 14.00
C GLY B 80 17.84 -7.54 12.64
N SER B 81 18.63 -7.34 11.59
CA SER B 81 18.12 -7.35 10.23
C SER B 81 17.72 -8.77 9.82
N GLY B 82 16.56 -8.89 9.19
CA GLY B 82 16.09 -10.20 8.76
C GLY B 82 15.98 -10.30 7.26
N GLY B 83 15.37 -9.31 6.64
CA GLY B 83 15.21 -9.32 5.20
C GLY B 83 15.09 -7.91 4.62
N ASP B 84 14.90 -7.84 3.32
CA ASP B 84 14.76 -6.55 2.65
C ASP B 84 13.33 -6.07 2.68
N VAL B 85 13.14 -4.77 2.60
CA VAL B 85 11.82 -4.17 2.60
C VAL B 85 11.71 -3.20 1.43
N MET B 86 10.50 -2.98 0.94
CA MET B 86 10.29 -2.08 -0.19
C MET B 86 9.21 -1.05 0.10
N VAL B 87 9.30 0.09 -0.56
CA VAL B 87 8.33 1.16 -0.39
C VAL B 87 7.32 1.13 -1.52
N VAL B 88 6.05 1.33 -1.19
CA VAL B 88 4.99 1.32 -2.20
C VAL B 88 5.10 2.56 -3.08
N GLY B 89 5.47 2.33 -4.34
CA GLY B 89 5.61 3.42 -5.28
C GLY B 89 4.29 4.12 -5.57
N GLU B 90 4.37 5.36 -6.00
CA GLU B 90 3.19 6.15 -6.30
C GLU B 90 2.30 5.44 -7.34
N PRO B 91 0.98 5.57 -7.19
CA PRO B 91 0.03 4.95 -8.12
C PRO B 91 0.18 5.49 -9.53
N THR B 92 0.09 4.59 -10.51
CA THR B 92 0.23 4.98 -11.90
C THR B 92 -1.11 5.46 -12.46
N LEU B 93 -1.09 6.55 -13.20
CA LEU B 93 -2.29 7.09 -13.79
C LEU B 93 -2.56 6.46 -15.15
N MET B 94 -3.82 6.38 -15.53
CA MET B 94 -4.22 5.79 -16.82
C MET B 94 -4.02 6.80 -17.96
N GLY B 95 -2.84 7.41 -18.01
CA GLY B 95 -2.56 8.38 -19.05
C GLY B 95 -2.16 9.74 -18.49
N GLY B 96 -0.97 9.82 -17.92
CA GLY B 96 -0.51 11.05 -17.36
C GLY B 96 0.54 10.84 -16.29
N GLU A 1 -3.54 1.22 15.54
CA GLU A 1 -4.16 1.25 14.19
C GLU A 1 -3.08 1.09 13.12
N ALA A 2 -3.49 0.86 11.88
CA ALA A 2 -2.55 0.72 10.78
C ALA A 2 -1.79 2.02 10.59
N ARG A 3 -2.52 3.11 10.71
CA ARG A 3 -1.96 4.46 10.58
C ARG A 3 -2.86 5.41 11.35
N GLU A 4 -2.33 6.53 11.82
CA GLU A 4 -3.14 7.48 12.55
C GLU A 4 -3.03 8.88 11.97
N CYS A 5 -4.02 9.70 12.28
CA CYS A 5 -4.09 11.08 11.82
C CYS A 5 -3.25 11.96 12.75
N VAL A 6 -2.83 13.11 12.24
CA VAL A 6 -2.04 14.04 13.03
C VAL A 6 -2.94 14.85 13.96
N ASN A 7 -4.23 14.81 13.69
CA ASN A 7 -5.19 15.55 14.50
C ASN A 7 -6.12 14.61 15.26
N CYS A 8 -6.55 13.52 14.61
CA CYS A 8 -7.43 12.59 15.29
C CYS A 8 -6.84 11.16 15.27
N GLY A 9 -7.39 10.30 14.44
CA GLY A 9 -6.93 8.93 14.34
C GLY A 9 -7.89 8.06 13.57
N ALA A 10 -8.53 8.63 12.57
CA ALA A 10 -9.51 7.90 11.76
C ALA A 10 -8.81 6.99 10.75
N THR A 11 -8.44 5.81 11.20
CA THR A 11 -7.76 4.83 10.35
C THR A 11 -8.76 4.15 9.41
N ALA A 12 -10.04 4.49 9.56
CA ALA A 12 -11.09 3.91 8.72
C ALA A 12 -11.25 4.71 7.42
N THR A 13 -10.44 5.75 7.26
CA THR A 13 -10.49 6.58 6.07
C THR A 13 -10.18 5.73 4.82
N PRO A 14 -10.96 5.92 3.74
CA PRO A 14 -10.78 5.18 2.48
C PRO A 14 -9.38 5.36 1.91
N LEU A 15 -8.86 6.56 2.02
CA LEU A 15 -7.53 6.86 1.52
C LEU A 15 -6.89 7.95 2.35
N TRP A 16 -5.67 7.70 2.80
CA TRP A 16 -4.94 8.67 3.61
C TRP A 16 -4.55 9.89 2.81
N ARG A 17 -4.77 11.06 3.36
CA ARG A 17 -4.43 12.31 2.69
C ARG A 17 -3.00 12.71 3.04
N ARG A 18 -2.05 12.02 2.44
CA ARG A 18 -0.64 12.30 2.66
C ARG A 18 -0.17 13.40 1.71
N ASP A 19 0.33 14.49 2.28
CA ASP A 19 0.82 15.60 1.48
C ASP A 19 2.32 15.45 1.20
N ARG A 20 2.90 16.44 0.54
CA ARG A 20 4.31 16.42 0.18
C ARG A 20 5.23 16.38 1.42
N THR A 21 4.85 17.07 2.50
CA THR A 21 5.68 17.09 3.69
C THR A 21 5.65 15.74 4.40
N GLY A 22 4.62 14.95 4.12
CA GLY A 22 4.51 13.64 4.73
C GLY A 22 3.54 13.61 5.89
N HIS A 23 2.64 14.60 5.95
CA HIS A 23 1.65 14.68 7.00
C HIS A 23 0.52 13.71 6.73
N TYR A 24 0.27 12.80 7.65
CA TYR A 24 -0.80 11.83 7.49
C TYR A 24 -2.09 12.36 8.08
N LEU A 25 -2.99 12.76 7.21
CA LEU A 25 -4.28 13.29 7.62
C LEU A 25 -5.38 12.33 7.20
N CYS A 26 -6.35 12.15 8.09
CA CYS A 26 -7.48 11.26 7.84
C CYS A 26 -8.24 11.66 6.57
N ASN A 27 -9.05 12.69 6.73
CA ASN A 27 -9.87 13.25 5.66
C ASN A 27 -10.57 14.47 6.23
N ALA A 28 -11.06 14.32 7.47
CA ALA A 28 -11.77 15.40 8.15
C ALA A 28 -10.81 16.50 8.52
N CYS A 29 -9.74 16.17 9.23
CA CYS A 29 -8.74 17.15 9.63
C CYS A 29 -7.83 17.46 8.45
N GLY A 30 -7.87 16.60 7.44
CA GLY A 30 -7.06 16.79 6.26
C GLY A 30 -7.44 18.02 5.48
N LEU A 31 -8.75 18.27 5.38
CA LEU A 31 -9.26 19.43 4.67
C LEU A 31 -8.90 20.72 5.39
N TYR A 32 -8.61 20.62 6.68
CA TYR A 32 -8.25 21.78 7.49
C TYR A 32 -6.97 22.43 6.97
N HIS A 33 -6.09 21.61 6.42
CA HIS A 33 -4.82 22.09 5.88
C HIS A 33 -5.03 22.89 4.59
N LYS A 34 -6.19 22.72 3.96
CA LYS A 34 -6.49 23.43 2.73
C LYS A 34 -7.52 24.53 2.96
N MET A 35 -8.62 24.16 3.60
CA MET A 35 -9.71 25.11 3.89
C MET A 35 -9.19 26.29 4.69
N ASN A 36 -8.58 26.01 5.83
CA ASN A 36 -8.05 27.08 6.68
C ASN A 36 -6.64 27.45 6.24
N GLY A 37 -5.95 26.48 5.64
CA GLY A 37 -4.60 26.72 5.17
C GLY A 37 -3.57 26.53 6.27
N GLN A 38 -4.05 26.18 7.46
CA GLN A 38 -3.18 25.98 8.61
C GLN A 38 -2.59 24.57 8.59
N ASN A 39 -1.70 24.31 9.52
CA ASN A 39 -1.06 23.02 9.62
C ASN A 39 -1.63 22.22 10.79
N TYR B 1 8.30 3.25 -32.83
CA TYR B 1 7.63 2.30 -31.93
C TYR B 1 7.50 2.90 -30.53
N LEU B 2 6.27 3.15 -30.10
CA LEU B 2 6.01 3.70 -28.78
C LEU B 2 4.89 2.94 -28.10
N ARG B 3 5.20 2.35 -26.95
CA ARG B 3 4.22 1.58 -26.20
C ARG B 3 4.57 1.59 -24.73
N LEU B 4 4.38 2.73 -24.09
CA LEU B 4 4.68 2.88 -22.69
C LEU B 4 3.43 2.63 -21.84
N PHE B 5 3.42 1.49 -21.16
CA PHE B 5 2.30 1.11 -20.31
C PHE B 5 2.81 0.48 -19.03
N GLY B 6 2.03 0.60 -17.96
CA GLY B 6 2.42 0.02 -16.69
C GLY B 6 1.76 -1.32 -16.46
N GLN B 7 0.66 -1.55 -17.19
CA GLN B 7 -0.08 -2.79 -17.08
C GLN B 7 0.76 -3.96 -17.60
N ASP B 8 0.82 -5.03 -16.81
CA ASP B 8 1.60 -6.22 -17.17
C ASP B 8 0.86 -7.06 -18.20
N GLY B 9 -0.12 -7.82 -17.74
CA GLY B 9 -0.88 -8.67 -18.63
C GLY B 9 -1.78 -9.63 -17.87
N LEU B 10 -1.18 -10.39 -16.96
CA LEU B 10 -1.93 -11.34 -16.14
C LEU B 10 -1.64 -11.11 -14.67
N CYS B 11 -2.65 -11.27 -13.84
CA CYS B 11 -2.51 -11.07 -12.41
C CYS B 11 -1.55 -12.06 -11.78
N ALA B 12 -1.24 -11.80 -10.53
CA ALA B 12 -0.36 -12.64 -9.76
C ALA B 12 -1.14 -13.23 -8.59
N SER B 13 -2.31 -12.66 -8.36
CA SER B 13 -3.18 -13.09 -7.27
C SER B 13 -4.39 -13.84 -7.82
N CYS B 14 -4.99 -13.30 -8.87
CA CYS B 14 -6.15 -13.94 -9.48
C CYS B 14 -5.77 -14.48 -10.86
N ASP B 15 -6.74 -14.55 -11.76
CA ASP B 15 -6.48 -15.06 -13.10
C ASP B 15 -7.07 -14.13 -14.15
N LYS B 16 -7.33 -12.90 -13.75
CA LYS B 16 -7.89 -11.91 -14.65
C LYS B 16 -6.79 -11.12 -15.36
N ARG B 17 -7.10 -10.66 -16.55
CA ARG B 17 -6.14 -9.89 -17.33
C ARG B 17 -5.97 -8.50 -16.74
N ILE B 18 -4.77 -7.96 -16.86
CA ILE B 18 -4.47 -6.64 -16.34
C ILE B 18 -4.67 -5.60 -17.41
N ARG B 19 -5.86 -5.01 -17.42
CA ARG B 19 -6.19 -3.98 -18.39
C ARG B 19 -6.11 -2.61 -17.72
N ALA B 20 -6.60 -1.58 -18.38
CA ALA B 20 -6.57 -0.23 -17.83
C ALA B 20 -7.60 -0.05 -16.71
N TYR B 21 -7.42 -0.79 -15.63
CA TYR B 21 -8.32 -0.74 -14.48
C TYR B 21 -7.64 -1.35 -13.25
N GLU B 22 -6.32 -1.34 -13.25
CA GLU B 22 -5.57 -1.89 -12.12
C GLU B 22 -5.57 -0.90 -10.96
N MET B 23 -5.13 0.33 -11.24
CA MET B 23 -5.08 1.40 -10.24
C MET B 23 -4.21 0.98 -9.07
N THR B 24 -3.16 0.24 -9.36
CA THR B 24 -2.26 -0.26 -8.35
C THR B 24 -0.97 0.57 -8.30
N MET B 25 -0.10 0.22 -7.37
CA MET B 25 1.17 0.91 -7.19
C MET B 25 2.28 0.17 -7.92
N ARG B 26 3.32 0.89 -8.28
CA ARG B 26 4.45 0.31 -8.99
C ARG B 26 5.22 -0.67 -8.10
N VAL B 27 5.06 -1.95 -8.39
CA VAL B 27 5.74 -3.00 -7.63
C VAL B 27 6.96 -3.48 -8.41
N LYS B 28 7.40 -4.71 -8.15
CA LYS B 28 8.56 -5.28 -8.82
C LYS B 28 8.33 -5.39 -10.32
N ASP B 29 7.43 -6.28 -10.71
CA ASP B 29 7.11 -6.49 -12.12
C ASP B 29 5.64 -6.88 -12.28
N LYS B 30 5.25 -7.92 -11.55
CA LYS B 30 3.87 -8.41 -11.60
C LYS B 30 2.95 -7.49 -10.80
N VAL B 31 2.30 -6.57 -11.50
CA VAL B 31 1.38 -5.63 -10.86
C VAL B 31 0.06 -6.31 -10.51
N TYR B 32 -0.38 -6.13 -9.27
CA TYR B 32 -1.62 -6.73 -8.80
C TYR B 32 -2.80 -5.81 -9.11
N HIS B 33 -4.00 -6.33 -8.92
CA HIS B 33 -5.21 -5.55 -9.16
C HIS B 33 -5.53 -4.75 -7.90
N LEU B 34 -6.43 -3.77 -8.01
CA LEU B 34 -6.79 -2.96 -6.83
C LEU B 34 -7.46 -3.82 -5.77
N GLU B 35 -8.09 -4.91 -6.21
CA GLU B 35 -8.77 -5.83 -5.30
C GLU B 35 -7.87 -7.01 -4.96
N CYS B 36 -6.75 -7.11 -5.66
CA CYS B 36 -5.80 -8.18 -5.45
C CYS B 36 -4.59 -7.68 -4.67
N PHE B 37 -4.56 -6.38 -4.40
CA PHE B 37 -3.48 -5.76 -3.65
C PHE B 37 -3.96 -5.41 -2.25
N LYS B 38 -3.78 -6.34 -1.33
CA LYS B 38 -4.19 -6.15 0.06
C LYS B 38 -3.28 -6.93 0.99
N CYS B 39 -3.33 -6.61 2.28
CA CYS B 39 -2.50 -7.30 3.26
C CYS B 39 -2.97 -8.74 3.44
N ALA B 40 -2.04 -9.62 3.73
CA ALA B 40 -2.33 -11.03 3.94
C ALA B 40 -2.60 -11.31 5.41
N ALA B 41 -2.42 -10.29 6.25
CA ALA B 41 -2.62 -10.46 7.68
C ALA B 41 -3.82 -9.67 8.20
N CYS B 42 -3.87 -8.36 7.92
CA CYS B 42 -4.98 -7.54 8.42
C CYS B 42 -5.96 -7.17 7.30
N GLN B 43 -5.51 -7.31 6.06
CA GLN B 43 -6.34 -7.01 4.87
C GLN B 43 -6.70 -5.53 4.77
N LYS B 44 -5.92 -4.68 5.43
CA LYS B 44 -6.16 -3.24 5.38
C LYS B 44 -5.59 -2.65 4.10
N HIS B 45 -6.18 -1.56 3.64
CA HIS B 45 -5.70 -0.89 2.44
C HIS B 45 -4.35 -0.23 2.71
N PHE B 46 -3.47 -0.28 1.71
CA PHE B 46 -2.15 0.30 1.85
C PHE B 46 -2.18 1.81 1.65
N SER B 47 -1.04 2.44 1.87
CA SER B 47 -0.89 3.88 1.72
C SER B 47 0.37 4.16 0.92
N VAL B 48 0.32 5.16 0.05
CA VAL B 48 1.47 5.51 -0.77
C VAL B 48 2.50 6.26 0.05
N GLY B 49 3.74 5.78 0.03
CA GLY B 49 4.80 6.41 0.78
C GLY B 49 5.34 5.52 1.88
N ASP B 50 4.55 4.55 2.29
CA ASP B 50 4.98 3.64 3.36
C ASP B 50 5.66 2.42 2.78
N ARG B 51 6.23 1.59 3.64
CA ARG B 51 6.93 0.39 3.20
C ARG B 51 5.98 -0.80 3.21
N TYR B 52 6.36 -1.87 2.54
CA TYR B 52 5.55 -3.07 2.49
C TYR B 52 6.43 -4.31 2.28
N LEU B 53 5.88 -5.47 2.59
CA LEU B 53 6.60 -6.72 2.42
C LEU B 53 5.92 -7.56 1.34
N LEU B 54 6.71 -8.06 0.41
CA LEU B 54 6.17 -8.85 -0.69
C LEU B 54 6.34 -10.34 -0.42
N ILE B 55 5.23 -11.08 -0.47
CA ILE B 55 5.25 -12.51 -0.26
C ILE B 55 4.94 -13.20 -1.59
N ASN B 56 4.73 -14.50 -1.58
CA ASN B 56 4.45 -15.23 -2.80
C ASN B 56 3.01 -15.01 -3.27
N SER B 57 2.07 -15.28 -2.39
CA SER B 57 0.65 -15.12 -2.72
C SER B 57 0.21 -13.66 -2.64
N ASP B 58 0.18 -13.11 -1.43
CA ASP B 58 -0.25 -11.73 -1.23
C ASP B 58 0.91 -10.88 -0.70
N ILE B 59 0.59 -9.70 -0.19
CA ILE B 59 1.58 -8.81 0.37
C ILE B 59 1.25 -8.51 1.83
N VAL B 60 2.18 -7.91 2.55
CA VAL B 60 1.97 -7.59 3.96
C VAL B 60 2.29 -6.12 4.22
N CYS B 61 1.50 -5.48 5.09
CA CYS B 61 1.69 -4.08 5.44
C CYS B 61 2.91 -3.91 6.33
N GLU B 62 3.20 -2.66 6.67
CA GLU B 62 4.32 -2.36 7.55
C GLU B 62 3.84 -2.21 8.98
N GLN B 63 2.56 -2.52 9.18
CA GLN B 63 1.97 -2.43 10.50
C GLN B 63 2.10 -3.77 11.22
N ASP B 64 1.73 -4.85 10.54
CA ASP B 64 1.81 -6.18 11.14
C ASP B 64 2.96 -6.99 10.55
N ILE B 65 3.81 -6.30 9.78
CA ILE B 65 4.96 -6.94 9.14
C ILE B 65 5.86 -7.66 10.16
N TYR B 66 6.04 -7.02 11.33
CA TYR B 66 6.88 -7.59 12.37
C TYR B 66 6.27 -8.87 12.93
N GLU B 67 4.94 -8.91 12.95
CA GLU B 67 4.23 -10.07 13.45
C GLU B 67 4.30 -11.20 12.43
N TRP B 68 4.04 -10.86 11.17
CA TRP B 68 4.06 -11.83 10.08
C TRP B 68 5.42 -12.51 9.97
N THR B 69 6.50 -11.73 10.06
CA THR B 69 7.84 -12.27 9.95
C THR B 69 8.15 -13.24 11.09
N LYS B 70 7.70 -12.92 12.29
CA LYS B 70 7.93 -13.78 13.45
C LYS B 70 7.16 -15.09 13.31
N ILE B 71 5.95 -15.01 12.77
CA ILE B 71 5.10 -16.19 12.58
C ILE B 71 5.61 -17.05 11.43
N ASN B 72 5.91 -16.42 10.30
CA ASN B 72 6.40 -17.13 9.12
C ASN B 72 7.80 -17.70 9.33
N GLY B 73 8.54 -17.13 10.26
CA GLY B 73 9.87 -17.60 10.56
C GLY B 73 10.93 -16.90 9.73
N GLY B 74 11.27 -15.67 10.14
CA GLY B 74 12.27 -14.90 9.45
C GLY B 74 12.74 -13.73 10.29
N SER B 75 12.85 -13.97 11.58
CA SER B 75 13.28 -12.94 12.51
C SER B 75 14.78 -12.68 12.42
N GLY B 76 15.15 -11.42 12.24
CA GLY B 76 16.55 -11.05 12.13
C GLY B 76 17.15 -10.72 13.47
N GLY B 77 16.42 -11.02 14.54
CA GLY B 77 16.90 -10.75 15.87
C GLY B 77 16.29 -9.48 16.44
N SER B 78 16.22 -9.40 17.76
CA SER B 78 15.67 -8.23 18.42
C SER B 78 16.56 -7.03 18.21
N GLY B 79 16.12 -6.10 17.37
CA GLY B 79 16.91 -4.91 17.10
C GLY B 79 17.89 -5.15 15.97
N GLY B 80 17.74 -6.26 15.28
CA GLY B 80 18.62 -6.60 14.19
C GLY B 80 17.89 -6.66 12.86
N SER B 81 18.60 -6.34 11.80
CA SER B 81 18.02 -6.35 10.46
C SER B 81 17.84 -7.79 9.96
N GLY B 82 16.68 -8.06 9.37
CA GLY B 82 16.40 -9.39 8.87
C GLY B 82 16.46 -9.47 7.36
N GLY B 83 15.41 -9.02 6.70
CA GLY B 83 15.36 -9.04 5.25
C GLY B 83 15.16 -7.67 4.67
N ASP B 84 15.31 -7.56 3.35
CA ASP B 84 15.14 -6.30 2.65
C ASP B 84 13.67 -5.92 2.56
N VAL B 85 13.37 -4.68 2.89
CA VAL B 85 12.01 -4.19 2.83
C VAL B 85 11.85 -3.31 1.58
N MET B 86 10.64 -3.25 1.06
CA MET B 86 10.39 -2.44 -0.13
C MET B 86 9.40 -1.34 0.18
N VAL B 87 9.40 -0.30 -0.63
CA VAL B 87 8.50 0.83 -0.45
C VAL B 87 7.57 0.92 -1.65
N VAL B 88 6.27 1.08 -1.39
CA VAL B 88 5.28 1.17 -2.45
C VAL B 88 5.60 2.32 -3.40
N GLY B 89 5.66 1.99 -4.69
CA GLY B 89 5.96 2.99 -5.69
C GLY B 89 4.75 3.83 -6.02
N GLU B 90 4.88 4.66 -7.04
CA GLU B 90 3.78 5.54 -7.46
C GLU B 90 2.70 4.73 -8.18
N PRO B 91 1.44 5.18 -8.14
CA PRO B 91 0.33 4.50 -8.79
C PRO B 91 0.45 4.50 -10.31
N THR B 92 -0.17 3.50 -10.92
CA THR B 92 -0.14 3.37 -12.37
C THR B 92 -1.36 4.04 -12.99
N LEU B 93 -1.16 4.70 -14.12
CA LEU B 93 -2.25 5.37 -14.81
C LEU B 93 -2.63 4.63 -16.08
N MET B 94 -3.83 4.85 -16.57
CA MET B 94 -4.32 4.19 -17.78
C MET B 94 -3.71 4.81 -19.04
N GLY B 95 -3.01 5.94 -18.87
CA GLY B 95 -2.41 6.59 -20.01
C GLY B 95 -1.87 7.96 -19.67
N GLY B 96 -0.61 8.03 -19.31
CA GLY B 96 0.01 9.30 -18.97
C GLY B 96 1.25 9.11 -18.12
N GLU A 1 -3.15 -0.08 14.18
CA GLU A 1 -3.72 0.23 12.84
C GLU A 1 -2.62 0.45 11.83
N ALA A 2 -3.00 0.54 10.56
CA ALA A 2 -2.03 0.74 9.49
C ALA A 2 -1.39 2.13 9.56
N ARG A 3 -2.22 3.15 9.76
CA ARG A 3 -1.73 4.51 9.83
C ARG A 3 -2.54 5.32 10.84
N GLU A 4 -1.98 6.42 11.31
CA GLU A 4 -2.66 7.27 12.29
C GLU A 4 -2.78 8.69 11.74
N CYS A 5 -3.78 9.41 12.22
CA CYS A 5 -4.03 10.78 11.81
C CYS A 5 -3.26 11.74 12.70
N VAL A 6 -3.41 13.02 12.44
CA VAL A 6 -2.76 14.06 13.21
C VAL A 6 -3.75 14.65 14.20
N ASN A 7 -4.99 14.17 14.13
CA ASN A 7 -6.03 14.65 15.01
C ASN A 7 -6.92 13.51 15.51
N CYS A 8 -7.21 12.53 14.66
CA CYS A 8 -8.05 11.42 15.07
C CYS A 8 -7.29 10.09 15.06
N GLY A 9 -7.36 9.38 13.95
CA GLY A 9 -6.68 8.11 13.84
C GLY A 9 -7.56 7.05 13.22
N ALA A 10 -8.47 7.47 12.35
CA ALA A 10 -9.38 6.55 11.69
C ALA A 10 -8.76 5.99 10.41
N THR A 11 -8.33 4.74 10.47
CA THR A 11 -7.73 4.09 9.31
C THR A 11 -8.83 3.60 8.35
N ALA A 12 -10.05 4.01 8.64
CA ALA A 12 -11.22 3.64 7.84
C ALA A 12 -11.32 4.52 6.60
N THR A 13 -10.45 5.52 6.50
CA THR A 13 -10.45 6.41 5.36
C THR A 13 -10.02 5.63 4.11
N PRO A 14 -10.69 5.88 2.97
CA PRO A 14 -10.38 5.20 1.71
C PRO A 14 -8.94 5.40 1.27
N LEU A 15 -8.39 6.57 1.57
CA LEU A 15 -7.03 6.89 1.21
C LEU A 15 -6.51 8.04 2.06
N TRP A 16 -5.41 7.82 2.75
CA TRP A 16 -4.82 8.84 3.59
C TRP A 16 -4.32 9.99 2.74
N ARG A 17 -4.62 11.21 3.17
CA ARG A 17 -4.22 12.40 2.45
C ARG A 17 -2.81 12.80 2.87
N ARG A 18 -1.81 12.25 2.20
CA ARG A 18 -0.42 12.57 2.51
C ARG A 18 0.09 13.68 1.59
N ASP A 19 0.56 14.76 2.19
CA ASP A 19 1.08 15.89 1.44
C ASP A 19 2.59 15.72 1.20
N ARG A 20 3.24 16.80 0.79
CA ARG A 20 4.67 16.76 0.51
C ARG A 20 5.50 16.61 1.78
N THR A 21 5.03 17.18 2.89
CA THR A 21 5.77 17.08 4.15
C THR A 21 5.62 15.71 4.77
N GLY A 22 4.40 15.18 4.77
CA GLY A 22 4.16 13.87 5.33
C GLY A 22 3.07 13.89 6.37
N HIS A 23 2.17 14.86 6.25
CA HIS A 23 1.05 14.99 7.15
C HIS A 23 -0.02 13.98 6.81
N TYR A 24 -0.01 12.84 7.49
CA TYR A 24 -1.01 11.81 7.25
C TYR A 24 -2.36 12.25 7.77
N LEU A 25 -3.19 12.76 6.88
CA LEU A 25 -4.51 13.23 7.24
C LEU A 25 -5.55 12.23 6.77
N CYS A 26 -6.52 11.93 7.64
CA CYS A 26 -7.59 11.00 7.32
C CYS A 26 -8.37 11.46 6.10
N ASN A 27 -9.20 12.47 6.34
CA ASN A 27 -10.05 13.08 5.33
C ASN A 27 -10.90 14.15 6.02
N ALA A 28 -11.17 13.94 7.30
CA ALA A 28 -11.96 14.87 8.09
C ALA A 28 -11.08 15.99 8.63
N CYS A 29 -10.07 15.62 9.41
CA CYS A 29 -9.15 16.59 9.97
C CYS A 29 -8.21 17.13 8.90
N GLY A 30 -8.24 16.48 7.74
CA GLY A 30 -7.39 16.89 6.63
C GLY A 30 -7.81 18.22 6.04
N LEU A 31 -9.09 18.54 6.13
CA LEU A 31 -9.60 19.79 5.60
C LEU A 31 -9.12 20.98 6.42
N TYR A 32 -8.63 20.69 7.61
CA TYR A 32 -8.12 21.73 8.51
C TYR A 32 -6.86 22.36 7.93
N HIS A 33 -6.15 21.59 7.12
CA HIS A 33 -4.91 22.06 6.52
C HIS A 33 -5.18 22.80 5.21
N LYS A 34 -6.40 22.67 4.69
CA LYS A 34 -6.75 23.31 3.43
C LYS A 34 -7.75 24.45 3.62
N MET A 35 -8.95 24.12 4.06
CA MET A 35 -10.01 25.11 4.25
C MET A 35 -9.65 26.08 5.36
N ASN A 36 -9.20 25.56 6.49
CA ASN A 36 -8.81 26.41 7.61
C ASN A 36 -7.45 27.05 7.35
N GLY A 37 -6.69 26.43 6.46
CA GLY A 37 -5.38 26.93 6.11
C GLY A 37 -4.40 26.83 7.27
N GLN A 38 -4.59 25.84 8.12
CA GLN A 38 -3.73 25.65 9.27
C GLN A 38 -2.92 24.37 9.13
N ASN A 39 -2.24 23.98 10.19
CA ASN A 39 -1.42 22.77 10.19
C ASN A 39 -2.24 21.57 10.65
N TYR B 1 -1.29 -11.57 -34.23
CA TYR B 1 -2.44 -10.64 -34.05
C TYR B 1 -2.01 -9.43 -33.25
N LEU B 2 -2.91 -8.46 -33.14
CA LEU B 2 -2.64 -7.24 -32.39
C LEU B 2 -2.86 -7.48 -30.90
N ARG B 3 -2.12 -6.75 -30.08
CA ARG B 3 -2.23 -6.87 -28.64
C ARG B 3 -2.07 -5.51 -27.98
N LEU B 4 -3.01 -5.14 -27.13
CA LEU B 4 -2.96 -3.86 -26.45
C LEU B 4 -3.13 -4.04 -24.94
N PHE B 5 -2.17 -3.52 -24.19
CA PHE B 5 -2.19 -3.62 -22.74
C PHE B 5 -1.40 -2.48 -22.11
N GLY B 6 -2.08 -1.66 -21.32
CA GLY B 6 -1.41 -0.55 -20.66
C GLY B 6 -0.70 -1.01 -19.40
N GLN B 7 -1.16 -2.11 -18.87
CA GLN B 7 -0.59 -2.70 -17.66
C GLN B 7 0.10 -4.01 -18.00
N ASP B 8 0.32 -4.86 -17.01
CA ASP B 8 0.98 -6.14 -17.24
C ASP B 8 0.12 -7.04 -18.12
N GLY B 9 -1.03 -7.45 -17.60
CA GLY B 9 -1.92 -8.30 -18.36
C GLY B 9 -2.85 -9.09 -17.46
N LEU B 10 -2.28 -9.94 -16.63
CA LEU B 10 -3.06 -10.78 -15.72
C LEU B 10 -2.73 -10.48 -14.27
N CYS B 11 -3.63 -10.87 -13.38
CA CYS B 11 -3.46 -10.65 -11.95
C CYS B 11 -2.44 -11.61 -11.36
N ALA B 12 -2.11 -11.37 -10.11
CA ALA B 12 -1.18 -12.20 -9.37
C ALA B 12 -1.92 -12.93 -8.26
N SER B 13 -3.18 -12.55 -8.08
CA SER B 13 -4.04 -13.16 -7.07
C SER B 13 -5.20 -13.89 -7.71
N CYS B 14 -5.88 -13.23 -8.63
CA CYS B 14 -7.01 -13.84 -9.31
C CYS B 14 -6.64 -14.18 -10.74
N ASP B 15 -7.61 -14.63 -11.52
CA ASP B 15 -7.34 -15.00 -12.92
C ASP B 15 -8.07 -14.05 -13.86
N LYS B 16 -8.38 -12.86 -13.39
CA LYS B 16 -9.09 -11.87 -14.20
C LYS B 16 -8.10 -10.96 -14.90
N ARG B 17 -8.35 -10.70 -16.18
CA ARG B 17 -7.49 -9.83 -16.96
C ARG B 17 -7.59 -8.41 -16.45
N ILE B 18 -6.45 -7.74 -16.37
CA ILE B 18 -6.41 -6.37 -15.87
C ILE B 18 -6.85 -5.39 -16.96
N ARG B 19 -7.73 -4.48 -16.57
CA ARG B 19 -8.24 -3.47 -17.50
C ARG B 19 -7.88 -2.08 -17.00
N ALA B 20 -8.50 -1.04 -17.57
CA ALA B 20 -8.22 0.34 -17.18
C ALA B 20 -8.84 0.72 -15.84
N TYR B 21 -9.38 -0.26 -15.13
CA TYR B 21 -10.01 -0.03 -13.83
C TYR B 21 -9.12 -0.57 -12.71
N GLU B 22 -7.83 -0.74 -12.99
CA GLU B 22 -6.90 -1.25 -12.00
C GLU B 22 -6.68 -0.21 -10.89
N MET B 23 -5.91 0.83 -11.20
CA MET B 23 -5.62 1.92 -10.26
C MET B 23 -4.94 1.37 -9.00
N THR B 24 -3.97 0.50 -9.20
CA THR B 24 -3.26 -0.11 -8.10
C THR B 24 -1.90 0.58 -7.90
N MET B 25 -1.28 0.37 -6.74
CA MET B 25 0.01 0.97 -6.44
C MET B 25 1.09 0.42 -7.36
N ARG B 26 2.24 1.08 -7.38
CA ARG B 26 3.35 0.64 -8.23
C ARG B 26 4.04 -0.57 -7.62
N VAL B 27 3.69 -1.74 -8.14
CA VAL B 27 4.28 -2.99 -7.69
C VAL B 27 5.60 -3.22 -8.41
N LYS B 28 6.35 -4.24 -7.99
CA LYS B 28 7.63 -4.56 -8.61
C LYS B 28 7.50 -4.74 -10.11
N ASP B 29 6.62 -5.66 -10.52
CA ASP B 29 6.40 -5.90 -11.94
C ASP B 29 4.94 -6.27 -12.19
N LYS B 30 4.51 -7.36 -11.57
CA LYS B 30 3.13 -7.81 -11.72
C LYS B 30 2.19 -6.94 -10.89
N VAL B 31 1.33 -6.21 -11.57
CA VAL B 31 0.38 -5.33 -10.91
C VAL B 31 -0.85 -6.10 -10.44
N TYR B 32 -1.26 -5.83 -9.22
CA TYR B 32 -2.42 -6.49 -8.62
C TYR B 32 -3.68 -5.68 -8.93
N HIS B 33 -4.79 -6.07 -8.33
CA HIS B 33 -6.05 -5.36 -8.52
C HIS B 33 -6.28 -4.41 -7.36
N LEU B 34 -7.50 -3.93 -7.20
CA LEU B 34 -7.81 -3.03 -6.10
C LEU B 34 -8.27 -3.83 -4.89
N GLU B 35 -8.92 -4.95 -5.16
CA GLU B 35 -9.41 -5.83 -4.11
C GLU B 35 -8.39 -6.94 -3.85
N CYS B 36 -7.58 -7.22 -4.88
CA CYS B 36 -6.56 -8.24 -4.78
C CYS B 36 -5.31 -7.72 -4.07
N PHE B 37 -5.23 -6.40 -3.93
CA PHE B 37 -4.09 -5.78 -3.27
C PHE B 37 -4.45 -5.39 -1.83
N LYS B 38 -4.19 -6.28 -0.90
CA LYS B 38 -4.47 -6.03 0.51
C LYS B 38 -3.55 -6.89 1.38
N CYS B 39 -3.44 -6.55 2.65
CA CYS B 39 -2.60 -7.29 3.57
C CYS B 39 -3.05 -8.73 3.71
N ALA B 40 -2.12 -9.59 4.08
CA ALA B 40 -2.41 -11.00 4.26
C ALA B 40 -2.55 -11.34 5.74
N ALA B 41 -2.24 -10.37 6.60
CA ALA B 41 -2.33 -10.60 8.04
C ALA B 41 -3.48 -9.84 8.66
N CYS B 42 -3.64 -8.56 8.33
CA CYS B 42 -4.72 -7.77 8.88
C CYS B 42 -5.75 -7.41 7.80
N GLN B 43 -5.40 -7.73 6.55
CA GLN B 43 -6.26 -7.50 5.39
C GLN B 43 -6.70 -6.04 5.24
N LYS B 44 -5.79 -5.11 5.52
CA LYS B 44 -6.11 -3.69 5.39
C LYS B 44 -5.64 -3.14 4.06
N HIS B 45 -6.15 -1.97 3.70
CA HIS B 45 -5.76 -1.32 2.46
C HIS B 45 -4.48 -0.53 2.69
N PHE B 46 -3.67 -0.42 1.65
CA PHE B 46 -2.41 0.31 1.75
C PHE B 46 -2.63 1.79 1.46
N SER B 47 -1.63 2.59 1.75
CA SER B 47 -1.67 4.02 1.52
C SER B 47 -0.54 4.41 0.57
N VAL B 48 -0.01 5.61 0.72
CA VAL B 48 1.08 6.07 -0.11
C VAL B 48 2.21 6.63 0.75
N GLY B 49 3.41 6.12 0.55
CA GLY B 49 4.56 6.58 1.31
C GLY B 49 4.96 5.61 2.40
N ASP B 50 4.19 4.54 2.55
CA ASP B 50 4.46 3.52 3.56
C ASP B 50 5.33 2.42 2.98
N ARG B 51 5.79 1.54 3.84
CA ARG B 51 6.63 0.43 3.40
C ARG B 51 5.84 -0.88 3.47
N TYR B 52 6.04 -1.74 2.49
CA TYR B 52 5.33 -3.01 2.45
C TYR B 52 6.27 -4.16 2.08
N LEU B 53 5.85 -5.37 2.40
CA LEU B 53 6.64 -6.56 2.09
C LEU B 53 5.91 -7.41 1.06
N LEU B 54 6.62 -7.86 0.04
CA LEU B 54 6.02 -8.66 -1.01
C LEU B 54 6.29 -10.14 -0.78
N ILE B 55 5.22 -10.91 -0.70
CA ILE B 55 5.32 -12.35 -0.49
C ILE B 55 4.96 -13.08 -1.77
N ASN B 56 5.20 -14.38 -1.82
CA ASN B 56 4.89 -15.17 -3.02
C ASN B 56 3.39 -15.17 -3.30
N SER B 57 2.60 -15.17 -2.25
CA SER B 57 1.15 -15.17 -2.39
C SER B 57 0.59 -13.75 -2.40
N ASP B 58 0.44 -13.16 -1.22
CA ASP B 58 -0.11 -11.81 -1.10
C ASP B 58 0.95 -10.86 -0.57
N ILE B 59 0.53 -9.69 -0.10
CA ILE B 59 1.44 -8.70 0.42
C ILE B 59 1.20 -8.47 1.91
N VAL B 60 2.17 -7.85 2.57
CA VAL B 60 2.08 -7.58 3.99
C VAL B 60 2.32 -6.09 4.25
N CYS B 61 1.61 -5.53 5.23
CA CYS B 61 1.73 -4.13 5.58
C CYS B 61 2.98 -3.91 6.43
N GLU B 62 3.03 -2.77 7.11
CA GLU B 62 4.14 -2.45 7.97
C GLU B 62 3.70 -2.44 9.42
N GLN B 63 2.43 -2.77 9.64
CA GLN B 63 1.87 -2.80 10.98
C GLN B 63 2.13 -4.16 11.62
N ASP B 64 1.85 -5.22 10.86
CA ASP B 64 2.04 -6.57 11.35
C ASP B 64 3.25 -7.23 10.69
N ILE B 65 4.02 -6.44 9.95
CA ILE B 65 5.21 -6.93 9.28
C ILE B 65 6.22 -7.50 10.28
N TYR B 66 6.20 -6.95 11.49
CA TYR B 66 7.12 -7.39 12.54
C TYR B 66 6.72 -8.77 13.08
N GLU B 67 5.49 -9.16 12.81
CA GLU B 67 4.99 -10.45 13.25
C GLU B 67 5.11 -11.49 12.16
N TRP B 68 4.69 -11.10 10.95
CA TRP B 68 4.74 -11.99 9.78
C TRP B 68 6.14 -12.53 9.56
N THR B 69 7.14 -11.69 9.77
CA THR B 69 8.53 -12.07 9.57
C THR B 69 8.97 -13.14 10.59
N LYS B 70 8.53 -12.98 11.83
CA LYS B 70 8.86 -13.95 12.88
C LYS B 70 8.11 -15.25 12.67
N ILE B 71 6.84 -15.13 12.29
CA ILE B 71 5.99 -16.29 12.07
C ILE B 71 6.50 -17.16 10.93
N ASN B 72 6.88 -16.53 9.82
CA ASN B 72 7.37 -17.27 8.65
C ASN B 72 8.86 -17.59 8.78
N GLY B 73 9.55 -16.83 9.62
CA GLY B 73 10.97 -17.05 9.81
C GLY B 73 11.81 -16.19 8.88
N GLY B 74 12.47 -15.19 9.44
CA GLY B 74 13.31 -14.32 8.64
C GLY B 74 13.69 -13.05 9.38
N SER B 75 13.73 -13.14 10.70
CA SER B 75 14.07 -12.00 11.54
C SER B 75 15.58 -11.90 11.72
N GLY B 76 16.13 -10.71 11.56
CA GLY B 76 17.57 -10.52 11.70
C GLY B 76 17.95 -9.98 13.07
N GLY B 77 17.40 -10.58 14.12
CA GLY B 77 17.69 -10.14 15.46
C GLY B 77 16.83 -8.98 15.88
N SER B 78 16.65 -8.82 17.18
CA SER B 78 15.83 -7.74 17.70
C SER B 78 16.64 -6.45 17.78
N GLY B 79 16.62 -5.67 16.70
CA GLY B 79 17.35 -4.43 16.68
C GLY B 79 18.16 -4.28 15.41
N GLY B 80 18.46 -5.41 14.78
CA GLY B 80 19.23 -5.40 13.55
C GLY B 80 18.34 -5.45 12.33
N SER B 81 18.95 -5.54 11.16
CA SER B 81 18.21 -5.60 9.91
C SER B 81 18.11 -7.04 9.42
N GLY B 82 16.91 -7.44 9.00
CA GLY B 82 16.71 -8.78 8.51
C GLY B 82 16.63 -8.83 7.00
N GLY B 83 15.56 -8.29 6.45
CA GLY B 83 15.38 -8.28 5.01
C GLY B 83 15.31 -6.88 4.45
N ASP B 84 14.83 -6.76 3.23
CA ASP B 84 14.70 -5.46 2.57
C ASP B 84 13.24 -5.12 2.34
N VAL B 85 12.88 -3.88 2.63
CA VAL B 85 11.51 -3.42 2.46
C VAL B 85 11.46 -2.34 1.37
N MET B 86 10.30 -2.17 0.76
CA MET B 86 10.13 -1.17 -0.29
C MET B 86 8.92 -0.29 0.02
N VAL B 87 8.95 0.93 -0.52
CA VAL B 87 7.87 1.88 -0.31
C VAL B 87 6.84 1.79 -1.44
N VAL B 88 5.56 1.80 -1.07
CA VAL B 88 4.48 1.72 -2.04
C VAL B 88 4.50 2.92 -2.99
N GLY B 89 4.71 2.64 -4.26
CA GLY B 89 4.74 3.70 -5.25
C GLY B 89 3.35 4.21 -5.57
N GLU B 90 3.28 5.38 -6.19
CA GLU B 90 2.00 5.99 -6.55
C GLU B 90 1.20 5.08 -7.48
N PRO B 91 -0.14 5.08 -7.32
CA PRO B 91 -1.04 4.26 -8.15
C PRO B 91 -1.02 4.66 -9.61
N THR B 92 -1.20 3.69 -10.49
CA THR B 92 -1.21 3.94 -11.92
C THR B 92 -2.52 4.59 -12.35
N LEU B 93 -2.42 5.68 -13.10
CA LEU B 93 -3.59 6.36 -13.59
C LEU B 93 -4.04 5.70 -14.89
N MET B 94 -5.34 5.66 -15.12
CA MET B 94 -5.89 5.04 -16.33
C MET B 94 -5.57 5.85 -17.58
N GLY B 95 -5.07 7.07 -17.38
CA GLY B 95 -4.73 7.91 -18.50
C GLY B 95 -4.27 9.28 -18.05
N GLY B 96 -2.98 9.43 -17.85
CA GLY B 96 -2.44 10.70 -17.42
C GLY B 96 -1.19 10.51 -16.60
N GLU A 1 -3.64 -0.58 13.17
CA GLU A 1 -3.77 0.66 12.38
C GLU A 1 -2.68 0.70 11.31
N ALA A 2 -3.09 0.87 10.05
CA ALA A 2 -2.14 0.94 8.95
C ALA A 2 -1.35 2.24 9.01
N ARG A 3 -2.00 3.27 9.51
CA ARG A 3 -1.41 4.58 9.67
C ARG A 3 -2.25 5.36 10.67
N GLU A 4 -1.74 6.50 11.13
CA GLU A 4 -2.46 7.30 12.10
C GLU A 4 -2.59 8.74 11.63
N CYS A 5 -3.76 9.32 11.84
CA CYS A 5 -4.01 10.71 11.47
C CYS A 5 -3.27 11.60 12.45
N VAL A 6 -2.81 12.75 11.97
CA VAL A 6 -2.09 13.68 12.81
C VAL A 6 -3.03 14.52 13.65
N ASN A 7 -4.34 14.33 13.44
CA ASN A 7 -5.33 15.10 14.18
C ASN A 7 -6.27 14.19 14.96
N CYS A 8 -6.66 13.05 14.38
CA CYS A 8 -7.56 12.13 15.07
C CYS A 8 -6.90 10.76 15.26
N GLY A 9 -6.87 9.97 14.20
CA GLY A 9 -6.29 8.65 14.25
C GLY A 9 -7.18 7.60 13.63
N ALA A 10 -8.18 8.05 12.88
CA ALA A 10 -9.12 7.14 12.24
C ALA A 10 -8.47 6.44 11.03
N THR A 11 -8.16 5.17 11.21
CA THR A 11 -7.55 4.39 10.14
C THR A 11 -8.62 3.80 9.22
N ALA A 12 -9.88 4.10 9.54
CA ALA A 12 -11.00 3.62 8.76
C ALA A 12 -11.18 4.40 7.46
N THR A 13 -10.40 5.47 7.30
CA THR A 13 -10.47 6.28 6.09
C THR A 13 -10.08 5.47 4.86
N PRO A 14 -10.86 5.58 3.78
CA PRO A 14 -10.61 4.83 2.53
C PRO A 14 -9.30 5.23 1.86
N LEU A 15 -8.80 6.42 2.19
CA LEU A 15 -7.56 6.90 1.60
C LEU A 15 -6.94 7.98 2.47
N TRP A 16 -5.64 7.87 2.73
CA TRP A 16 -4.93 8.84 3.56
C TRP A 16 -4.57 10.07 2.75
N ARG A 17 -4.90 11.24 3.28
CA ARG A 17 -4.61 12.50 2.62
C ARG A 17 -3.20 12.97 2.99
N ARG A 18 -2.21 12.40 2.32
CA ARG A 18 -0.83 12.76 2.55
C ARG A 18 -0.38 13.86 1.59
N ASP A 19 0.33 14.84 2.11
CA ASP A 19 0.83 15.94 1.30
C ASP A 19 2.27 15.67 0.86
N ARG A 20 2.96 16.71 0.41
CA ARG A 20 4.35 16.58 -0.03
C ARG A 20 5.29 16.32 1.15
N THR A 21 5.05 16.98 2.28
CA THR A 21 5.91 16.81 3.44
C THR A 21 5.72 15.45 4.08
N GLY A 22 4.47 15.01 4.17
CA GLY A 22 4.19 13.71 4.76
C GLY A 22 3.14 13.78 5.85
N HIS A 23 2.31 14.80 5.80
CA HIS A 23 1.25 14.98 6.77
C HIS A 23 0.15 13.95 6.54
N TYR A 24 0.07 12.97 7.43
CA TYR A 24 -0.94 11.93 7.32
C TYR A 24 -2.24 12.37 7.98
N LEU A 25 -3.25 12.57 7.14
CA LEU A 25 -4.57 12.98 7.62
C LEU A 25 -5.61 12.03 7.07
N CYS A 26 -6.62 11.73 7.86
CA CYS A 26 -7.70 10.84 7.43
C CYS A 26 -8.39 11.40 6.19
N ASN A 27 -9.19 12.43 6.42
CA ASN A 27 -9.94 13.10 5.38
C ASN A 27 -10.64 14.31 6.00
N ALA A 28 -11.27 14.08 7.15
CA ALA A 28 -11.99 15.14 7.86
C ALA A 28 -11.00 16.20 8.32
N CYS A 29 -10.01 15.78 9.11
CA CYS A 29 -8.99 16.69 9.59
C CYS A 29 -8.14 17.19 8.43
N GLY A 30 -8.10 16.39 7.37
CA GLY A 30 -7.34 16.74 6.19
C GLY A 30 -7.92 17.93 5.47
N LEU A 31 -9.24 18.06 5.48
CA LEU A 31 -9.92 19.17 4.83
C LEU A 31 -9.56 20.49 5.51
N TYR A 32 -9.26 20.40 6.80
CA TYR A 32 -8.89 21.57 7.59
C TYR A 32 -7.60 22.20 7.06
N HIS A 33 -6.71 21.36 6.58
CA HIS A 33 -5.42 21.79 6.05
C HIS A 33 -5.58 22.63 4.78
N LYS A 34 -6.62 22.34 4.01
CA LYS A 34 -6.85 23.05 2.76
C LYS A 34 -7.90 24.15 2.91
N MET A 35 -9.01 23.84 3.56
CA MET A 35 -10.09 24.80 3.74
C MET A 35 -9.67 25.97 4.61
N ASN A 36 -9.06 25.67 5.76
CA ASN A 36 -8.63 26.69 6.69
C ASN A 36 -7.26 27.22 6.29
N GLY A 37 -6.53 26.43 5.49
CA GLY A 37 -5.21 26.82 5.04
C GLY A 37 -4.19 26.72 6.16
N GLN A 38 -4.48 25.89 7.15
CA GLN A 38 -3.59 25.70 8.27
C GLN A 38 -2.87 24.35 8.16
N ASN A 39 -1.85 24.15 8.97
CA ASN A 39 -1.06 22.92 8.92
C ASN A 39 -1.53 21.90 9.96
N TYR B 1 2.60 -12.79 -36.11
CA TYR B 1 2.22 -11.36 -36.02
C TYR B 1 3.03 -10.68 -34.94
N LEU B 2 2.87 -9.36 -34.82
CA LEU B 2 3.60 -8.61 -33.82
C LEU B 2 2.81 -8.55 -32.52
N ARG B 3 3.51 -8.49 -31.40
CA ARG B 3 2.85 -8.45 -30.11
C ARG B 3 3.42 -7.33 -29.25
N LEU B 4 2.63 -6.28 -29.08
CA LEU B 4 3.03 -5.13 -28.28
C LEU B 4 2.34 -5.20 -26.93
N PHE B 5 2.99 -4.66 -25.90
CA PHE B 5 2.43 -4.68 -24.55
C PHE B 5 2.48 -3.31 -23.92
N GLY B 6 2.08 -3.26 -22.65
CA GLY B 6 2.06 -2.02 -21.90
C GLY B 6 2.00 -2.29 -20.42
N GLN B 7 1.11 -3.22 -20.07
CA GLN B 7 0.94 -3.64 -18.67
C GLN B 7 1.22 -5.13 -18.57
N ASP B 8 1.18 -5.68 -17.37
CA ASP B 8 1.44 -7.10 -17.16
C ASP B 8 0.45 -7.95 -17.95
N GLY B 9 -0.83 -7.85 -17.61
CA GLY B 9 -1.83 -8.61 -18.32
C GLY B 9 -2.82 -9.30 -17.39
N LEU B 10 -2.32 -10.19 -16.55
CA LEU B 10 -3.16 -10.93 -15.62
C LEU B 10 -2.83 -10.57 -14.18
N CYS B 11 -3.69 -11.02 -13.27
CA CYS B 11 -3.52 -10.76 -11.85
C CYS B 11 -2.49 -11.68 -11.23
N ALA B 12 -2.35 -11.56 -9.92
CA ALA B 12 -1.43 -12.37 -9.15
C ALA B 12 -2.20 -13.04 -8.02
N SER B 13 -3.45 -12.65 -7.86
CA SER B 13 -4.30 -13.20 -6.83
C SER B 13 -5.55 -13.82 -7.43
N CYS B 14 -6.14 -13.15 -8.40
CA CYS B 14 -7.35 -13.66 -9.03
C CYS B 14 -7.09 -14.11 -10.46
N ASP B 15 -8.14 -14.52 -11.15
CA ASP B 15 -8.02 -15.01 -12.52
C ASP B 15 -8.59 -14.00 -13.52
N LYS B 16 -8.75 -12.76 -13.08
CA LYS B 16 -9.29 -11.73 -13.95
C LYS B 16 -8.19 -10.97 -14.67
N ARG B 17 -8.54 -10.43 -15.83
CA ARG B 17 -7.59 -9.67 -16.64
C ARG B 17 -7.47 -8.24 -16.14
N ILE B 18 -6.31 -7.66 -16.34
CA ILE B 18 -6.06 -6.29 -15.91
C ILE B 18 -6.51 -5.30 -16.98
N ARG B 19 -7.29 -4.31 -16.56
CA ARG B 19 -7.79 -3.29 -17.48
C ARG B 19 -7.40 -1.91 -16.94
N ALA B 20 -7.97 -0.86 -17.52
CA ALA B 20 -7.68 0.50 -17.09
C ALA B 20 -8.17 0.74 -15.66
N TYR B 21 -9.02 -0.16 -15.18
CA TYR B 21 -9.57 -0.07 -13.84
C TYR B 21 -8.65 -0.79 -12.84
N GLU B 22 -7.36 -0.79 -13.12
CA GLU B 22 -6.39 -1.42 -12.22
C GLU B 22 -6.23 -0.55 -10.98
N MET B 23 -5.83 0.71 -11.21
CA MET B 23 -5.63 1.70 -10.15
C MET B 23 -4.82 1.11 -9.00
N THR B 24 -3.66 0.57 -9.33
CA THR B 24 -2.79 -0.03 -8.34
C THR B 24 -1.44 0.70 -8.27
N MET B 25 -0.57 0.21 -7.40
CA MET B 25 0.76 0.80 -7.23
C MET B 25 1.79 0.00 -8.01
N ARG B 26 2.89 0.66 -8.35
CA ARG B 26 3.97 0.02 -9.09
C ARG B 26 4.76 -0.92 -8.18
N VAL B 27 4.37 -2.19 -8.19
CA VAL B 27 5.03 -3.21 -7.37
C VAL B 27 6.23 -3.81 -8.10
N LYS B 28 6.61 -5.03 -7.72
CA LYS B 28 7.75 -5.72 -8.33
C LYS B 28 7.54 -5.94 -9.83
N ASP B 29 6.51 -6.68 -10.20
CA ASP B 29 6.24 -6.93 -11.62
C ASP B 29 4.74 -7.13 -11.83
N LYS B 30 4.21 -8.23 -11.31
CA LYS B 30 2.79 -8.52 -11.44
C LYS B 30 1.98 -7.53 -10.61
N VAL B 31 1.24 -6.67 -11.29
CA VAL B 31 0.43 -5.66 -10.62
C VAL B 31 -0.90 -6.23 -10.15
N TYR B 32 -1.13 -6.14 -8.85
CA TYR B 32 -2.35 -6.63 -8.23
C TYR B 32 -3.51 -5.66 -8.51
N HIS B 33 -4.74 -6.16 -8.41
CA HIS B 33 -5.91 -5.32 -8.64
C HIS B 33 -6.12 -4.42 -7.43
N LEU B 34 -6.91 -3.35 -7.59
CA LEU B 34 -7.17 -2.43 -6.48
C LEU B 34 -7.81 -3.15 -5.30
N GLU B 35 -8.53 -4.24 -5.61
CA GLU B 35 -9.19 -5.04 -4.59
C GLU B 35 -8.30 -6.20 -4.16
N CYS B 36 -7.55 -6.74 -5.11
CA CYS B 36 -6.65 -7.86 -4.85
C CYS B 36 -5.42 -7.40 -4.05
N PHE B 37 -5.16 -6.12 -4.06
CA PHE B 37 -4.05 -5.54 -3.31
C PHE B 37 -4.48 -5.32 -1.86
N LYS B 38 -4.38 -6.37 -1.06
CA LYS B 38 -4.76 -6.31 0.34
C LYS B 38 -3.78 -7.11 1.18
N CYS B 39 -3.66 -6.74 2.45
CA CYS B 39 -2.76 -7.42 3.36
C CYS B 39 -3.22 -8.86 3.61
N ALA B 40 -2.26 -9.75 3.80
CA ALA B 40 -2.55 -11.14 4.05
C ALA B 40 -2.77 -11.39 5.55
N ALA B 41 -2.52 -10.38 6.37
CA ALA B 41 -2.68 -10.53 7.81
C ALA B 41 -3.84 -9.70 8.36
N CYS B 42 -3.76 -8.39 8.24
CA CYS B 42 -4.82 -7.52 8.78
C CYS B 42 -5.88 -7.20 7.72
N GLN B 43 -5.57 -7.49 6.46
CA GLN B 43 -6.49 -7.25 5.34
C GLN B 43 -6.86 -5.76 5.21
N LYS B 44 -6.01 -4.88 5.72
CA LYS B 44 -6.29 -3.44 5.63
C LYS B 44 -5.70 -2.86 4.36
N HIS B 45 -6.19 -1.71 3.95
CA HIS B 45 -5.70 -1.06 2.74
C HIS B 45 -4.36 -0.37 3.03
N PHE B 46 -3.46 -0.45 2.07
CA PHE B 46 -2.13 0.15 2.22
C PHE B 46 -2.17 1.67 2.13
N SER B 47 -1.09 2.29 2.58
CA SER B 47 -0.96 3.73 2.56
C SER B 47 0.16 4.13 1.60
N VAL B 48 0.06 5.31 1.01
CA VAL B 48 1.06 5.76 0.06
C VAL B 48 2.24 6.42 0.78
N GLY B 49 3.45 6.05 0.39
CA GLY B 49 4.65 6.60 1.00
C GLY B 49 5.16 5.74 2.13
N ASP B 50 4.41 4.70 2.46
CA ASP B 50 4.79 3.80 3.54
C ASP B 50 5.55 2.59 2.99
N ARG B 51 5.91 1.67 3.86
CA ARG B 51 6.66 0.49 3.45
C ARG B 51 5.76 -0.75 3.42
N TYR B 52 6.17 -1.74 2.63
CA TYR B 52 5.41 -2.98 2.49
C TYR B 52 6.34 -4.13 2.17
N LEU B 53 5.80 -5.34 2.22
CA LEU B 53 6.57 -6.54 1.92
C LEU B 53 5.74 -7.51 1.08
N LEU B 54 6.29 -7.91 -0.06
CA LEU B 54 5.61 -8.85 -0.93
C LEU B 54 6.09 -10.26 -0.62
N ILE B 55 5.17 -11.18 -0.42
CA ILE B 55 5.53 -12.56 -0.08
C ILE B 55 5.53 -13.46 -1.32
N ASN B 56 4.75 -14.53 -1.30
CA ASN B 56 4.69 -15.47 -2.42
C ASN B 56 3.28 -15.58 -2.98
N SER B 57 2.34 -14.88 -2.36
CA SER B 57 0.96 -14.91 -2.80
C SER B 57 0.34 -13.53 -2.64
N ASP B 58 0.29 -13.06 -1.40
CA ASP B 58 -0.27 -11.75 -1.10
C ASP B 58 0.82 -10.81 -0.61
N ILE B 59 0.40 -9.67 -0.11
CA ILE B 59 1.34 -8.67 0.39
C ILE B 59 1.10 -8.42 1.88
N VAL B 60 2.06 -7.81 2.53
CA VAL B 60 1.98 -7.52 3.95
C VAL B 60 2.28 -6.04 4.19
N CYS B 61 1.63 -5.45 5.17
CA CYS B 61 1.82 -4.05 5.51
C CYS B 61 3.09 -3.85 6.33
N GLU B 62 3.13 -2.77 7.10
CA GLU B 62 4.27 -2.48 7.95
C GLU B 62 3.83 -2.51 9.41
N GLN B 63 2.54 -2.77 9.60
CA GLN B 63 1.96 -2.82 10.93
C GLN B 63 2.07 -4.22 11.52
N ASP B 64 1.68 -5.22 10.75
CA ASP B 64 1.73 -6.60 11.21
C ASP B 64 2.89 -7.35 10.58
N ILE B 65 3.71 -6.63 9.82
CA ILE B 65 4.87 -7.21 9.16
C ILE B 65 5.86 -7.80 10.18
N TYR B 66 5.91 -7.18 11.35
CA TYR B 66 6.81 -7.63 12.42
C TYR B 66 6.35 -8.97 12.96
N GLU B 67 5.06 -9.23 12.85
CA GLU B 67 4.48 -10.48 13.32
C GLU B 67 4.53 -11.53 12.22
N TRP B 68 4.22 -11.11 11.00
CA TRP B 68 4.21 -12.00 9.85
C TRP B 68 5.58 -12.63 9.63
N THR B 69 6.63 -11.83 9.78
CA THR B 69 7.99 -12.33 9.59
C THR B 69 8.30 -13.50 10.52
N LYS B 70 7.91 -13.39 11.78
CA LYS B 70 8.14 -14.43 12.76
C LYS B 70 7.31 -15.67 12.44
N ILE B 71 6.06 -15.45 12.03
CA ILE B 71 5.16 -16.54 11.70
C ILE B 71 5.59 -17.25 10.41
N ASN B 72 5.96 -16.46 9.40
CA ASN B 72 6.37 -17.00 8.12
C ASN B 72 7.72 -17.71 8.22
N GLY B 73 8.62 -17.15 9.02
CA GLY B 73 9.93 -17.74 9.20
C GLY B 73 11.03 -16.92 8.59
N GLY B 74 11.34 -15.79 9.22
CA GLY B 74 12.40 -14.92 8.72
C GLY B 74 12.73 -13.82 9.71
N SER B 75 13.14 -14.21 10.91
CA SER B 75 13.50 -13.26 11.95
C SER B 75 15.00 -12.99 11.96
N GLY B 76 15.38 -11.80 12.39
CA GLY B 76 16.79 -11.44 12.46
C GLY B 76 17.21 -11.14 13.88
N GLY B 77 16.57 -11.79 14.83
CA GLY B 77 16.88 -11.58 16.22
C GLY B 77 16.12 -10.40 16.80
N SER B 78 16.63 -9.86 17.90
CA SER B 78 16.00 -8.73 18.56
C SER B 78 16.79 -7.45 18.32
N GLY B 79 16.26 -6.60 17.45
CA GLY B 79 16.92 -5.35 17.14
C GLY B 79 17.67 -5.39 15.83
N GLY B 80 18.20 -6.56 15.49
CA GLY B 80 18.94 -6.73 14.26
C GLY B 80 18.04 -6.83 13.05
N SER B 81 18.53 -6.33 11.93
CA SER B 81 17.78 -6.36 10.68
C SER B 81 17.92 -7.73 10.01
N GLY B 82 17.02 -8.03 9.08
CA GLY B 82 17.08 -9.29 8.39
C GLY B 82 16.54 -9.21 6.96
N GLY B 83 15.24 -8.99 6.82
CA GLY B 83 14.64 -8.92 5.51
C GLY B 83 14.51 -7.49 5.02
N ASP B 84 14.95 -7.25 3.79
CA ASP B 84 14.89 -5.92 3.21
C ASP B 84 13.45 -5.52 2.90
N VAL B 85 13.04 -4.38 3.43
CA VAL B 85 11.69 -3.88 3.21
C VAL B 85 11.70 -2.84 2.07
N MET B 86 10.58 -2.70 1.38
CA MET B 86 10.49 -1.76 0.28
C MET B 86 9.38 -0.75 0.51
N VAL B 87 9.50 0.42 -0.11
CA VAL B 87 8.49 1.47 0.01
C VAL B 87 7.53 1.39 -1.17
N VAL B 88 6.25 1.60 -0.91
CA VAL B 88 5.26 1.55 -1.97
C VAL B 88 5.43 2.72 -2.93
N GLY B 89 5.43 2.41 -4.22
CA GLY B 89 5.57 3.43 -5.23
C GLY B 89 4.26 4.14 -5.48
N GLU B 90 4.30 5.23 -6.22
CA GLU B 90 3.10 5.98 -6.53
C GLU B 90 2.18 5.17 -7.45
N PRO B 91 0.85 5.44 -7.38
CA PRO B 91 -0.14 4.74 -8.20
C PRO B 91 0.05 4.96 -9.69
N THR B 92 -0.28 3.95 -10.46
CA THR B 92 -0.14 4.02 -11.91
C THR B 92 -1.36 4.67 -12.55
N LEU B 93 -1.12 5.63 -13.43
CA LEU B 93 -2.20 6.32 -14.12
C LEU B 93 -2.22 5.87 -15.57
N MET B 94 -3.42 5.68 -16.11
CA MET B 94 -3.58 5.23 -17.50
C MET B 94 -3.00 6.23 -18.49
N GLY B 95 -2.83 7.47 -18.05
CA GLY B 95 -2.28 8.50 -18.91
C GLY B 95 -2.25 9.85 -18.23
N GLY B 96 -1.06 10.32 -17.91
CA GLY B 96 -0.92 11.61 -17.26
C GLY B 96 0.12 11.57 -16.17
#